data_5N8Z
#
_entry.id   5N8Z
#
_cell.length_a   306.251
_cell.length_b   51.171
_cell.length_c   165.177
_cell.angle_alpha   90.00
_cell.angle_beta   115.30
_cell.angle_gamma   90.00
#
_symmetry.space_group_name_H-M   'C 1 2 1'
#
loop_
_entity.id
_entity.type
_entity.pdbx_description
1 polymer 'CG9323, isoform A'
2 polymer "DNA (5'-D(P*CP*TP*CP*TP*CP*CP*CP*TP*T)-3')"
3 non-polymer 'PHOSPHATE ION'
#
loop_
_entity_poly.entity_id
_entity_poly.type
_entity_poly.pdbx_seq_one_letter_code
_entity_poly.pdbx_strand_id
1 'polypeptide(L)'
;MQRDRDSSGSNARKGNRPPGLRGKDIGLYYRNLARQQKKDRGENAESKEPQIRLGCNVSAPSGVLERVKELMEDYSRAPS
RQNVDDKNVDAKFQQQFRHLLSVNFEEFVAETKERNADLDWVNPKLDERLQLELGQRQLEENAKKRLEARKKLPTMKYAD
DIIQAVRENQVILIVGSTGCGKTTQVPQILLDDAISRGCASSCRIICTQPRRISAIAIAEWVSYERCESLGNSVGYQIRL
ESRKARERASITYCTTGVLLQQLQSDPLMHNLSVLILDEIHERSVETDLLMGLLKVILPHRPDLKVILMSATVREQDFCD
YFNNCPMFRIEGVMFPVKMLYLEDVLSKTNYEFQKFRDRRPKRDPPERRMKHEAMIEPYLRRIRNSYDSRVLDKLRLPES
EGCEDIDFIADLVYYICENEPEGAILVFLPGYDKISQLYNILDKPKTSKGQRWRDHMAVFPLHSLMQSGEQQAVFRRPPA
GQRKVIISTIIAETSVTIDDVVYVINSGRTKATNYDIETNIQSLDEVWVTKANTQQRRGRAGRVRPGICYNLFSRAREDR
MDDIPTPEILRSKLESIILSLKLLHIDDPYRFLQTLINAPNPEAIKMGVELLKRIEALDQTGTLTPLGMHLAKLPIDPQM
GKMILMSALFCCLDPITSAAAALSFKSPFYSPLGKESRVDEIKRRMARNMRSDHLMVHNTIIAYRDSRYSHAERDFCYKN
FLSSMTLQQLERMKNQFSELLYNYKFLASSNCKDAASNKNSEKIPLLRAIIGAGLYPNMAHLRKSRQIKNRVRAIHTMAT
DDGRRVNFHPSSVNSGESGFDSAYFVYFQRQKSTDLFLLDSTMVFPMALIIFGDGVEAGVTQNTPYLCVAKTYYFKCNRE
TADVVIQLRSNLEKLLLKKALYPAPIEENGYEKQLIKAIELLLSLDERLGEDYISSDEIDDIVD
;
A,B
2 'polydeoxyribonucleotide' (DC)(DT)(DC)(DT)(DC)(DC)(DC)(DT)(DT) C,D
#
# COMPACT_ATOMS: atom_id res chain seq x y z
N ILE A 52 -2.27 13.58 62.47
CA ILE A 52 -3.12 13.60 61.28
C ILE A 52 -4.12 14.77 61.37
N ARG A 53 -4.00 15.69 60.40
CA ARG A 53 -4.79 16.91 60.28
C ARG A 53 -5.84 16.82 59.18
N LEU A 54 -7.08 17.21 59.49
CA LEU A 54 -8.22 17.09 58.57
C LEU A 54 -8.51 18.36 57.76
N GLY A 55 -8.94 18.15 56.50
CA GLY A 55 -9.37 19.18 55.58
C GLY A 55 -10.86 19.19 55.33
N CYS A 56 -11.27 19.89 54.27
CA CYS A 56 -12.68 20.21 54.00
C CYS A 56 -13.50 18.98 53.59
N ASN A 57 -14.83 19.14 53.65
CA ASN A 57 -15.78 18.06 53.36
C ASN A 57 -16.01 17.91 51.87
N VAL A 58 -15.67 16.73 51.35
CA VAL A 58 -15.86 16.34 49.96
C VAL A 58 -17.11 15.50 49.74
N SER A 59 -17.92 15.25 50.78
CA SER A 59 -19.07 14.37 50.65
C SER A 59 -20.09 14.92 49.67
N ALA A 60 -20.86 14.00 49.05
CA ALA A 60 -21.72 14.34 47.92
C ALA A 60 -23.21 14.22 48.27
N PRO A 61 -24.06 15.03 47.64
CA PRO A 61 -25.50 14.90 47.85
C PRO A 61 -26.05 13.54 47.43
N SER A 62 -27.17 13.16 48.06
CA SER A 62 -27.76 11.85 47.82
C SER A 62 -28.22 11.70 46.37
N GLY A 63 -28.84 12.74 45.80
CA GLY A 63 -29.32 12.65 44.42
C GLY A 63 -28.21 12.48 43.41
N VAL A 64 -27.04 13.06 43.72
CA VAL A 64 -25.83 12.85 42.92
C VAL A 64 -25.28 11.45 43.13
N LEU A 65 -25.10 11.04 44.39
CA LEU A 65 -24.63 9.69 44.70
C LEU A 65 -25.57 8.63 44.15
N GLU A 66 -26.88 8.87 44.21
CA GLU A 66 -27.85 7.91 43.68
C GLU A 66 -27.68 7.75 42.17
N ARG A 67 -27.44 8.86 41.46
CA ARG A 67 -27.25 8.80 40.01
C ARG A 67 -25.92 8.16 39.63
N VAL A 68 -24.84 8.49 40.35
CA VAL A 68 -23.56 7.85 40.08
C VAL A 68 -23.71 6.35 40.13
N LYS A 69 -24.41 5.84 41.15
CA LYS A 69 -24.60 4.40 41.22
C LYS A 69 -25.44 3.90 40.06
N GLU A 70 -26.41 4.69 39.57
CA GLU A 70 -27.15 4.24 38.40
C GLU A 70 -26.24 4.09 37.18
N LEU A 71 -25.29 5.02 37.00
CA LEU A 71 -24.41 4.98 35.84
C LEU A 71 -23.35 3.87 35.95
N MET A 72 -22.61 3.83 37.06
CA MET A 72 -21.60 2.80 37.23
C MET A 72 -22.16 1.43 36.92
N GLU A 73 -23.41 1.21 37.29
CA GLU A 73 -24.01 -0.10 37.10
C GLU A 73 -24.53 -0.28 35.69
N ASP A 74 -24.78 0.81 34.94
CA ASP A 74 -24.97 0.68 33.50
C ASP A 74 -23.70 0.18 32.84
N TYR A 75 -22.58 0.82 33.18
CA TYR A 75 -21.28 0.41 32.68
C TYR A 75 -20.99 -1.02 33.08
N SER A 76 -21.31 -1.36 34.33
CA SER A 76 -21.12 -2.70 34.87
C SER A 76 -21.91 -3.76 34.09
N ARG A 77 -22.87 -3.37 33.25
CA ARG A 77 -23.69 -4.31 32.50
C ARG A 77 -23.18 -4.60 31.08
N ALA A 78 -22.01 -4.08 30.68
CA ALA A 78 -21.49 -4.25 29.32
C ALA A 78 -20.83 -5.62 29.11
N PRO A 79 -20.92 -6.18 27.86
CA PRO A 79 -20.18 -7.39 27.46
C PRO A 79 -18.65 -7.26 27.59
N ASP A 90 -12.21 -4.60 15.70
CA ASP A 90 -11.18 -5.63 15.92
C ASP A 90 -9.95 -4.90 16.47
N ALA A 91 -9.07 -5.60 17.20
CA ALA A 91 -7.88 -4.94 17.77
C ALA A 91 -6.60 -5.54 17.19
N LYS A 92 -5.96 -4.78 16.28
CA LYS A 92 -4.62 -5.09 15.82
C LYS A 92 -3.60 -4.76 16.90
N PHE A 93 -3.95 -3.81 17.77
CA PHE A 93 -2.99 -3.34 18.77
C PHE A 93 -2.74 -4.41 19.81
N GLN A 94 -3.78 -5.15 20.17
CA GLN A 94 -3.58 -6.17 21.18
C GLN A 94 -2.52 -7.16 20.73
N GLN A 95 -2.60 -7.59 19.48
CA GLN A 95 -1.60 -8.49 18.94
C GLN A 95 -0.20 -7.86 18.89
N GLN A 96 -0.09 -6.60 18.43
CA GLN A 96 1.22 -5.95 18.35
C GLN A 96 1.90 -5.87 19.72
N PHE A 97 1.12 -5.57 20.75
CA PHE A 97 1.68 -5.48 22.09
C PHE A 97 2.02 -6.87 22.61
N ARG A 98 1.21 -7.87 22.26
CA ARG A 98 1.52 -9.23 22.69
C ARG A 98 2.78 -9.71 22.02
N HIS A 99 2.95 -9.36 20.75
CA HIS A 99 4.13 -9.77 20.00
C HIS A 99 5.41 -9.12 20.50
N LEU A 100 5.38 -7.83 20.87
CA LEU A 100 6.61 -7.17 21.32
C LEU A 100 7.14 -7.81 22.60
N LEU A 101 6.23 -8.26 23.47
CA LEU A 101 6.67 -8.91 24.71
C LEU A 101 7.07 -10.34 24.46
N SER A 102 6.47 -11.01 23.48
CA SER A 102 6.78 -12.43 23.29
C SER A 102 8.14 -12.70 22.63
N VAL A 103 8.67 -11.75 21.85
CA VAL A 103 9.90 -11.96 21.11
C VAL A 103 11.10 -11.71 22.00
N ASN A 104 12.13 -12.53 21.84
CA ASN A 104 13.46 -12.31 22.40
C ASN A 104 14.31 -11.50 21.44
N PHE A 105 15.51 -11.11 21.90
CA PHE A 105 16.24 -10.07 21.16
C PHE A 105 16.72 -10.58 19.82
N GLU A 106 17.08 -11.87 19.74
CA GLU A 106 17.53 -12.45 18.48
C GLU A 106 16.41 -12.43 17.44
N GLU A 107 15.19 -12.75 17.86
CA GLU A 107 14.04 -12.71 16.97
C GLU A 107 13.70 -11.27 16.59
N PHE A 108 13.74 -10.34 17.56
CA PHE A 108 13.45 -8.94 17.28
C PHE A 108 14.32 -8.46 16.14
N VAL A 109 15.60 -8.86 16.16
CA VAL A 109 16.55 -8.53 15.09
C VAL A 109 16.12 -9.14 13.78
N ALA A 110 15.88 -10.45 13.76
CA ALA A 110 15.57 -11.16 12.51
C ALA A 110 14.38 -10.54 11.80
N GLU A 111 13.32 -10.20 12.56
CA GLU A 111 12.12 -9.65 11.94
C GLU A 111 12.36 -8.28 11.32
N THR A 112 12.98 -7.37 12.08
CA THR A 112 13.12 -6.02 11.58
C THR A 112 14.01 -5.98 10.35
N LYS A 113 14.85 -7.00 10.17
CA LYS A 113 15.56 -7.11 8.90
C LYS A 113 14.59 -7.25 7.74
N GLU A 114 13.56 -8.09 7.92
CA GLU A 114 12.68 -8.43 6.81
C GLU A 114 11.81 -7.24 6.41
N ARG A 115 11.25 -6.55 7.41
CA ARG A 115 10.28 -5.48 7.14
C ARG A 115 10.94 -4.25 6.58
N ASN A 116 12.20 -4.01 6.92
CA ASN A 116 12.90 -2.96 6.23
C ASN A 116 13.92 -3.68 5.36
N ALA A 117 13.48 -4.01 4.14
CA ALA A 117 14.29 -4.60 3.09
C ALA A 117 14.55 -3.66 1.92
N ASP A 118 14.00 -2.43 1.95
CA ASP A 118 13.94 -1.61 0.74
C ASP A 118 15.30 -1.41 0.08
N LEU A 119 16.37 -1.34 0.85
CA LEU A 119 17.67 -0.91 0.33
C LEU A 119 18.49 -2.02 -0.33
N ASP A 120 18.09 -3.30 -0.19
CA ASP A 120 18.70 -4.43 -0.91
C ASP A 120 18.47 -4.36 -2.42
N TRP A 121 17.72 -3.35 -2.87
CA TRP A 121 17.32 -3.19 -4.28
C TRP A 121 17.94 -1.91 -4.83
N VAL A 122 18.73 -2.03 -5.90
CA VAL A 122 19.30 -0.86 -6.55
C VAL A 122 18.69 -0.72 -7.94
N ASN A 123 18.77 0.50 -8.49
CA ASN A 123 18.18 0.87 -9.77
C ASN A 123 19.34 1.23 -10.69
N PRO A 124 19.97 0.25 -11.34
CA PRO A 124 21.11 0.56 -12.21
C PRO A 124 20.79 1.57 -13.30
N LYS A 125 19.56 1.57 -13.83
CA LYS A 125 19.21 2.58 -14.83
C LYS A 125 19.25 3.97 -14.23
N LEU A 126 18.96 4.07 -12.93
CA LEU A 126 19.18 5.32 -12.21
C LEU A 126 20.66 5.57 -11.93
N ASP A 127 21.39 4.53 -11.49
CA ASP A 127 22.83 4.64 -11.29
C ASP A 127 23.48 5.27 -12.51
N GLU A 128 23.29 4.61 -13.64
CA GLU A 128 23.85 5.03 -14.92
C GLU A 128 23.47 6.46 -15.22
N ARG A 129 22.25 6.85 -14.85
CA ARG A 129 21.79 8.19 -15.21
C ARG A 129 22.44 9.26 -14.35
N LEU A 130 22.69 8.99 -13.08
CA LEU A 130 23.28 10.02 -12.24
C LEU A 130 24.79 10.09 -12.40
N GLN A 131 25.43 8.93 -12.54
CA GLN A 131 26.85 8.87 -12.92
C GLN A 131 27.08 9.69 -14.18
N LEU A 132 26.12 9.64 -15.10
CA LEU A 132 26.16 10.38 -16.35
C LEU A 132 25.78 11.86 -16.16
N GLU A 133 24.76 12.17 -15.36
CA GLU A 133 24.43 13.58 -15.14
C GLU A 133 25.40 14.28 -14.21
N LEU A 134 26.19 13.53 -13.43
CA LEU A 134 27.28 14.11 -12.65
C LEU A 134 28.45 14.52 -13.52
N GLY A 135 29.03 13.55 -14.27
CA GLY A 135 30.14 13.85 -15.16
C GLY A 135 29.84 14.94 -16.18
N GLN A 136 28.58 15.03 -16.63
CA GLN A 136 28.16 16.04 -17.61
C GLN A 136 28.05 17.44 -16.98
N ARG A 137 27.34 17.59 -15.86
CA ARG A 137 27.17 18.93 -15.31
C ARG A 137 28.47 19.50 -14.70
N GLN A 138 29.55 18.71 -14.66
CA GLN A 138 30.89 19.16 -14.26
C GLN A 138 31.62 19.93 -15.36
N LEU A 139 31.17 19.86 -16.60
CA LEU A 139 31.77 20.63 -17.67
C LEU A 139 31.04 21.94 -17.88
N GLU A 140 29.85 22.07 -17.30
CA GLU A 140 29.02 23.25 -17.39
C GLU A 140 29.68 24.43 -16.69
N GLU A 141 29.15 25.61 -16.95
CA GLU A 141 29.50 26.73 -16.10
C GLU A 141 28.29 27.02 -15.20
N ASN A 142 28.24 26.30 -14.06
CA ASN A 142 27.63 26.67 -12.78
C ASN A 142 28.50 26.13 -11.64
N ALA A 143 28.65 24.81 -11.61
CA ALA A 143 29.78 24.15 -10.97
C ALA A 143 31.07 24.40 -11.77
N LYS A 144 32.18 24.05 -11.14
CA LYS A 144 33.57 24.27 -11.57
C LYS A 144 34.11 25.62 -11.12
N LYS A 145 33.25 26.58 -10.77
CA LYS A 145 33.69 27.55 -9.75
C LYS A 145 33.37 27.01 -8.38
N ARG A 146 32.14 26.51 -8.26
CA ARG A 146 31.70 26.03 -6.97
C ARG A 146 32.38 24.73 -6.61
N LEU A 147 32.84 23.96 -7.60
CA LEU A 147 33.79 22.91 -7.26
C LEU A 147 35.14 23.50 -6.92
N GLU A 148 35.51 24.61 -7.57
CA GLU A 148 36.80 25.23 -7.29
C GLU A 148 36.80 26.07 -6.03
N ALA A 149 35.67 26.73 -5.70
CA ALA A 149 35.55 27.39 -4.42
C ALA A 149 35.38 26.39 -3.27
N ARG A 150 34.72 25.25 -3.52
CA ARG A 150 34.65 24.19 -2.51
C ARG A 150 36.03 23.68 -2.13
N LYS A 151 36.93 23.57 -3.11
CA LYS A 151 38.29 23.11 -2.86
C LYS A 151 39.07 24.06 -1.96
N LYS A 152 38.56 25.30 -1.72
CA LYS A 152 39.14 26.22 -0.72
C LYS A 152 38.87 25.81 0.73
N LEU A 153 37.98 24.93 0.96
CA LEU A 153 37.74 24.44 2.31
C LEU A 153 38.80 23.40 2.74
N PRO A 154 39.25 23.48 3.99
CA PRO A 154 40.18 22.46 4.50
C PRO A 154 39.75 21.03 4.27
N THR A 155 38.45 20.73 4.38
CA THR A 155 37.99 19.34 4.24
C THR A 155 38.35 18.78 2.87
N MET A 156 38.26 19.61 1.82
CA MET A 156 38.38 19.11 0.46
C MET A 156 39.80 18.61 0.15
N LYS A 157 40.80 19.14 0.84
CA LYS A 157 42.14 18.55 0.78
C LYS A 157 42.12 17.08 1.22
N TYR A 158 41.24 16.74 2.16
CA TYR A 158 41.12 15.41 2.77
C TYR A 158 40.08 14.51 2.14
N ALA A 159 39.42 14.97 1.06
CA ALA A 159 38.34 14.21 0.49
C ALA A 159 38.71 12.74 0.33
N ASP A 160 39.85 12.50 -0.27
CA ASP A 160 40.18 11.16 -0.73
C ASP A 160 40.50 10.23 0.44
N ASP A 161 41.18 10.79 1.46
CA ASP A 161 41.58 10.00 2.60
C ASP A 161 40.37 9.65 3.47
N ILE A 162 39.29 10.45 3.40
CA ILE A 162 38.06 10.14 4.13
C ILE A 162 37.33 8.97 3.50
N ILE A 163 37.15 9.01 2.18
CA ILE A 163 36.48 7.92 1.48
C ILE A 163 37.16 6.60 1.79
N GLN A 164 38.50 6.58 1.71
CA GLN A 164 39.25 5.35 1.96
C GLN A 164 39.06 4.90 3.40
N ALA A 165 38.99 5.85 4.34
CA ALA A 165 38.74 5.54 5.74
C ALA A 165 37.34 4.94 5.95
N VAL A 166 36.34 5.42 5.22
CA VAL A 166 35.00 4.87 5.32
C VAL A 166 34.96 3.46 4.75
N ARG A 167 35.57 3.26 3.59
CA ARG A 167 35.61 1.93 2.96
C ARG A 167 36.26 0.92 3.89
N GLU A 168 37.33 1.31 4.57
CA GLU A 168 38.11 0.40 5.39
C GLU A 168 37.65 0.33 6.84
N ASN A 169 36.72 1.17 7.27
CA ASN A 169 36.33 1.12 8.67
C ASN A 169 34.83 1.30 8.85
N GLN A 170 34.29 0.59 9.83
CA GLN A 170 32.87 0.76 10.11
C GLN A 170 32.59 2.13 10.73
N VAL A 171 33.27 2.49 11.82
CA VAL A 171 33.10 3.80 12.46
C VAL A 171 34.39 4.58 12.27
N ILE A 172 34.27 5.83 11.82
CA ILE A 172 35.39 6.77 11.87
C ILE A 172 34.94 8.06 12.55
N LEU A 173 35.93 8.89 12.90
CA LEU A 173 35.75 10.13 13.65
C LEU A 173 36.43 11.28 12.91
N ILE A 174 35.69 12.35 12.63
CA ILE A 174 36.25 13.56 12.00
C ILE A 174 36.13 14.73 12.96
N VAL A 175 37.29 15.23 13.40
CA VAL A 175 37.39 16.25 14.45
C VAL A 175 37.84 17.55 13.78
N GLY A 176 36.97 18.55 13.76
CA GLY A 176 37.34 19.80 13.13
C GLY A 176 36.59 20.96 13.71
N SER A 177 37.20 22.14 13.60
CA SER A 177 36.63 23.35 14.16
C SER A 177 35.83 24.11 13.12
N THR A 178 35.22 25.21 13.54
CA THR A 178 34.29 25.94 12.68
C THR A 178 34.97 26.28 11.37
N GLY A 179 34.22 26.18 10.28
CA GLY A 179 34.75 26.55 8.99
C GLY A 179 35.54 25.48 8.27
N CYS A 180 35.86 24.37 8.93
CA CYS A 180 36.57 23.33 8.21
C CYS A 180 35.70 22.66 7.14
N GLY A 181 34.39 22.90 7.15
CA GLY A 181 33.47 22.42 6.14
C GLY A 181 33.02 20.98 6.28
N LYS A 182 33.30 20.33 7.41
CA LYS A 182 32.94 18.92 7.59
C LYS A 182 31.43 18.72 7.44
N THR A 183 30.65 19.64 7.98
CA THR A 183 29.21 19.51 7.98
C THR A 183 28.63 19.62 6.58
N THR A 184 29.08 20.62 5.82
CA THR A 184 28.66 20.79 4.43
C THR A 184 29.38 19.86 3.45
N GLN A 185 30.69 19.69 3.60
CA GLN A 185 31.43 18.94 2.58
C GLN A 185 31.43 17.42 2.76
N VAL A 186 31.59 16.89 3.97
CA VAL A 186 31.71 15.44 4.14
C VAL A 186 30.51 14.68 3.58
N PRO A 187 29.27 15.14 3.73
CA PRO A 187 28.18 14.44 3.04
C PRO A 187 28.32 14.46 1.53
N GLN A 188 28.62 15.63 0.96
CA GLN A 188 28.80 15.72 -0.48
C GLN A 188 29.96 14.84 -0.93
N ILE A 189 31.05 14.84 -0.17
CA ILE A 189 32.19 13.99 -0.48
C ILE A 189 31.74 12.54 -0.63
N LEU A 190 31.04 12.02 0.40
CA LEU A 190 30.67 10.60 0.45
C LEU A 190 29.72 10.24 -0.68
N LEU A 191 28.69 11.07 -0.89
CA LEU A 191 27.71 10.82 -1.93
C LEU A 191 28.33 10.86 -3.33
N ASP A 192 29.11 11.90 -3.65
CA ASP A 192 29.61 12.00 -5.01
C ASP A 192 30.58 10.88 -5.37
N ASP A 193 31.26 10.25 -4.40
CA ASP A 193 32.05 9.07 -4.75
C ASP A 193 31.14 7.94 -5.23
N ALA A 194 30.05 7.68 -4.50
CA ALA A 194 29.13 6.60 -4.89
C ALA A 194 28.37 6.91 -6.20
N ILE A 195 28.06 8.17 -6.52
CA ILE A 195 27.49 8.46 -7.84
C ILE A 195 28.47 8.10 -8.93
N SER A 196 29.73 8.52 -8.76
CA SER A 196 30.75 8.25 -9.75
C SER A 196 31.07 6.76 -9.86
N ARG A 197 31.14 6.04 -8.75
CA ARG A 197 31.45 4.63 -8.91
C ARG A 197 30.31 3.85 -9.56
N GLY A 198 29.21 4.53 -9.86
CA GLY A 198 28.02 3.89 -10.39
C GLY A 198 27.17 3.18 -9.36
N CYS A 199 27.24 3.59 -8.09
CA CYS A 199 26.43 3.01 -7.03
C CYS A 199 25.22 3.86 -6.67
N ALA A 200 24.97 4.94 -7.42
CA ALA A 200 24.23 6.10 -6.90
C ALA A 200 22.95 5.77 -6.13
N SER A 201 22.20 4.74 -6.56
CA SER A 201 20.93 4.46 -5.88
C SER A 201 21.13 3.79 -4.53
N SER A 202 22.24 3.11 -4.32
CA SER A 202 22.43 2.44 -3.05
C SER A 202 22.71 3.41 -1.90
N CYS A 203 22.77 4.73 -2.13
CA CYS A 203 23.33 5.70 -1.18
C CYS A 203 22.28 6.63 -0.58
N ARG A 204 22.15 6.58 0.76
CA ARG A 204 21.28 7.44 1.54
C ARG A 204 22.01 7.91 2.78
N ILE A 205 22.23 9.21 2.89
CA ILE A 205 23.00 9.77 4.00
C ILE A 205 22.07 10.58 4.89
N ILE A 206 22.09 10.27 6.18
CA ILE A 206 21.29 10.96 7.19
C ILE A 206 22.26 11.65 8.15
N CYS A 207 22.20 12.98 8.23
CA CYS A 207 23.15 13.73 9.03
C CYS A 207 22.44 14.51 10.15
N THR A 208 22.65 14.06 11.40
CA THR A 208 21.91 14.60 12.55
C THR A 208 22.55 15.86 13.14
N GLN A 209 21.70 16.83 13.48
CA GLN A 209 22.16 18.08 14.07
C GLN A 209 21.53 18.24 15.44
N PRO A 210 22.19 18.96 16.36
CA PRO A 210 21.53 19.15 17.65
C PRO A 210 20.35 20.09 17.56
N ARG A 211 20.39 21.09 16.67
CA ARG A 211 19.41 22.17 16.69
C ARG A 211 18.61 22.19 15.40
N ARG A 212 17.35 22.64 15.48
CA ARG A 212 16.49 22.75 14.30
C ARG A 212 16.96 23.80 13.31
N ILE A 213 17.35 24.97 13.81
CA ILE A 213 17.80 26.04 12.92
C ILE A 213 18.92 25.52 12.01
N SER A 214 19.93 24.87 12.63
CA SER A 214 21.08 24.36 11.90
C SER A 214 20.69 23.31 10.90
N ALA A 215 19.75 22.44 11.24
CA ALA A 215 19.33 21.40 10.29
C ALA A 215 18.80 22.00 8.98
N ILE A 216 18.05 23.09 9.06
CA ILE A 216 17.53 23.73 7.84
C ILE A 216 18.61 24.51 7.11
N ALA A 217 19.27 25.43 7.82
CA ALA A 217 20.21 26.33 7.15
C ALA A 217 21.23 25.53 6.36
N ILE A 218 21.85 24.56 7.02
CA ILE A 218 22.82 23.67 6.38
C ILE A 218 22.19 22.99 5.18
N ALA A 219 20.93 22.59 5.27
CA ALA A 219 20.30 21.88 4.16
C ALA A 219 20.09 22.82 2.98
N GLU A 220 19.71 24.08 3.27
CA GLU A 220 19.62 25.08 2.21
C GLU A 220 21.00 25.44 1.65
N TRP A 221 22.03 25.52 2.49
CA TRP A 221 23.37 25.81 2.00
C TRP A 221 23.93 24.69 1.13
N VAL A 222 23.95 23.45 1.63
CA VAL A 222 24.42 22.30 0.86
C VAL A 222 23.67 22.18 -0.45
N SER A 223 22.45 22.73 -0.51
CA SER A 223 21.58 22.66 -1.69
C SER A 223 21.93 23.73 -2.75
N TYR A 224 22.09 24.98 -2.34
CA TYR A 224 22.60 26.03 -3.24
C TYR A 224 23.91 25.61 -3.90
N GLU A 225 24.81 24.95 -3.14
CA GLU A 225 26.12 24.48 -3.63
C GLU A 225 26.04 23.37 -4.66
N ARG A 226 24.90 22.66 -4.75
CA ARG A 226 24.67 21.61 -5.74
C ARG A 226 23.84 22.09 -6.93
N CYS A 227 23.48 23.38 -6.97
CA CYS A 227 22.72 23.99 -8.06
C CYS A 227 21.36 23.32 -8.21
N GLU A 228 20.72 23.04 -7.07
CA GLU A 228 19.41 22.44 -6.99
C GLU A 228 18.50 23.25 -6.05
N SER A 229 17.19 23.11 -6.22
CA SER A 229 16.26 23.58 -5.20
C SER A 229 16.24 22.58 -4.05
N LEU A 230 15.82 23.05 -2.88
CA LEU A 230 15.64 22.11 -1.76
C LEU A 230 14.70 20.99 -2.14
N GLY A 231 14.98 19.80 -1.69
CA GLY A 231 14.05 18.73 -1.94
C GLY A 231 14.41 17.79 -3.06
N ASN A 232 15.59 17.94 -3.67
CA ASN A 232 16.02 16.96 -4.68
C ASN A 232 17.04 15.98 -4.11
N SER A 233 18.32 16.37 -4.15
CA SER A 233 19.37 15.57 -3.52
C SER A 233 19.62 15.95 -2.08
N VAL A 234 19.30 17.17 -1.70
CA VAL A 234 19.46 17.64 -0.33
C VAL A 234 18.06 17.90 0.21
N GLY A 235 17.80 17.41 1.41
CA GLY A 235 16.54 17.70 2.09
C GLY A 235 16.82 17.74 3.58
N TYR A 236 15.89 18.33 4.31
CA TYR A 236 15.98 18.39 5.77
C TYR A 236 14.69 17.85 6.35
N GLN A 237 14.80 17.23 7.53
CA GLN A 237 13.62 16.74 8.22
C GLN A 237 13.75 17.09 9.69
N ILE A 238 12.80 17.89 10.19
CA ILE A 238 12.67 18.15 11.61
C ILE A 238 11.24 17.81 12.03
N ARG A 239 10.97 18.01 13.31
CA ARG A 239 9.66 17.70 13.87
C ARG A 239 8.62 18.61 13.22
N LEU A 240 7.60 18.00 12.63
CA LEU A 240 6.46 18.70 12.03
C LEU A 240 6.82 19.58 10.83
N GLU A 241 7.98 19.41 10.20
CA GLU A 241 8.27 20.14 8.98
C GLU A 241 9.30 19.34 8.20
N SER A 242 9.18 19.33 6.87
CA SER A 242 10.22 18.72 6.04
C SER A 242 10.20 19.32 4.64
N ARG A 243 11.39 19.43 4.05
CA ARG A 243 11.55 19.23 2.61
C ARG A 243 12.38 17.96 2.47
N LYS A 244 11.74 16.87 2.08
CA LYS A 244 12.45 15.61 2.05
C LYS A 244 13.23 15.50 0.77
N ALA A 245 14.43 14.95 0.88
CA ALA A 245 15.15 14.71 -0.34
C ALA A 245 14.54 13.51 -1.05
N ARG A 246 15.04 13.26 -2.26
CA ARG A 246 14.59 12.12 -3.05
C ARG A 246 14.96 10.82 -2.33
N GLU A 247 14.20 9.77 -2.67
CA GLU A 247 14.35 8.48 -1.99
C GLU A 247 15.81 8.07 -1.90
N ARG A 248 16.50 8.08 -3.05
CA ARG A 248 17.84 7.54 -3.18
C ARG A 248 18.82 8.61 -3.64
N ALA A 249 20.09 8.35 -3.38
CA ALA A 249 21.18 9.26 -3.72
C ALA A 249 20.94 10.66 -3.12
N SER A 250 20.79 10.69 -1.81
CA SER A 250 20.32 11.91 -1.14
C SER A 250 21.01 12.14 0.19
N ILE A 251 21.13 13.42 0.52
CA ILE A 251 21.59 13.89 1.83
C ILE A 251 20.40 14.53 2.54
N THR A 252 20.05 14.00 3.73
CA THR A 252 18.99 14.54 4.59
C THR A 252 19.58 15.04 5.91
N TYR A 253 19.40 16.33 6.20
CA TYR A 253 19.80 16.88 7.50
C TYR A 253 18.60 16.87 8.45
N CYS A 254 18.76 16.25 9.61
CA CYS A 254 17.63 16.10 10.52
C CYS A 254 18.09 16.23 11.95
N THR A 255 17.20 16.65 12.83
CA THR A 255 17.61 16.78 14.23
C THR A 255 17.71 15.42 14.90
N THR A 256 18.57 15.37 15.93
CA THR A 256 18.94 14.10 16.51
C THR A 256 17.70 13.38 17.00
N GLY A 257 16.74 14.15 17.50
CA GLY A 257 15.50 13.57 17.97
C GLY A 257 14.68 12.94 16.86
N VAL A 258 14.70 13.53 15.66
CA VAL A 258 13.95 12.97 14.56
C VAL A 258 14.34 11.52 14.32
N LEU A 259 15.66 11.27 14.33
CA LEU A 259 16.18 9.92 14.06
C LEU A 259 15.80 8.91 15.15
N LEU A 260 15.87 9.31 16.42
CA LEU A 260 15.50 8.38 17.48
C LEU A 260 14.05 7.91 17.36
N GLN A 261 13.13 8.76 16.89
CA GLN A 261 11.76 8.28 16.70
C GLN A 261 11.69 7.33 15.51
N GLN A 262 12.44 7.60 14.43
CA GLN A 262 12.40 6.72 13.26
C GLN A 262 12.90 5.33 13.61
N LEU A 263 13.72 5.21 14.68
CA LEU A 263 14.21 3.92 15.14
C LEU A 263 13.09 2.99 15.59
N GLN A 264 11.96 3.52 16.06
CA GLN A 264 10.88 2.64 16.48
C GLN A 264 10.40 1.76 15.32
N SER A 265 10.31 2.30 14.10
CA SER A 265 10.01 1.47 12.93
C SER A 265 11.24 0.80 12.35
N ASP A 266 12.42 1.35 12.59
CA ASP A 266 13.66 0.87 11.98
C ASP A 266 14.76 0.83 13.05
N PRO A 267 14.66 -0.11 13.99
CA PRO A 267 15.55 -0.07 15.15
C PRO A 267 17.00 -0.35 14.84
N LEU A 268 17.26 -1.11 13.76
CA LEU A 268 18.60 -1.46 13.30
C LEU A 268 19.10 -0.63 12.12
N MET A 269 18.36 0.41 11.71
CA MET A 269 18.83 1.36 10.69
C MET A 269 19.04 0.68 9.33
N HIS A 270 18.06 -0.10 8.90
CA HIS A 270 18.24 -0.70 7.58
C HIS A 270 17.97 0.27 6.44
N ASN A 271 17.41 1.44 6.74
CA ASN A 271 16.90 2.41 5.79
C ASN A 271 17.89 3.51 5.45
N LEU A 272 19.16 3.36 5.87
CA LEU A 272 20.25 4.27 5.52
C LEU A 272 21.54 3.49 5.23
N SER A 273 22.35 4.05 4.31
CA SER A 273 23.70 3.53 4.09
C SER A 273 24.77 4.16 4.98
N VAL A 274 24.59 5.43 5.36
CA VAL A 274 25.58 6.20 6.11
C VAL A 274 24.89 7.10 7.13
N LEU A 275 25.37 7.03 8.36
CA LEU A 275 24.92 7.90 9.44
C LEU A 275 26.04 8.88 9.71
N ILE A 276 25.70 10.14 9.90
CA ILE A 276 26.66 11.14 10.31
C ILE A 276 26.12 11.80 11.57
N LEU A 277 26.77 11.58 12.72
CA LEU A 277 26.41 12.33 13.91
C LEU A 277 27.30 13.55 13.97
N ASP A 278 26.69 14.72 13.91
CA ASP A 278 27.40 15.97 14.01
C ASP A 278 27.22 16.57 15.41
N GLU A 279 28.26 17.28 15.86
CA GLU A 279 28.27 18.03 17.11
C GLU A 279 27.99 17.11 18.29
N ILE A 280 28.64 15.94 18.25
CA ILE A 280 28.61 14.97 19.34
C ILE A 280 29.37 15.48 20.55
N HIS A 281 30.28 16.43 20.33
CA HIS A 281 31.03 17.04 21.43
C HIS A 281 30.14 17.75 22.43
N GLU A 282 28.97 18.24 21.98
CA GLU A 282 28.08 18.94 22.89
C GLU A 282 27.50 18.02 23.95
N ARG A 283 27.58 16.71 23.73
CA ARG A 283 27.07 15.75 24.69
C ARG A 283 25.58 15.98 24.89
N SER A 284 24.89 16.30 23.79
CA SER A 284 23.45 16.36 23.82
C SER A 284 22.95 15.02 24.30
N VAL A 285 21.84 15.05 25.02
CA VAL A 285 21.26 13.82 25.51
C VAL A 285 21.07 12.84 24.37
N GLU A 286 20.55 13.34 23.26
CA GLU A 286 20.19 12.50 22.14
C GLU A 286 21.43 11.86 21.51
N THR A 287 22.52 12.62 21.35
CA THR A 287 23.72 12.04 20.76
C THR A 287 24.29 10.94 21.63
N ASP A 288 24.36 11.15 22.95
CA ASP A 288 24.98 10.13 23.79
C ASP A 288 24.18 8.83 23.78
N LEU A 289 22.84 8.93 23.82
CA LEU A 289 21.99 7.75 23.67
C LEU A 289 22.16 7.09 22.32
N LEU A 290 22.22 7.91 21.25
CA LEU A 290 22.38 7.39 19.89
C LEU A 290 23.71 6.66 19.72
N MET A 291 24.80 7.19 20.30
CA MET A 291 26.05 6.45 20.28
C MET A 291 25.92 5.18 21.10
N GLY A 292 25.31 5.27 22.28
CA GLY A 292 25.09 4.07 23.08
C GLY A 292 24.31 3.00 22.35
N LEU A 293 23.27 3.38 21.60
CA LEU A 293 22.54 2.41 20.81
C LEU A 293 23.40 1.82 19.72
N LEU A 294 24.27 2.65 19.10
CA LEU A 294 25.12 2.17 18.00
C LEU A 294 26.07 1.06 18.44
N LYS A 295 26.45 1.03 19.72
CA LYS A 295 27.21 -0.11 20.22
C LYS A 295 26.38 -1.39 20.10
N VAL A 296 25.05 -1.28 20.33
CA VAL A 296 24.12 -2.41 20.26
C VAL A 296 23.72 -2.70 18.81
N ILE A 297 23.64 -1.66 17.98
CA ILE A 297 23.20 -1.84 16.61
C ILE A 297 24.30 -2.48 15.77
N LEU A 298 25.45 -1.78 15.57
CA LEU A 298 26.41 -2.10 14.50
C LEU A 298 26.85 -3.57 14.38
N PRO A 299 27.00 -4.33 15.48
CA PRO A 299 27.27 -5.77 15.34
C PRO A 299 26.33 -6.49 14.36
N HIS A 300 25.07 -6.08 14.29
CA HIS A 300 24.12 -6.64 13.35
C HIS A 300 24.01 -5.83 12.07
N ARG A 301 24.78 -4.76 11.92
CA ARG A 301 24.71 -3.94 10.73
C ARG A 301 26.13 -3.84 10.18
N PRO A 302 26.62 -4.94 9.63
CA PRO A 302 28.02 -4.97 9.19
C PRO A 302 28.30 -4.00 8.06
N ASP A 303 27.36 -3.85 7.11
CA ASP A 303 27.49 -2.98 5.95
C ASP A 303 27.23 -1.49 6.26
N LEU A 304 26.76 -1.14 7.46
CA LEU A 304 26.54 0.25 7.83
C LEU A 304 27.84 1.03 8.04
N LYS A 305 27.83 2.31 7.62
CA LYS A 305 29.00 3.19 7.77
C LYS A 305 28.61 4.45 8.55
N VAL A 306 29.31 4.71 9.67
CA VAL A 306 29.05 5.83 10.58
C VAL A 306 30.23 6.79 10.57
N ILE A 307 29.93 8.09 10.43
CA ILE A 307 30.92 9.16 10.54
C ILE A 307 30.57 9.97 11.79
N LEU A 308 31.40 9.87 12.84
CA LEU A 308 31.25 10.73 14.00
C LEU A 308 31.92 12.07 13.73
N MET A 309 31.33 13.16 14.19
CA MET A 309 31.88 14.48 13.88
C MET A 309 31.81 15.39 15.08
N SER A 310 32.90 16.08 15.36
CA SER A 310 33.09 16.67 16.67
C SER A 310 33.94 17.92 16.55
N ALA A 311 33.67 18.90 17.42
CA ALA A 311 34.60 20.02 17.57
C ALA A 311 35.87 19.50 18.23
N THR A 312 36.86 20.36 18.46
CA THR A 312 38.05 19.84 19.17
C THR A 312 37.85 20.16 20.64
N VAL A 313 37.10 19.27 21.27
CA VAL A 313 36.71 19.32 22.67
C VAL A 313 36.62 17.90 23.18
N ARG A 314 37.52 17.50 24.07
CA ARG A 314 37.54 16.12 24.56
C ARG A 314 37.32 15.15 23.41
N GLU A 315 37.94 15.43 22.26
CA GLU A 315 37.75 14.63 21.06
C GLU A 315 38.14 13.18 21.28
N GLN A 316 39.09 12.94 22.20
CA GLN A 316 39.57 11.58 22.37
C GLN A 316 38.51 10.68 22.98
N ASP A 317 37.57 11.24 23.77
CA ASP A 317 36.56 10.41 24.45
C ASP A 317 35.79 9.52 23.47
N PHE A 318 35.49 10.05 22.27
CA PHE A 318 34.73 9.35 21.24
C PHE A 318 35.63 8.39 20.49
N CYS A 319 36.87 8.79 20.22
CA CYS A 319 37.86 7.88 19.66
C CYS A 319 38.05 6.66 20.55
N ASP A 320 38.15 6.90 21.86
CA ASP A 320 38.18 5.82 22.85
C ASP A 320 36.88 5.03 22.86
N TYR A 321 35.74 5.74 22.81
CA TYR A 321 34.47 5.08 23.06
C TYR A 321 34.22 3.99 22.03
N PHE A 322 34.56 4.27 20.76
CA PHE A 322 34.38 3.29 19.70
C PHE A 322 35.76 2.72 19.43
N ASN A 323 36.02 1.56 20.03
CA ASN A 323 37.31 0.91 19.94
C ASN A 323 38.42 1.95 20.02
N ASN A 324 39.41 1.86 19.13
CA ASN A 324 40.40 2.92 18.91
C ASN A 324 40.26 3.62 17.57
N CYS A 325 39.03 3.66 17.01
CA CYS A 325 38.63 3.99 15.64
C CYS A 325 39.36 5.17 15.01
N PRO A 326 39.60 5.16 13.68
CA PRO A 326 40.43 6.18 13.03
C PRO A 326 39.93 7.58 13.34
N MET A 327 40.85 8.53 13.44
CA MET A 327 40.48 9.90 13.74
C MET A 327 41.13 10.84 12.74
N PHE A 328 40.33 11.73 12.17
CA PHE A 328 40.76 12.81 11.28
C PHE A 328 40.63 14.14 12.01
N ARG A 329 41.70 14.92 12.00
CA ARG A 329 41.67 16.29 12.51
C ARG A 329 41.84 17.23 11.33
N ILE A 330 40.85 18.09 11.12
CA ILE A 330 40.83 18.96 9.96
C ILE A 330 40.99 20.38 10.48
N GLU A 331 42.00 21.08 9.96
CA GLU A 331 42.35 22.44 10.40
C GLU A 331 41.25 23.46 10.07
N GLY A 332 41.04 24.43 10.98
CA GLY A 332 39.91 25.35 10.86
C GLY A 332 40.12 26.47 9.87
N VAL A 333 39.08 27.29 9.70
CA VAL A 333 39.16 28.53 8.94
C VAL A 333 38.49 29.62 9.75
N MET A 334 39.27 30.57 10.22
CA MET A 334 38.67 31.62 11.01
C MET A 334 39.60 32.80 11.05
N PHE A 335 39.07 33.88 11.34
CA PHE A 335 40.01 34.91 11.63
C PHE A 335 40.55 34.71 13.04
N PRO A 336 41.84 34.94 13.23
CA PRO A 336 42.40 34.89 14.58
C PRO A 336 41.71 35.89 15.51
N VAL A 337 41.48 35.44 16.74
CA VAL A 337 40.91 36.26 17.81
C VAL A 337 41.88 36.22 19.00
N LYS A 338 42.33 37.40 19.46
CA LYS A 338 43.27 37.46 20.57
C LYS A 338 42.52 37.23 21.87
N MET A 339 43.10 36.40 22.72
CA MET A 339 42.59 36.17 24.07
C MET A 339 43.29 37.13 25.05
N LEU A 340 42.51 37.92 25.76
CA LEU A 340 42.98 38.65 26.92
C LEU A 340 42.27 38.09 28.16
N TYR A 341 42.90 38.20 29.34
CA TYR A 341 42.36 37.75 30.64
C TYR A 341 42.30 38.94 31.62
N LEU A 342 41.95 38.64 32.88
CA LEU A 342 41.70 39.72 33.83
C LEU A 342 42.88 40.66 33.96
N GLU A 343 44.09 40.10 34.07
CA GLU A 343 45.31 40.92 34.12
C GLU A 343 45.46 41.79 32.87
N ASP A 344 45.18 41.22 31.69
CA ASP A 344 45.27 41.97 30.44
C ASP A 344 44.23 43.08 30.35
N VAL A 345 43.06 42.89 30.97
CA VAL A 345 42.05 43.94 30.95
C VAL A 345 42.40 45.09 31.88
N LEU A 346 42.78 44.78 33.12
CA LEU A 346 43.08 45.86 34.07
C LEU A 346 44.29 46.67 33.64
N SER A 347 45.18 46.06 32.84
CA SER A 347 46.36 46.75 32.32
C SER A 347 46.03 47.81 31.28
N LYS A 348 45.01 47.59 30.44
CA LYS A 348 44.65 48.55 29.39
C LYS A 348 43.76 49.69 29.89
N THR A 349 42.70 49.36 30.66
CA THR A 349 41.70 50.33 31.11
C THR A 349 41.92 50.89 32.52
N ASN A 350 42.81 50.29 33.32
CA ASN A 350 43.11 50.73 34.70
C ASN A 350 41.86 51.02 35.52
N TYR A 351 40.83 50.19 35.31
CA TYR A 351 39.60 50.39 36.04
C TYR A 351 39.82 50.09 37.52
N GLU A 352 39.20 50.91 38.39
CA GLU A 352 39.33 50.85 39.85
C GLU A 352 38.01 50.41 40.48
N PHE A 353 38.08 49.62 41.56
CA PHE A 353 36.89 49.09 42.23
C PHE A 353 36.54 49.79 43.56
N GLN A 354 35.24 50.13 43.74
CA GLN A 354 34.56 50.34 45.04
C GLN A 354 33.11 50.79 44.84
N LYS A 355 32.31 50.64 45.91
CA LYS A 355 30.87 51.00 45.97
C LYS A 355 30.53 51.98 47.12
N ARG A 369 34.13 33.70 50.05
CA ARG A 369 35.19 33.45 51.03
C ARG A 369 36.55 33.61 50.42
N MET A 370 37.59 33.26 51.17
CA MET A 370 38.87 33.01 50.52
C MET A 370 39.62 31.79 51.08
N LYS A 371 39.71 30.63 50.39
CA LYS A 371 39.23 30.32 49.03
C LYS A 371 39.90 31.30 48.08
N HIS A 372 39.14 32.25 47.50
CA HIS A 372 39.64 33.06 46.39
C HIS A 372 41.07 33.54 46.56
N GLU A 373 41.48 33.74 47.80
CA GLU A 373 42.87 34.11 48.03
C GLU A 373 43.81 32.95 47.72
N ALA A 374 43.39 31.72 48.03
CA ALA A 374 44.23 30.56 47.79
C ALA A 374 44.46 30.31 46.30
N MET A 375 43.52 30.72 45.43
CA MET A 375 43.70 30.51 44.00
C MET A 375 44.60 31.56 43.36
N ILE A 376 44.39 32.84 43.70
CA ILE A 376 44.98 33.91 42.91
C ILE A 376 46.44 34.20 43.29
N GLU A 377 46.82 34.03 44.59
CA GLU A 377 48.12 34.39 45.15
C GLU A 377 49.26 33.57 44.54
N PRO A 378 49.09 32.25 44.36
CA PRO A 378 50.11 31.51 43.59
C PRO A 378 50.35 32.06 42.20
N TYR A 379 49.31 32.55 41.53
CA TYR A 379 49.47 33.05 40.17
C TYR A 379 50.13 34.43 40.14
N LEU A 380 49.80 35.30 41.09
CA LEU A 380 50.40 36.63 41.11
C LEU A 380 51.93 36.57 41.13
N ARG A 381 52.51 35.56 41.80
CA ARG A 381 53.96 35.39 41.91
C ARG A 381 54.61 35.02 40.58
N ARG A 382 54.08 34.02 39.88
CA ARG A 382 54.69 33.58 38.62
C ARG A 382 54.83 34.75 37.63
N ILE A 383 53.85 35.64 37.58
CA ILE A 383 53.81 36.73 36.58
C ILE A 383 54.31 38.08 37.11
N ARG A 384 54.79 38.17 38.37
CA ARG A 384 54.93 39.47 39.05
C ARG A 384 55.61 40.55 38.22
N ASN A 385 56.50 40.19 37.30
CA ASN A 385 57.19 41.19 36.50
C ASN A 385 56.59 41.41 35.11
N SER A 386 55.50 40.73 34.78
CA SER A 386 54.80 41.02 33.54
C SER A 386 53.75 42.12 33.67
N TYR A 387 53.30 42.45 34.90
CA TYR A 387 52.21 43.39 35.11
C TYR A 387 52.51 44.35 36.24
N ASP A 388 51.97 45.56 36.09
CA ASP A 388 52.12 46.64 37.06
C ASP A 388 51.62 46.15 38.43
N SER A 389 52.27 46.60 39.49
CA SER A 389 51.88 46.13 40.82
C SER A 389 50.48 46.58 41.20
N ARG A 390 49.96 47.63 40.60
CA ARG A 390 48.56 47.98 40.82
C ARG A 390 47.62 47.13 39.95
N VAL A 391 48.11 46.57 38.83
CA VAL A 391 47.37 45.55 38.09
C VAL A 391 47.24 44.26 38.90
N LEU A 392 48.37 43.70 39.33
CA LEU A 392 48.36 42.49 40.15
C LEU A 392 47.62 42.67 41.45
N ASP A 393 47.58 43.91 41.96
CA ASP A 393 46.97 44.13 43.27
C ASP A 393 45.44 44.03 43.17
N LYS A 394 44.89 44.50 42.03
CA LYS A 394 43.45 44.44 41.78
C LYS A 394 42.95 43.02 41.58
N LEU A 395 43.80 42.12 41.07
CA LEU A 395 43.45 40.70 40.87
C LEU A 395 43.22 39.96 42.18
N ARG A 396 43.58 40.54 43.32
CA ARG A 396 43.30 39.96 44.62
C ARG A 396 41.84 40.10 45.06
N LEU A 397 41.10 41.04 44.48
CA LEU A 397 39.69 41.26 44.83
C LEU A 397 38.77 40.12 44.39
N PRO A 398 37.93 39.55 45.26
CA PRO A 398 36.94 38.56 44.78
C PRO A 398 36.01 39.07 43.67
N GLU A 399 35.74 40.37 43.60
CA GLU A 399 34.78 40.93 42.64
C GLU A 399 35.39 41.31 41.30
N SER A 400 36.70 41.16 41.11
CA SER A 400 37.28 41.50 39.80
C SER A 400 37.00 40.45 38.73
N GLU A 401 36.66 39.22 39.13
CA GLU A 401 36.38 38.14 38.18
C GLU A 401 34.89 37.84 38.10
N GLY A 402 34.44 37.61 36.87
CA GLY A 402 33.04 37.46 36.61
C GLY A 402 32.40 38.79 36.32
N CYS A 403 31.12 38.88 36.66
CA CYS A 403 30.27 40.05 36.49
C CYS A 403 30.03 40.86 37.76
N GLU A 404 30.69 40.56 38.89
CA GLU A 404 30.21 41.11 40.18
C GLU A 404 30.15 42.64 40.18
N ASP A 405 31.06 43.30 39.46
CA ASP A 405 31.04 44.75 39.29
C ASP A 405 30.60 45.04 37.84
N ILE A 406 29.36 45.51 37.68
CA ILE A 406 28.86 45.71 36.32
C ILE A 406 29.52 46.93 35.69
N ASP A 407 29.70 47.97 36.49
CA ASP A 407 30.33 49.20 36.04
C ASP A 407 31.67 48.89 35.39
N PHE A 408 32.37 47.90 35.92
CA PHE A 408 33.61 47.46 35.30
C PHE A 408 33.37 47.04 33.86
N ILE A 409 32.35 46.23 33.62
CA ILE A 409 32.11 45.75 32.26
C ILE A 409 31.66 46.91 31.39
N ALA A 410 30.92 47.84 32.00
CA ALA A 410 30.55 49.06 31.31
C ALA A 410 31.77 49.83 30.85
N ASP A 411 32.80 49.90 31.68
CA ASP A 411 34.00 50.66 31.32
C ASP A 411 34.74 50.00 30.14
N LEU A 412 34.74 48.66 30.08
CA LEU A 412 35.38 47.95 28.98
C LEU A 412 34.68 48.22 27.65
N VAL A 413 33.35 48.17 27.63
CA VAL A 413 32.60 48.52 26.44
C VAL A 413 32.84 49.96 26.08
N TYR A 414 32.91 50.80 27.09
CA TYR A 414 33.31 52.18 26.84
C TYR A 414 34.75 52.25 26.33
N TYR A 415 35.66 51.42 26.85
CA TYR A 415 37.03 51.41 26.33
C TYR A 415 37.09 50.99 24.87
N ILE A 416 36.38 49.93 24.53
CA ILE A 416 36.47 49.37 23.18
C ILE A 416 35.87 50.33 22.16
N CYS A 417 34.96 51.20 22.59
CA CYS A 417 34.32 52.20 21.72
C CYS A 417 35.24 53.38 21.42
N GLU A 418 36.09 53.76 22.39
CA GLU A 418 37.07 54.85 22.26
C GLU A 418 38.28 54.40 21.45
N ASN A 419 38.97 53.38 21.93
CA ASN A 419 40.03 52.73 21.16
C ASN A 419 39.37 51.84 20.10
N GLU A 420 40.18 51.06 19.41
CA GLU A 420 39.76 49.90 18.61
C GLU A 420 38.98 50.22 17.34
N PRO A 421 39.07 49.34 16.35
CA PRO A 421 38.32 49.50 15.09
C PRO A 421 36.82 49.26 15.27
N GLU A 422 36.10 49.61 14.22
CA GLU A 422 34.67 49.32 14.18
C GLU A 422 34.42 47.82 14.18
N GLY A 423 33.39 47.42 14.93
CA GLY A 423 32.91 46.05 15.09
C GLY A 423 31.85 46.03 16.18
N ALA A 424 31.03 44.98 16.22
CA ALA A 424 30.03 44.87 17.28
C ALA A 424 30.65 44.27 18.53
N ILE A 425 30.07 44.59 19.70
CA ILE A 425 30.52 44.02 20.97
C ILE A 425 29.50 43.00 21.45
N LEU A 426 29.99 41.84 21.86
CA LEU A 426 29.17 40.82 22.48
C LEU A 426 29.57 40.67 23.93
N VAL A 427 28.61 40.88 24.85
CA VAL A 427 28.84 40.81 26.29
C VAL A 427 28.05 39.65 26.88
N PHE A 428 28.74 38.59 27.27
CA PHE A 428 28.11 37.42 27.85
C PHE A 428 27.98 37.67 29.35
N LEU A 429 26.75 37.62 29.85
CA LEU A 429 26.43 37.78 31.26
C LEU A 429 25.54 36.62 31.70
N PRO A 430 25.55 36.29 33.01
CA PRO A 430 24.92 35.02 33.43
C PRO A 430 23.41 34.94 33.24
N GLY A 431 22.65 36.00 33.54
CA GLY A 431 21.19 35.88 33.55
C GLY A 431 20.44 37.15 33.21
N TYR A 432 19.11 37.05 33.26
CA TYR A 432 18.20 38.19 33.04
C TYR A 432 18.54 39.38 33.93
N ASP A 433 18.66 39.13 35.24
CA ASP A 433 18.90 40.20 36.18
C ASP A 433 20.14 40.99 35.79
N LYS A 434 21.24 40.30 35.50
CA LYS A 434 22.50 40.96 35.17
C LYS A 434 22.46 41.66 33.80
N ILE A 435 21.71 41.11 32.83
CA ILE A 435 21.58 41.77 31.56
C ILE A 435 20.83 43.08 31.72
N SER A 436 19.79 43.07 32.55
CA SER A 436 19.07 44.30 32.85
C SER A 436 19.99 45.32 33.52
N GLN A 437 20.89 44.86 34.38
CA GLN A 437 21.76 45.81 35.09
C GLN A 437 22.61 46.61 34.13
N LEU A 438 23.28 45.93 33.20
CA LEU A 438 24.17 46.60 32.25
C LEU A 438 23.40 47.46 31.23
N TYR A 439 22.21 47.00 30.80
CA TYR A 439 21.41 47.78 29.86
C TYR A 439 21.06 49.14 30.45
N ASN A 440 20.68 49.16 31.72
CA ASN A 440 20.29 50.38 32.43
C ASN A 440 21.48 51.27 32.76
N ILE A 441 22.67 50.69 32.87
CA ILE A 441 23.92 51.45 32.93
C ILE A 441 24.25 52.03 31.57
N LEU A 442 24.06 51.25 30.52
CA LEU A 442 24.34 51.80 29.21
C LEU A 442 23.23 52.75 28.77
N ASP A 443 21.98 52.38 28.97
CA ASP A 443 20.92 53.17 28.37
C ASP A 443 20.64 54.46 29.12
N LYS A 444 20.76 54.48 30.44
CA LYS A 444 20.52 55.71 31.22
C LYS A 444 21.71 56.01 32.13
N PRO A 445 22.90 56.20 31.54
CA PRO A 445 24.15 56.19 32.34
C PRO A 445 24.32 57.37 33.28
N LYS A 446 24.81 57.08 34.49
CA LYS A 446 25.18 58.09 35.49
C LYS A 446 26.60 58.66 35.34
N THR A 447 27.59 57.87 34.93
CA THR A 447 28.92 58.44 34.77
C THR A 447 28.98 59.36 33.56
N SER A 448 30.02 60.22 33.56
CA SER A 448 30.18 61.19 32.50
C SER A 448 30.61 60.52 31.20
N LYS A 449 31.50 59.54 31.30
CA LYS A 449 32.00 58.82 30.12
C LYS A 449 30.86 58.13 29.35
N GLY A 450 29.86 57.60 30.06
CA GLY A 450 28.73 56.91 29.44
C GLY A 450 27.70 57.81 28.78
N GLN A 451 27.41 58.96 29.41
CA GLN A 451 26.54 59.97 28.80
C GLN A 451 27.11 60.42 27.47
N ARG A 452 28.44 60.37 27.32
CA ARG A 452 29.04 60.69 26.05
C ARG A 452 28.67 59.64 25.00
N TRP A 453 28.75 58.37 25.38
CA TRP A 453 28.65 57.31 24.39
C TRP A 453 27.21 56.87 24.15
N ARG A 454 26.27 57.25 25.02
CA ARG A 454 24.96 56.61 25.01
C ARG A 454 24.33 56.66 23.62
N ASP A 455 24.36 57.81 22.95
CA ASP A 455 23.71 57.86 21.65
C ASP A 455 24.53 57.20 20.56
N HIS A 456 25.77 56.81 20.85
CA HIS A 456 26.62 56.18 19.86
C HIS A 456 26.67 54.64 19.97
N MET A 457 25.87 54.05 20.86
CA MET A 457 25.74 52.61 20.98
C MET A 457 24.32 52.21 20.60
N ALA A 458 24.20 51.19 19.74
CA ALA A 458 22.91 50.57 19.40
C ALA A 458 22.84 49.24 20.16
N VAL A 459 22.00 49.19 21.18
CA VAL A 459 22.10 48.20 22.24
C VAL A 459 20.91 47.26 22.17
N PHE A 460 21.20 45.95 22.05
CA PHE A 460 20.23 44.88 22.04
C PHE A 460 20.45 43.97 23.25
N PRO A 461 19.53 43.81 24.17
CA PRO A 461 19.61 42.63 25.04
C PRO A 461 19.19 41.42 24.22
N LEU A 462 19.80 40.27 24.50
CA LEU A 462 19.49 39.03 23.79
C LEU A 462 19.25 37.93 24.81
N HIS A 463 18.02 37.40 24.88
CA HIS A 463 17.62 36.41 25.87
C HIS A 463 16.47 35.59 25.29
N SER A 464 16.38 34.31 25.68
CA SER A 464 15.37 33.42 25.11
C SER A 464 13.94 33.85 25.44
N LEU A 465 13.74 34.64 26.48
CA LEU A 465 12.43 35.19 26.79
C LEU A 465 12.21 36.58 26.19
N MET A 466 13.20 37.17 25.52
CA MET A 466 13.08 38.49 24.93
C MET A 466 12.91 38.38 23.44
N GLN A 467 12.19 39.35 22.87
CA GLN A 467 11.82 39.30 21.45
C GLN A 467 13.01 39.47 20.51
N SER A 468 14.11 40.11 20.97
CA SER A 468 15.17 40.59 20.08
C SER A 468 15.61 39.53 19.07
N GLY A 469 15.81 38.30 19.51
CA GLY A 469 16.24 37.24 18.62
C GLY A 469 15.27 36.91 17.50
N GLU A 470 14.00 37.28 17.64
CA GLU A 470 12.98 36.96 16.63
C GLU A 470 12.70 38.09 15.67
N GLN A 471 13.42 39.21 15.76
CA GLN A 471 13.43 40.28 14.76
C GLN A 471 14.79 40.31 14.06
N GLN A 472 14.90 41.13 13.03
CA GLN A 472 16.10 41.17 12.20
C GLN A 472 17.11 42.18 12.72
N ALA A 473 16.72 42.98 13.72
CA ALA A 473 17.46 44.19 14.06
C ALA A 473 18.86 43.86 14.55
N VAL A 474 18.96 42.90 15.47
CA VAL A 474 20.23 42.61 16.10
C VAL A 474 21.18 41.93 15.13
N PHE A 475 20.67 41.32 14.08
CA PHE A 475 21.57 40.71 13.11
C PHE A 475 22.14 41.70 12.10
N ARG A 476 21.39 42.73 11.74
CA ARG A 476 21.85 43.69 10.74
C ARG A 476 22.83 44.67 11.38
N ARG A 477 23.74 45.24 10.56
CA ARG A 477 24.76 46.16 11.06
C ARG A 477 24.18 47.54 11.40
N PRO A 478 24.75 48.21 12.39
CA PRO A 478 24.13 49.43 12.94
C PRO A 478 24.20 50.61 11.99
N PRO A 479 23.36 51.62 12.21
CA PRO A 479 23.45 52.86 11.42
C PRO A 479 24.82 53.48 11.56
N ALA A 480 25.21 54.25 10.54
CA ALA A 480 26.54 54.85 10.53
C ALA A 480 26.75 55.71 11.79
N GLY A 481 27.96 55.66 12.33
CA GLY A 481 28.31 56.38 13.55
C GLY A 481 27.80 55.79 14.86
N GLN A 482 27.20 54.60 14.82
CA GLN A 482 26.81 53.84 15.99
C GLN A 482 27.56 52.50 16.03
N ARG A 483 27.81 51.99 17.24
CA ARG A 483 28.42 50.66 17.38
C ARG A 483 27.43 49.71 18.04
N LYS A 484 27.21 48.54 17.41
CA LYS A 484 26.22 47.59 17.91
C LYS A 484 26.74 46.82 19.14
N VAL A 485 26.03 46.90 20.27
CA VAL A 485 26.43 46.26 21.51
C VAL A 485 25.34 45.29 21.98
N ILE A 486 25.63 44.00 21.97
CA ILE A 486 24.67 43.01 22.45
C ILE A 486 25.06 42.59 23.85
N ILE A 487 24.06 42.54 24.74
CA ILE A 487 24.17 41.95 26.07
C ILE A 487 23.30 40.70 26.08
N SER A 488 23.97 39.55 26.24
CA SER A 488 23.42 38.24 25.94
C SER A 488 23.70 37.26 27.06
N THR A 489 22.87 36.21 27.07
CA THR A 489 23.12 35.01 27.85
C THR A 489 23.88 34.01 26.99
N ILE A 490 23.98 32.77 27.48
CA ILE A 490 24.62 31.69 26.73
C ILE A 490 23.95 31.45 25.39
N ILE A 491 22.79 32.06 25.15
CA ILE A 491 22.05 31.82 23.92
C ILE A 491 22.87 32.17 22.67
N ALA A 492 23.73 33.18 22.74
CA ALA A 492 24.49 33.61 21.58
C ALA A 492 25.77 32.80 21.39
N GLU A 493 25.99 31.79 22.22
CA GLU A 493 27.17 30.94 22.17
C GLU A 493 27.08 29.95 21.01
N THR A 494 25.90 29.38 20.77
CA THR A 494 25.63 28.53 19.60
C THR A 494 24.33 28.87 18.85
N SER A 495 23.19 28.73 19.53
CA SER A 495 21.88 28.75 18.87
C SER A 495 21.64 30.00 18.01
N VAL A 496 22.18 31.15 18.42
CA VAL A 496 21.97 32.40 17.73
C VAL A 496 23.35 32.93 17.37
N THR A 497 23.51 33.36 16.12
CA THR A 497 24.82 33.73 15.57
C THR A 497 24.73 35.14 14.99
N ILE A 498 25.54 36.05 15.50
CA ILE A 498 25.62 37.42 15.00
C ILE A 498 26.99 37.59 14.37
N ASP A 499 26.98 37.93 13.07
CA ASP A 499 28.19 37.87 12.24
C ASP A 499 29.09 39.11 12.35
N ASP A 500 28.57 40.30 12.68
CA ASP A 500 29.43 41.48 12.72
C ASP A 500 30.10 41.67 14.08
N VAL A 501 30.00 40.68 14.96
CA VAL A 501 30.69 40.77 16.24
C VAL A 501 32.16 40.57 15.97
N VAL A 502 32.96 41.60 16.27
CA VAL A 502 34.41 41.47 16.29
C VAL A 502 35.01 41.44 17.72
N TYR A 503 34.20 41.73 18.75
CA TYR A 503 34.72 41.87 20.12
C TYR A 503 33.80 41.12 21.07
N VAL A 504 34.38 40.25 21.91
CA VAL A 504 33.61 39.44 22.85
C VAL A 504 34.11 39.70 24.26
N ILE A 505 33.22 40.10 25.17
CA ILE A 505 33.53 40.22 26.58
C ILE A 505 32.95 39.02 27.28
N ASN A 506 33.78 38.12 27.78
CA ASN A 506 33.28 36.88 28.38
C ASN A 506 33.40 36.99 29.90
N SER A 507 32.26 37.19 30.58
CA SER A 507 32.27 37.27 32.03
C SER A 507 32.73 35.98 32.68
N GLY A 508 32.61 34.85 31.99
CA GLY A 508 32.93 33.57 32.59
C GLY A 508 31.86 32.97 33.50
N ARG A 509 30.73 33.66 33.68
CA ARG A 509 29.63 33.24 34.54
C ARG A 509 28.38 32.96 33.68
N THR A 510 27.65 31.90 34.03
CA THR A 510 26.35 31.57 33.44
C THR A 510 25.43 31.09 34.57
N LYS A 511 24.22 30.66 34.24
CA LYS A 511 23.33 30.01 35.18
C LYS A 511 23.10 28.57 34.76
N ALA A 512 23.00 27.68 35.73
CA ALA A 512 22.88 26.26 35.46
C ALA A 512 21.86 25.62 36.39
N THR A 513 21.16 24.62 35.86
CA THR A 513 20.30 23.80 36.67
C THR A 513 21.09 22.64 37.23
N ASN A 514 20.87 22.36 38.51
CA ASN A 514 21.48 21.22 39.16
C ASN A 514 20.38 20.49 39.88
N TYR A 515 20.43 19.18 39.86
CA TYR A 515 19.46 18.36 40.56
C TYR A 515 20.18 17.64 41.68
N ASP A 516 19.58 17.68 42.87
CA ASP A 516 20.04 16.97 44.06
C ASP A 516 19.11 15.80 44.32
N ILE A 517 19.61 14.58 44.09
CA ILE A 517 18.76 13.39 44.17
C ILE A 517 18.28 13.17 45.61
N GLU A 518 19.06 13.65 46.60
CA GLU A 518 18.74 13.38 48.00
C GLU A 518 17.56 14.20 48.47
N THR A 519 17.54 15.50 48.14
CA THR A 519 16.45 16.36 48.56
C THR A 519 15.37 16.55 47.48
N ASN A 520 15.56 15.98 46.29
CA ASN A 520 14.64 16.14 45.15
C ASN A 520 14.30 17.60 44.93
N ILE A 521 15.33 18.44 44.92
CA ILE A 521 15.19 19.86 44.59
C ILE A 521 16.06 20.13 43.36
N GLN A 522 15.44 20.62 42.30
CA GLN A 522 16.19 21.17 41.18
C GLN A 522 16.42 22.65 41.47
N SER A 523 17.64 23.11 41.18
CA SER A 523 17.97 24.51 41.42
C SER A 523 18.63 25.07 40.17
N LEU A 524 18.61 26.41 40.11
CA LEU A 524 19.26 27.17 39.05
C LEU A 524 20.23 28.10 39.78
N ASP A 525 21.52 27.89 39.58
CA ASP A 525 22.53 28.64 40.30
C ASP A 525 23.46 29.30 39.31
N GLU A 526 24.03 30.44 39.72
CA GLU A 526 25.10 31.07 38.97
C GLU A 526 26.40 30.27 39.13
N VAL A 527 27.04 29.91 38.03
CA VAL A 527 28.27 29.12 38.06
C VAL A 527 29.29 29.69 37.10
N TRP A 528 30.55 29.24 37.25
CA TRP A 528 31.59 29.60 36.29
C TRP A 528 31.40 28.76 35.03
N VAL A 529 31.76 29.33 33.87
CA VAL A 529 31.70 28.55 32.65
C VAL A 529 32.85 27.55 32.68
N THR A 530 32.93 26.69 31.66
CA THR A 530 33.98 25.69 31.58
C THR A 530 35.01 26.11 30.53
N LYS A 531 36.10 25.33 30.41
CA LYS A 531 37.10 25.66 29.40
C LYS A 531 36.52 25.62 28.00
N ALA A 532 35.61 24.67 27.75
CA ALA A 532 34.99 24.56 26.44
C ALA A 532 34.05 25.73 26.16
N ASN A 533 33.36 26.22 27.18
CA ASN A 533 32.53 27.40 27.00
C ASN A 533 33.37 28.58 26.53
N THR A 534 34.50 28.80 27.22
CA THR A 534 35.40 29.93 26.93
C THR A 534 35.93 29.87 25.49
N GLN A 535 36.40 28.70 25.07
CA GLN A 535 36.90 28.50 23.71
C GLN A 535 35.82 28.82 22.67
N GLN A 536 34.59 28.35 22.88
CA GLN A 536 33.47 28.57 21.95
C GLN A 536 32.98 30.02 21.92
N ARG A 537 33.01 30.72 23.06
CA ARG A 537 32.64 32.13 23.06
C ARG A 537 33.65 32.97 22.30
N ARG A 538 34.91 32.53 22.26
CA ARG A 538 35.96 33.23 21.52
C ARG A 538 35.69 33.20 20.01
N GLY A 539 35.25 32.06 19.48
CA GLY A 539 34.96 31.98 18.06
C GLY A 539 33.89 32.94 17.57
N ARG A 540 33.00 33.39 18.45
CA ARG A 540 31.88 34.21 17.98
C ARG A 540 32.30 35.60 17.52
N ALA A 541 33.54 36.01 17.82
CA ALA A 541 34.13 37.26 17.33
C ALA A 541 34.98 37.09 16.06
N GLY A 542 35.26 35.86 15.68
CA GLY A 542 36.16 35.56 14.60
C GLY A 542 35.41 35.27 13.31
N ARG A 543 34.22 35.85 13.22
CA ARG A 543 33.40 35.58 12.05
C ARG A 543 33.79 36.44 10.85
N VAL A 544 34.01 37.74 11.04
CA VAL A 544 34.23 38.68 9.94
C VAL A 544 35.69 39.08 9.81
N ARG A 545 36.24 39.72 10.83
CA ARG A 545 37.60 40.20 10.81
C ARG A 545 38.29 39.77 12.08
N PRO A 546 39.62 39.90 12.15
CA PRO A 546 40.32 39.54 13.38
C PRO A 546 39.78 40.34 14.57
N GLY A 547 39.36 39.61 15.59
CA GLY A 547 38.68 40.17 16.74
C GLY A 547 39.46 40.08 18.03
N ILE A 548 38.76 40.39 19.12
CA ILE A 548 39.31 40.25 20.46
C ILE A 548 38.29 39.59 21.39
N CYS A 549 38.76 38.69 22.23
CA CYS A 549 38.00 38.06 23.31
C CYS A 549 38.49 38.53 24.67
N TYR A 550 37.69 39.29 25.39
CA TYR A 550 38.05 39.80 26.71
C TYR A 550 37.46 38.95 27.83
N ASN A 551 38.30 38.17 28.51
CA ASN A 551 37.91 37.34 29.65
C ASN A 551 38.07 38.10 30.95
N LEU A 552 36.98 38.21 31.71
CA LEU A 552 36.90 38.94 32.96
C LEU A 552 37.26 38.07 34.16
N PHE A 553 37.89 36.94 33.95
CA PHE A 553 38.47 36.13 35.03
C PHE A 553 39.97 35.99 34.80
N SER A 554 40.69 35.71 35.87
CA SER A 554 42.13 35.55 35.71
C SER A 554 42.43 34.25 34.98
N ARG A 555 43.65 34.14 34.45
CA ARG A 555 44.11 32.88 33.89
C ARG A 555 44.17 31.79 34.95
N ALA A 556 44.44 32.15 36.22
CA ALA A 556 44.50 31.14 37.26
C ALA A 556 43.14 30.52 37.48
N ARG A 557 42.08 31.30 37.26
CA ARG A 557 40.72 30.81 37.37
C ARG A 557 40.42 29.76 36.31
N GLU A 558 40.76 30.05 35.05
CA GLU A 558 40.60 29.08 33.97
C GLU A 558 41.16 27.71 34.33
N ASP A 559 42.20 27.67 35.12
CA ASP A 559 42.78 26.39 35.51
C ASP A 559 41.92 25.60 36.48
N ARG A 560 41.02 26.25 37.22
CA ARG A 560 40.08 25.56 38.09
C ARG A 560 38.76 25.22 37.36
N MET A 561 38.57 25.74 36.15
CA MET A 561 37.35 25.48 35.36
C MET A 561 37.37 24.07 34.80
N ASP A 562 36.18 23.47 34.73
CA ASP A 562 36.03 22.13 34.18
C ASP A 562 36.36 22.12 32.69
N ASP A 563 36.65 20.92 32.15
CA ASP A 563 36.87 20.77 30.71
C ASP A 563 35.62 21.15 29.91
N ILE A 564 34.49 20.52 30.25
CA ILE A 564 33.19 20.65 29.60
C ILE A 564 32.10 20.76 30.65
N PRO A 565 30.92 21.24 30.28
CA PRO A 565 29.78 21.21 31.20
C PRO A 565 29.38 19.78 31.50
N THR A 566 28.56 19.60 32.54
CA THR A 566 28.12 18.25 32.91
C THR A 566 27.32 17.63 31.76
N PRO A 567 27.72 16.45 31.26
CA PRO A 567 26.99 15.82 30.14
C PRO A 567 25.50 15.77 30.38
N GLU A 568 24.75 16.07 29.32
CA GLU A 568 23.35 16.38 29.54
C GLU A 568 22.61 15.23 30.21
N ILE A 569 22.94 13.98 29.85
CA ILE A 569 22.18 12.83 30.36
C ILE A 569 22.30 12.70 31.86
N LEU A 570 23.36 13.25 32.46
CA LEU A 570 23.58 13.10 33.87
C LEU A 570 22.70 14.04 34.70
N ARG A 571 22.13 15.07 34.08
CA ARG A 571 21.23 15.98 34.79
C ARG A 571 19.74 15.75 34.49
N SER A 572 19.37 14.84 33.60
CA SER A 572 18.02 14.86 33.05
C SER A 572 17.15 13.77 33.66
N LYS A 573 15.85 14.04 33.72
CA LYS A 573 14.89 13.00 34.09
C LYS A 573 14.98 11.85 33.10
N LEU A 574 14.93 10.62 33.62
CA LEU A 574 15.16 9.42 32.82
C LEU A 574 13.89 8.65 32.42
N GLU A 575 12.69 9.05 32.87
CA GLU A 575 11.47 8.29 32.58
C GLU A 575 11.28 8.11 31.09
N SER A 576 11.45 9.20 30.34
CA SER A 576 11.08 9.20 28.95
C SER A 576 11.94 8.23 28.16
N ILE A 577 13.26 8.23 28.43
CA ILE A 577 14.18 7.29 27.78
C ILE A 577 13.84 5.86 28.15
N ILE A 578 13.83 5.59 29.46
CA ILE A 578 13.73 4.22 29.93
C ILE A 578 12.55 3.56 29.24
N LEU A 579 11.46 4.30 29.12
CA LEU A 579 10.28 3.79 28.44
C LEU A 579 10.56 3.58 26.95
N SER A 580 11.28 4.52 26.32
CA SER A 580 11.46 4.44 24.87
C SER A 580 12.26 3.22 24.49
N LEU A 581 13.30 2.93 25.27
CA LEU A 581 14.18 1.80 25.01
C LEU A 581 13.42 0.47 24.91
N LYS A 582 12.34 0.33 25.68
CA LYS A 582 11.46 -0.85 25.62
C LYS A 582 10.95 -1.12 24.22
N LEU A 583 10.70 -0.06 23.43
CA LEU A 583 10.17 -0.26 22.08
C LEU A 583 11.23 -0.86 21.18
N LEU A 584 12.49 -0.69 21.55
CA LEU A 584 13.65 -1.17 20.82
C LEU A 584 14.14 -2.51 21.30
N HIS A 585 13.38 -3.13 22.19
CA HIS A 585 13.73 -4.36 22.87
C HIS A 585 14.94 -4.21 23.80
N ILE A 586 15.19 -3.03 24.32
CA ILE A 586 16.12 -2.90 25.43
C ILE A 586 15.23 -2.86 26.67
N ASP A 587 15.14 -4.02 27.36
CA ASP A 587 14.26 -4.25 28.51
C ASP A 587 14.92 -3.99 29.85
N ASP A 588 16.24 -3.93 29.91
CA ASP A 588 16.89 -3.61 31.18
C ASP A 588 17.66 -2.31 31.04
N PRO A 589 17.14 -1.21 31.59
CA PRO A 589 17.82 0.10 31.45
C PRO A 589 19.11 0.20 32.24
N TYR A 590 19.25 -0.54 33.34
CA TYR A 590 20.49 -0.49 34.10
C TYR A 590 21.64 -1.05 33.31
N ARG A 591 21.38 -2.11 32.50
CA ARG A 591 22.40 -2.74 31.66
C ARG A 591 22.85 -1.83 30.53
N PHE A 592 21.89 -1.26 29.80
CA PHE A 592 22.22 -0.43 28.64
C PHE A 592 22.83 0.90 29.04
N LEU A 593 22.10 1.70 29.82
CA LEU A 593 22.47 3.08 30.09
C LEU A 593 23.83 3.19 30.74
N GLN A 594 24.28 2.11 31.39
CA GLN A 594 25.62 2.06 31.96
C GLN A 594 26.72 2.02 30.89
N THR A 595 26.41 1.63 29.65
CA THR A 595 27.42 1.48 28.60
C THR A 595 27.64 2.75 27.80
N LEU A 596 27.01 3.86 28.20
CA LEU A 596 27.18 5.17 27.59
C LEU A 596 28.54 5.77 27.96
N ILE A 597 28.97 6.77 27.18
CA ILE A 597 30.23 7.49 27.47
C ILE A 597 30.28 7.90 28.93
N ASN A 598 29.19 8.45 29.42
CA ASN A 598 28.99 8.62 30.85
C ASN A 598 27.74 7.87 31.25
N ALA A 599 27.91 6.92 32.18
CA ALA A 599 26.81 6.19 32.76
C ALA A 599 26.11 7.07 33.77
N PRO A 600 24.79 7.21 33.70
CA PRO A 600 24.06 7.94 34.75
C PRO A 600 24.18 7.30 36.13
N ASN A 601 23.86 8.09 37.13
CA ASN A 601 23.67 7.55 38.46
C ASN A 601 22.60 6.47 38.39
N PRO A 602 22.86 5.25 38.84
CA PRO A 602 21.81 4.22 38.82
C PRO A 602 20.65 4.49 39.76
N GLU A 603 20.86 5.30 40.82
CA GLU A 603 19.74 5.73 41.66
C GLU A 603 18.71 6.52 40.86
N ALA A 604 19.15 7.26 39.84
CA ALA A 604 18.25 8.06 39.02
C ALA A 604 17.43 7.19 38.07
N ILE A 605 18.01 6.12 37.55
CA ILE A 605 17.22 5.19 36.74
C ILE A 605 16.09 4.60 37.58
N LYS A 606 16.45 4.13 38.78
CA LYS A 606 15.46 3.58 39.71
C LYS A 606 14.37 4.59 39.98
N MET A 607 14.75 5.78 40.46
CA MET A 607 13.78 6.83 40.75
C MET A 607 12.91 7.07 39.52
N GLY A 608 13.47 6.82 38.33
CA GLY A 608 12.75 6.85 37.06
C GLY A 608 11.88 5.65 36.75
N VAL A 609 12.36 4.43 36.96
CA VAL A 609 11.49 3.29 36.67
C VAL A 609 10.33 3.30 37.67
N GLU A 610 10.58 3.84 38.87
CA GLU A 610 9.58 3.90 39.92
C GLU A 610 8.44 4.85 39.54
N LEU A 611 8.74 5.95 38.81
CA LEU A 611 7.67 6.77 38.27
C LEU A 611 6.87 6.01 37.22
N LEU A 612 7.54 5.31 36.30
CA LEU A 612 6.80 4.62 35.25
C LEU A 612 5.90 3.51 35.81
N LYS A 613 6.22 2.98 37.01
CA LYS A 613 5.36 2.04 37.74
C LYS A 613 4.19 2.75 38.41
N ARG A 614 4.39 3.99 38.84
CA ARG A 614 3.35 4.69 39.57
C ARG A 614 2.18 5.02 38.67
N ILE A 615 2.46 5.55 37.48
CA ILE A 615 1.49 6.01 36.49
C ILE A 615 1.05 4.85 35.61
N GLU A 616 1.50 3.64 35.95
CA GLU A 616 0.96 2.38 35.42
C GLU A 616 1.29 2.18 33.93
N ALA A 617 2.46 2.66 33.46
CA ALA A 617 3.04 2.31 32.15
C ALA A 617 3.87 1.03 32.16
N LEU A 618 4.52 0.72 33.27
CA LEU A 618 5.14 -0.57 33.54
C LEU A 618 4.45 -1.21 34.74
N ASP A 619 4.36 -2.54 34.74
CA ASP A 619 3.72 -3.24 35.86
C ASP A 619 4.75 -3.42 36.99
N GLN A 620 4.38 -4.11 38.08
CA GLN A 620 5.31 -4.16 39.21
C GLN A 620 6.61 -4.88 38.88
N THR A 621 6.58 -5.80 37.90
CA THR A 621 7.81 -6.49 37.53
C THR A 621 8.71 -5.63 36.65
N GLY A 622 8.22 -4.45 36.26
CA GLY A 622 8.94 -3.53 35.40
C GLY A 622 8.68 -3.67 33.91
N THR A 623 7.74 -4.50 33.48
CA THR A 623 7.50 -4.71 32.06
C THR A 623 6.42 -3.77 31.49
N LEU A 624 6.59 -3.43 30.22
CA LEU A 624 5.68 -2.51 29.54
C LEU A 624 4.23 -2.97 29.66
N THR A 625 3.32 -2.02 30.00
CA THR A 625 1.88 -2.20 29.91
C THR A 625 1.34 -1.69 28.59
N PRO A 626 0.14 -2.07 28.23
CA PRO A 626 -0.51 -1.44 27.06
C PRO A 626 -0.57 0.09 27.07
N LEU A 627 -0.91 0.74 28.20
CA LEU A 627 -0.77 2.21 28.26
C LEU A 627 0.67 2.64 28.04
N GLY A 628 1.64 1.87 28.58
CA GLY A 628 3.06 2.22 28.44
C GLY A 628 3.54 2.19 27.00
N MET A 629 3.12 1.18 26.22
CA MET A 629 3.48 1.12 24.82
C MET A 629 3.00 2.35 24.07
N HIS A 630 1.83 2.86 24.41
CA HIS A 630 1.38 4.12 23.81
C HIS A 630 2.25 5.29 24.25
N LEU A 631 2.56 5.41 25.53
CA LEU A 631 3.22 6.63 25.95
C LEU A 631 4.59 6.75 25.30
N ALA A 632 5.29 5.63 25.12
CA ALA A 632 6.60 5.62 24.50
C ALA A 632 6.54 5.93 23.01
N LYS A 633 5.34 5.80 22.40
CA LYS A 633 5.09 6.11 21.00
C LYS A 633 4.70 7.57 20.75
N LEU A 634 4.64 8.41 21.79
CA LEU A 634 4.26 9.80 21.63
C LEU A 634 5.44 10.71 21.93
N PRO A 635 5.63 11.71 21.15
CA PRO A 635 6.77 12.63 21.32
C PRO A 635 6.59 13.62 22.47
N ILE A 636 6.25 13.08 23.64
CA ILE A 636 6.08 13.89 24.83
C ILE A 636 6.30 13.00 26.02
N ASP A 637 6.75 13.61 27.12
CA ASP A 637 7.13 13.01 28.38
C ASP A 637 5.97 12.17 28.89
N PRO A 638 6.22 11.08 29.64
CA PRO A 638 5.14 10.10 29.89
C PRO A 638 3.94 10.64 30.63
N GLN A 639 4.13 11.56 31.58
CA GLN A 639 3.00 12.04 32.35
C GLN A 639 2.00 12.76 31.46
N MET A 640 2.46 13.64 30.60
CA MET A 640 1.53 14.41 29.79
C MET A 640 1.00 13.65 28.59
N GLY A 641 1.72 12.67 28.08
CA GLY A 641 1.13 11.83 27.06
C GLY A 641 -0.12 11.15 27.56
N LYS A 642 -0.16 10.86 28.88
CA LYS A 642 -1.32 10.25 29.53
C LYS A 642 -2.44 11.24 29.69
N MET A 643 -2.09 12.44 30.16
CA MET A 643 -3.00 13.58 30.20
C MET A 643 -3.70 13.76 28.86
N ILE A 644 -2.94 13.65 27.79
CA ILE A 644 -3.50 13.77 26.45
C ILE A 644 -4.46 12.63 26.16
N LEU A 645 -4.13 11.42 26.60
CA LEU A 645 -5.04 10.29 26.44
C LEU A 645 -6.32 10.50 27.25
N MET A 646 -6.18 11.05 28.46
CA MET A 646 -7.36 11.25 29.29
C MET A 646 -8.29 12.21 28.60
N SER A 647 -7.73 13.26 28.04
CA SER A 647 -8.52 14.23 27.31
C SER A 647 -9.15 13.66 26.05
N ALA A 648 -8.67 12.52 25.54
CA ALA A 648 -9.39 11.90 24.44
C ALA A 648 -10.65 11.22 24.94
N LEU A 649 -10.53 10.51 26.06
CA LEU A 649 -11.65 9.78 26.62
C LEU A 649 -12.66 10.72 27.27
N PHE A 650 -12.16 11.72 27.99
CA PHE A 650 -12.96 12.72 28.68
C PHE A 650 -13.29 13.91 27.81
N CYS A 651 -12.92 13.88 26.54
CA CYS A 651 -13.41 14.82 25.53
C CYS A 651 -13.01 16.27 25.80
N CYS A 652 -11.90 16.50 26.48
CA CYS A 652 -11.37 17.84 26.64
C CYS A 652 -10.17 18.17 25.74
N LEU A 653 -10.00 17.44 24.62
CA LEU A 653 -8.79 17.47 23.80
C LEU A 653 -8.14 18.81 23.49
N ASP A 654 -8.90 19.86 23.16
CA ASP A 654 -8.27 21.13 22.80
C ASP A 654 -7.65 21.84 24.00
N PRO A 655 -8.35 22.04 25.12
CA PRO A 655 -7.69 22.67 26.27
C PRO A 655 -6.49 21.91 26.77
N ILE A 656 -6.59 20.58 26.77
CA ILE A 656 -5.54 19.78 27.37
C ILE A 656 -4.29 19.76 26.48
N THR A 657 -4.44 19.54 25.16
CA THR A 657 -3.22 19.50 24.35
C THR A 657 -2.53 20.86 24.34
N SER A 658 -3.28 21.96 24.52
CA SER A 658 -2.60 23.24 24.80
C SER A 658 -1.81 23.14 26.10
N ALA A 659 -2.43 22.70 27.17
CA ALA A 659 -1.68 22.57 28.42
C ALA A 659 -0.45 21.69 28.22
N ALA A 660 -0.62 20.54 27.55
CA ALA A 660 0.49 19.59 27.36
C ALA A 660 1.63 20.19 26.55
N ALA A 661 1.32 20.76 25.38
CA ALA A 661 2.37 21.29 24.48
C ALA A 661 3.07 22.50 25.07
N ALA A 662 2.40 23.29 25.92
CA ALA A 662 3.07 24.40 26.59
C ALA A 662 4.12 23.89 27.57
N LEU A 663 3.82 22.80 28.28
CA LEU A 663 4.82 22.26 29.20
C LEU A 663 5.94 21.57 28.45
N SER A 664 5.61 20.82 27.40
CA SER A 664 6.65 20.13 26.67
C SER A 664 7.59 21.13 26.01
N PHE A 665 7.06 22.25 25.49
CA PHE A 665 7.89 23.21 24.78
C PHE A 665 8.15 24.45 25.62
N LYS A 666 7.28 25.47 25.58
CA LYS A 666 7.60 26.69 26.33
C LYS A 666 6.47 27.69 26.19
N SER A 667 6.49 28.69 27.09
CA SER A 667 5.44 29.69 27.13
C SER A 667 5.50 30.58 25.91
N PRO A 668 4.36 31.03 25.39
CA PRO A 668 4.37 32.02 24.29
C PRO A 668 4.75 33.44 24.71
N PHE A 669 4.74 33.77 26.01
CA PHE A 669 4.95 35.15 26.44
C PHE A 669 6.43 35.51 26.48
N TYR A 670 6.78 36.62 25.82
CA TYR A 670 8.07 37.28 26.03
C TYR A 670 8.10 37.91 27.41
N SER A 671 9.30 38.29 27.86
CA SER A 671 9.47 39.22 28.99
C SER A 671 10.48 40.29 28.60
N PRO A 672 10.08 41.29 27.82
CA PRO A 672 11.06 42.30 27.39
C PRO A 672 11.39 43.22 28.55
N LEU A 673 12.57 43.83 28.46
CA LEU A 673 13.09 44.61 29.58
C LEU A 673 12.17 45.78 29.91
N GLY A 674 11.90 45.94 31.21
CA GLY A 674 11.09 47.03 31.73
C GLY A 674 9.61 46.81 31.64
N LYS A 675 9.17 45.82 30.88
CA LYS A 675 7.75 45.58 30.71
C LYS A 675 7.21 44.54 31.70
N GLU A 676 8.03 44.09 32.66
CA GLU A 676 7.70 42.95 33.53
C GLU A 676 6.34 43.08 34.23
N SER A 677 6.08 44.22 34.86
CA SER A 677 4.79 44.40 35.53
C SER A 677 3.63 44.38 34.56
N ARG A 678 3.83 44.97 33.37
CA ARG A 678 2.84 44.99 32.30
C ARG A 678 2.52 43.61 31.75
N VAL A 679 3.52 42.71 31.72
CA VAL A 679 3.30 41.32 31.24
C VAL A 679 2.50 40.50 32.25
N ASP A 680 2.84 40.59 33.55
CA ASP A 680 2.01 39.96 34.59
C ASP A 680 0.55 40.38 34.49
N GLU A 681 0.29 41.60 34.01
CA GLU A 681 -1.08 42.04 33.80
C GLU A 681 -1.72 41.30 32.61
N ILE A 682 -0.98 41.16 31.50
CA ILE A 682 -1.49 40.45 30.32
C ILE A 682 -1.82 39.00 30.63
N LYS A 683 -0.95 38.35 31.41
CA LYS A 683 -1.18 36.97 31.81
C LYS A 683 -2.39 36.86 32.73
N ARG A 684 -2.50 37.76 33.73
CA ARG A 684 -3.63 37.72 34.66
C ARG A 684 -4.95 37.89 33.91
N ARG A 685 -4.98 38.77 32.90
CA ARG A 685 -6.15 38.95 32.04
C ARG A 685 -6.37 37.77 31.10
N MET A 686 -5.28 37.19 30.58
CA MET A 686 -5.40 35.99 29.77
C MET A 686 -5.83 34.76 30.59
N ALA A 687 -5.52 34.72 31.88
CA ALA A 687 -5.98 33.59 32.68
C ALA A 687 -7.48 33.62 32.87
N ARG A 688 -8.11 34.79 32.72
CA ARG A 688 -9.56 34.95 32.92
C ARG A 688 -9.94 34.45 34.29
N ASN A 689 -9.11 34.81 35.27
CA ASN A 689 -9.35 34.49 36.66
C ASN A 689 -9.55 32.99 36.88
N MET A 690 -8.96 32.16 36.00
CA MET A 690 -9.07 30.71 36.14
C MET A 690 -8.03 30.11 37.07
N ARG A 691 -7.08 30.91 37.55
CA ARG A 691 -6.08 30.43 38.53
C ARG A 691 -5.28 29.25 38.00
N SER A 692 -5.09 29.20 36.70
CA SER A 692 -4.34 28.14 36.04
C SER A 692 -3.39 28.80 35.06
N ASP A 693 -2.09 28.52 35.22
CA ASP A 693 -1.14 28.84 34.17
C ASP A 693 -1.34 27.97 32.94
N HIS A 694 -1.63 26.69 33.10
CA HIS A 694 -1.76 25.83 31.93
C HIS A 694 -2.97 26.22 31.10
N LEU A 695 -4.10 26.40 31.76
CA LEU A 695 -5.27 26.93 31.06
C LEU A 695 -4.97 28.32 30.47
N MET A 696 -4.16 29.11 31.18
CA MET A 696 -3.84 30.47 30.71
C MET A 696 -3.24 30.44 29.32
N VAL A 697 -2.31 29.52 29.07
CA VAL A 697 -1.74 29.42 27.72
C VAL A 697 -2.83 29.09 26.71
N HIS A 698 -3.79 28.22 27.08
CA HIS A 698 -4.83 27.86 26.12
C HIS A 698 -5.74 29.04 25.78
N ASN A 699 -6.14 29.83 26.77
CA ASN A 699 -6.86 31.06 26.48
C ASN A 699 -6.10 31.92 25.49
N THR A 700 -4.77 31.96 25.63
CA THR A 700 -3.96 32.70 24.68
C THR A 700 -4.08 32.13 23.28
N ILE A 701 -4.15 30.82 23.12
CA ILE A 701 -4.22 30.25 21.78
C ILE A 701 -5.60 30.47 21.19
N ILE A 702 -6.64 30.35 22.02
CA ILE A 702 -7.98 30.74 21.59
C ILE A 702 -8.03 32.19 21.14
N ALA A 703 -7.37 33.09 21.88
CA ALA A 703 -7.29 34.47 21.41
C ALA A 703 -6.47 34.57 20.12
N TYR A 704 -5.39 33.80 20.01
CA TYR A 704 -4.56 33.87 18.82
C TYR A 704 -5.33 33.46 17.58
N ARG A 705 -6.10 32.37 17.66
CA ARG A 705 -6.88 31.87 16.51
C ARG A 705 -7.93 32.86 16.03
N ASP A 706 -8.53 33.63 16.94
CA ASP A 706 -9.40 34.74 16.55
C ASP A 706 -8.62 35.86 15.86
N SER A 707 -7.42 36.16 16.36
CA SER A 707 -6.56 37.19 15.76
C SER A 707 -6.09 36.79 14.35
N ARG A 708 -6.03 35.50 14.06
CA ARG A 708 -5.79 35.08 12.69
C ARG A 708 -7.06 35.19 11.85
N TYR A 709 -8.22 34.96 12.48
CA TYR A 709 -9.52 35.15 11.83
C TYR A 709 -9.85 36.62 11.61
N SER A 710 -9.38 37.51 12.49
CA SER A 710 -9.65 38.94 12.38
C SER A 710 -8.60 39.66 11.54
N HIS A 711 -7.66 38.90 10.96
CA HIS A 711 -6.45 39.39 10.27
C HIS A 711 -5.65 40.38 11.13
N ALA A 712 -5.84 40.31 12.45
CA ALA A 712 -5.28 41.26 13.41
C ALA A 712 -3.95 40.79 13.99
N GLU A 713 -3.36 39.72 13.43
CA GLU A 713 -2.38 38.91 14.15
C GLU A 713 -1.25 39.75 14.78
N ARG A 714 -0.56 40.57 13.97
CA ARG A 714 0.57 41.33 14.51
C ARG A 714 0.12 42.30 15.61
N ASP A 715 -0.90 43.13 15.35
CA ASP A 715 -1.48 43.96 16.40
C ASP A 715 -1.68 43.13 17.68
N PHE A 716 -2.26 41.93 17.55
CA PHE A 716 -2.49 41.05 18.71
C PHE A 716 -1.21 40.78 19.49
N CYS A 717 -0.21 40.20 18.83
CA CYS A 717 0.97 39.73 19.57
C CYS A 717 1.77 40.89 20.16
N TYR A 718 1.67 42.07 19.55
CA TYR A 718 2.34 43.25 20.11
C TYR A 718 1.71 43.67 21.44
N LYS A 719 0.37 43.85 21.47
CA LYS A 719 -0.27 44.30 22.71
C LYS A 719 -0.07 43.32 23.86
N ASN A 720 0.00 42.02 23.58
CA ASN A 720 0.13 40.99 24.59
C ASN A 720 1.57 40.45 24.75
N PHE A 721 2.55 41.02 24.03
CA PHE A 721 3.95 40.61 24.12
C PHE A 721 4.11 39.13 23.81
N LEU A 722 3.46 38.68 22.75
CA LEU A 722 3.47 37.27 22.46
C LEU A 722 4.29 36.99 21.22
N SER A 723 4.93 35.84 21.22
CA SER A 723 5.71 35.40 20.07
C SER A 723 4.80 34.63 19.12
N SER A 724 4.59 35.14 17.91
CA SER A 724 3.81 34.33 16.98
C SER A 724 4.61 33.16 16.43
N MET A 725 5.95 33.24 16.48
CA MET A 725 6.76 32.09 16.08
C MET A 725 6.50 30.91 17.00
N THR A 726 6.52 31.15 18.32
CA THR A 726 6.21 30.13 19.33
C THR A 726 4.77 29.62 19.29
N LEU A 727 3.80 30.53 19.05
CA LEU A 727 2.40 30.13 19.05
C LEU A 727 2.10 29.16 17.92
N GLN A 728 2.69 29.41 16.75
CA GLN A 728 2.49 28.57 15.58
C GLN A 728 3.05 27.19 15.82
N GLN A 729 4.09 27.10 16.64
CA GLN A 729 4.68 25.82 17.01
C GLN A 729 3.77 25.04 17.97
N LEU A 730 3.25 25.71 19.01
CA LEU A 730 2.31 25.07 19.92
C LEU A 730 1.11 24.53 19.16
N GLU A 731 0.54 25.34 18.29
CA GLU A 731 -0.53 24.88 17.42
C GLU A 731 -0.10 23.69 16.59
N ARG A 732 1.12 23.73 16.02
CA ARG A 732 1.60 22.60 15.23
C ARG A 732 1.74 21.35 16.08
N MET A 733 2.27 21.49 17.30
CA MET A 733 2.36 20.33 18.19
C MET A 733 0.99 19.77 18.49
N LYS A 734 0.05 20.64 18.88
CA LYS A 734 -1.31 20.21 19.19
C LYS A 734 -1.92 19.45 18.03
N ASN A 735 -1.71 19.97 16.82
CA ASN A 735 -2.19 19.25 15.65
C ASN A 735 -1.56 17.88 15.55
N GLN A 736 -0.30 17.74 15.97
CA GLN A 736 0.36 16.43 15.93
C GLN A 736 -0.30 15.50 16.92
N PHE A 737 -0.42 15.93 18.18
CA PHE A 737 -1.04 15.09 19.20
C PHE A 737 -2.39 14.58 18.73
N SER A 738 -3.16 15.45 18.10
CA SER A 738 -4.42 15.01 17.50
C SER A 738 -4.22 13.85 16.55
N GLU A 739 -3.32 14.02 15.59
CA GLU A 739 -3.22 13.06 14.50
C GLU A 739 -2.67 11.74 14.99
N LEU A 740 -1.77 11.76 15.98
CA LEU A 740 -1.34 10.51 16.59
C LEU A 740 -2.47 9.82 17.32
N LEU A 741 -3.26 10.57 18.08
CA LEU A 741 -4.38 9.96 18.78
C LEU A 741 -5.40 9.39 17.80
N TYR A 742 -5.77 10.17 16.76
CA TYR A 742 -6.66 9.67 15.70
C TYR A 742 -6.09 8.41 15.05
N ASN A 743 -4.77 8.39 14.80
CA ASN A 743 -4.13 7.19 14.27
C ASN A 743 -4.15 6.03 15.26
N TYR A 744 -4.06 6.30 16.56
CA TYR A 744 -4.05 5.23 17.53
C TYR A 744 -5.43 4.71 17.85
N LYS A 745 -6.46 5.21 17.16
CA LYS A 745 -7.86 4.85 17.39
C LYS A 745 -8.40 5.38 18.75
N PHE A 746 -7.87 6.47 19.29
CA PHE A 746 -8.49 7.11 20.45
C PHE A 746 -9.39 8.30 20.10
N LEU A 747 -9.41 8.74 18.84
CA LEU A 747 -10.27 9.84 18.43
C LEU A 747 -10.93 9.50 17.09
N ALA A 748 -12.11 10.10 16.88
CA ALA A 748 -12.85 10.00 15.62
C ALA A 748 -12.40 11.02 14.60
N SER A 749 -11.77 12.12 15.03
CA SER A 749 -11.27 13.11 14.09
C SER A 749 -9.87 13.57 14.49
N SER A 750 -9.02 13.77 13.50
CA SER A 750 -7.66 14.23 13.72
C SER A 750 -7.61 15.72 14.00
N ASN A 751 -8.76 16.37 14.08
CA ASN A 751 -8.80 17.80 14.36
C ASN A 751 -9.00 17.95 15.86
N CYS A 752 -8.02 18.56 16.52
CA CYS A 752 -8.12 18.92 17.94
C CYS A 752 -9.14 20.01 18.19
N LYS A 753 -9.66 20.60 17.15
CA LYS A 753 -10.80 21.48 17.28
C LYS A 753 -12.10 20.77 16.99
N ASP A 754 -12.08 19.49 16.60
CA ASP A 754 -13.32 18.82 16.24
C ASP A 754 -14.26 18.85 17.42
N ALA A 755 -15.48 19.36 17.20
CA ALA A 755 -16.41 19.57 18.30
C ALA A 755 -16.84 18.24 18.94
N ALA A 756 -16.83 17.15 18.17
CA ALA A 756 -17.15 15.87 18.79
C ALA A 756 -16.14 15.54 19.88
N SER A 757 -14.85 15.74 19.59
CA SER A 757 -13.75 15.47 20.51
C SER A 757 -13.69 16.47 21.66
N ASN A 758 -14.39 17.60 21.56
CA ASN A 758 -14.31 18.64 22.58
C ASN A 758 -15.56 18.85 23.46
N LYS A 759 -16.62 18.02 23.39
CA LYS A 759 -17.87 18.39 24.07
C LYS A 759 -17.69 18.88 25.51
N ASN A 760 -16.73 18.33 26.22
CA ASN A 760 -16.50 18.71 27.61
C ASN A 760 -15.52 19.85 27.77
N SER A 761 -15.12 20.51 26.69
CA SER A 761 -13.96 21.40 26.76
C SER A 761 -14.21 22.68 27.51
N GLU A 762 -15.47 22.99 27.88
CA GLU A 762 -15.76 24.17 28.68
C GLU A 762 -15.81 23.92 30.19
N LYS A 763 -15.87 22.68 30.63
CA LYS A 763 -16.23 22.44 32.01
C LYS A 763 -14.93 22.53 32.78
N ILE A 764 -14.70 23.69 33.40
CA ILE A 764 -13.39 23.96 33.98
C ILE A 764 -13.04 22.93 35.05
N PRO A 765 -13.95 22.52 35.94
CA PRO A 765 -13.57 21.48 36.90
C PRO A 765 -13.06 20.22 36.24
N LEU A 766 -13.60 19.88 35.07
CA LEU A 766 -13.07 18.71 34.36
C LEU A 766 -11.66 18.99 33.84
N LEU A 767 -11.42 20.18 33.30
CA LEU A 767 -10.09 20.49 32.79
C LEU A 767 -9.06 20.39 33.91
N ARG A 768 -9.38 20.95 35.08
CA ARG A 768 -8.51 20.79 36.25
C ARG A 768 -8.35 19.31 36.65
N ALA A 769 -9.36 18.50 36.37
CA ALA A 769 -9.31 17.10 36.76
C ALA A 769 -8.35 16.33 35.89
N ILE A 770 -8.31 16.63 34.59
CA ILE A 770 -7.32 15.96 33.74
C ILE A 770 -5.94 16.56 33.96
N ILE A 771 -5.82 17.89 34.04
CA ILE A 771 -4.54 18.52 34.39
C ILE A 771 -4.02 17.99 35.72
N GLY A 772 -4.91 17.61 36.64
CA GLY A 772 -4.46 16.90 37.84
C GLY A 772 -3.97 15.49 37.53
N ALA A 773 -4.77 14.75 36.74
CA ALA A 773 -4.39 13.39 36.33
C ALA A 773 -3.07 13.40 35.57
N GLY A 774 -2.74 14.50 34.93
CA GLY A 774 -1.47 14.64 34.26
C GLY A 774 -0.30 15.01 35.15
N LEU A 775 -0.46 15.96 36.06
CA LEU A 775 0.67 16.46 36.84
C LEU A 775 0.84 15.76 38.17
N TYR A 776 -0.13 14.93 38.58
CA TYR A 776 0.02 14.12 39.79
C TYR A 776 1.24 13.22 39.64
N PRO A 777 1.98 12.99 40.73
CA PRO A 777 1.74 13.51 42.09
C PRO A 777 2.40 14.82 42.52
N ASN A 778 2.37 15.88 41.74
CA ASN A 778 2.95 17.12 42.20
C ASN A 778 1.83 17.98 42.78
N MET A 779 1.84 18.15 44.09
CA MET A 779 0.75 18.79 44.80
C MET A 779 1.31 19.84 45.75
N ALA A 780 0.48 20.82 46.07
CA ALA A 780 0.87 21.88 46.99
C ALA A 780 -0.33 22.31 47.82
N HIS A 781 -0.05 22.88 49.00
CA HIS A 781 -1.11 23.20 49.94
C HIS A 781 -0.94 24.60 50.49
N LEU A 782 -1.95 25.45 50.32
CA LEU A 782 -1.86 26.86 50.65
C LEU A 782 -2.69 27.16 51.91
N ARG A 783 -2.01 27.62 52.99
CA ARG A 783 -2.63 27.98 54.28
C ARG A 783 -2.72 29.48 54.65
N LYS A 784 -2.27 30.42 53.80
CA LYS A 784 -2.13 31.83 54.24
C LYS A 784 -2.86 32.89 53.42
N SER A 785 -2.64 34.12 53.87
CA SER A 785 -3.53 35.25 53.65
C SER A 785 -2.74 36.54 53.65
N ARG A 786 -3.35 37.53 53.01
CA ARG A 786 -2.95 38.92 53.02
C ARG A 786 -3.83 39.67 52.01
N ARG A 793 -1.04 42.52 46.33
CA ARG A 793 -0.49 41.20 46.55
C ARG A 793 -0.82 40.72 47.94
N ALA A 794 -0.58 39.43 48.13
CA ALA A 794 -0.77 38.72 49.39
C ALA A 794 0.49 37.91 49.70
N ILE A 795 0.61 37.50 50.97
CA ILE A 795 1.64 36.56 51.41
C ILE A 795 1.04 35.16 51.45
N HIS A 796 1.83 34.17 51.05
CA HIS A 796 1.38 32.78 50.97
C HIS A 796 2.28 31.90 51.82
N THR A 797 1.66 31.06 52.60
CA THR A 797 2.33 29.89 53.16
C THR A 797 1.75 28.70 52.44
N MET A 798 2.61 28.00 51.74
CA MET A 798 2.21 26.87 50.97
C MET A 798 3.33 25.87 51.14
N ALA A 799 3.00 24.62 51.13
CA ALA A 799 4.02 23.60 51.17
C ALA A 799 3.66 22.60 50.10
N THR A 800 4.67 21.96 49.54
CA THR A 800 4.42 20.85 48.64
C THR A 800 3.97 19.64 49.45
N ASP A 801 3.65 18.56 48.73
CA ASP A 801 3.16 17.36 49.38
C ASP A 801 4.22 16.70 50.23
N ASP A 802 5.48 17.10 50.08
CA ASP A 802 6.57 16.57 50.88
C ASP A 802 6.84 17.36 52.15
N GLY A 803 6.26 18.54 52.30
CA GLY A 803 6.45 19.37 53.48
C GLY A 803 7.31 20.60 53.28
N ARG A 804 8.10 20.68 52.19
CA ARG A 804 8.95 21.85 51.98
C ARG A 804 8.13 23.06 51.57
N ARG A 805 8.47 24.21 52.14
CA ARG A 805 7.80 25.45 51.78
C ARG A 805 8.14 25.82 50.35
N VAL A 806 7.14 26.34 49.62
CA VAL A 806 7.29 26.76 48.23
C VAL A 806 6.48 28.03 48.05
N ASN A 807 6.82 28.76 47.00
CA ASN A 807 5.96 29.85 46.53
C ASN A 807 5.81 29.82 45.02
N PHE A 808 4.70 30.40 44.58
CA PHE A 808 4.46 30.59 43.16
C PHE A 808 5.59 31.42 42.58
N HIS A 809 6.13 30.98 41.48
CA HIS A 809 7.14 31.78 40.85
C HIS A 809 6.53 33.11 40.44
N PRO A 810 7.26 34.20 40.55
CA PRO A 810 6.70 35.52 40.22
C PRO A 810 6.11 35.69 38.82
N SER A 811 6.46 34.81 37.87
CA SER A 811 5.88 34.79 36.53
C SER A 811 4.60 33.97 36.44
N SER A 812 4.28 33.18 37.44
CA SER A 812 3.07 32.39 37.42
C SER A 812 1.90 33.31 37.73
N VAL A 813 0.77 33.09 37.06
CA VAL A 813 -0.36 34.00 37.23
C VAL A 813 -0.78 34.05 38.67
N ASN A 814 -0.44 33.02 39.44
CA ASN A 814 -0.96 32.85 40.78
C ASN A 814 -0.12 33.52 41.86
N SER A 815 1.04 34.10 41.52
CA SER A 815 1.84 34.76 42.56
C SER A 815 1.10 35.99 43.03
N GLY A 816 0.93 36.11 44.35
CA GLY A 816 0.31 37.28 44.95
C GLY A 816 -1.20 37.32 44.95
N GLU A 817 -1.87 36.42 44.25
CA GLU A 817 -3.32 36.41 44.28
C GLU A 817 -3.83 35.98 45.65
N SER A 818 -5.09 36.32 45.92
CA SER A 818 -5.80 35.80 47.09
C SER A 818 -7.22 35.45 46.65
N GLY A 819 -7.91 34.67 47.49
CA GLY A 819 -9.28 34.29 47.20
C GLY A 819 -9.50 33.06 46.32
N PHE A 820 -8.60 32.08 46.37
CA PHE A 820 -8.67 30.87 45.54
C PHE A 820 -9.85 29.97 45.92
N ASP A 821 -10.56 29.43 44.92
CA ASP A 821 -11.64 28.47 45.22
C ASP A 821 -11.12 27.24 45.95
N SER A 822 -9.86 26.89 45.74
CA SER A 822 -9.29 25.70 46.35
C SER A 822 -7.88 26.03 46.82
N ALA A 823 -7.46 25.37 47.90
CA ALA A 823 -6.13 25.55 48.46
C ALA A 823 -5.14 24.52 47.96
N TYR A 824 -5.55 23.68 47.01
CA TYR A 824 -4.69 22.63 46.50
C TYR A 824 -4.33 22.94 45.03
N PHE A 825 -3.06 22.70 44.68
CA PHE A 825 -2.51 23.05 43.37
C PHE A 825 -1.67 21.90 42.84
N VAL A 826 -1.70 21.71 41.52
CA VAL A 826 -0.77 20.78 40.86
C VAL A 826 0.22 21.66 40.10
N TYR A 827 1.44 21.17 39.94
CA TYR A 827 2.50 21.98 39.38
C TYR A 827 3.36 21.07 38.50
N PHE A 828 3.96 21.64 37.45
CA PHE A 828 4.85 20.82 36.64
C PHE A 828 6.28 20.80 37.13
N GLN A 829 6.86 21.95 37.46
CA GLN A 829 8.28 21.98 37.74
C GLN A 829 8.55 22.83 38.96
N ARG A 830 9.19 22.25 39.96
CA ARG A 830 9.58 22.95 41.18
C ARG A 830 11.04 23.32 41.12
N GLN A 831 11.36 24.52 41.56
CA GLN A 831 12.73 24.96 41.42
C GLN A 831 13.11 25.98 42.48
N LYS A 832 14.34 25.87 42.96
CA LYS A 832 14.90 26.71 44.01
C LYS A 832 15.79 27.74 43.37
N SER A 833 15.50 29.01 43.60
CA SER A 833 16.57 29.95 43.32
C SER A 833 16.84 30.78 44.56
N THR A 834 16.07 31.84 44.74
CA THR A 834 16.14 32.62 45.96
C THR A 834 15.17 32.09 47.00
N ASP A 835 14.25 31.24 46.56
CA ASP A 835 13.25 30.55 47.36
C ASP A 835 12.81 29.35 46.55
N LEU A 836 12.13 28.43 47.22
CA LEU A 836 11.65 27.27 46.49
C LEU A 836 10.42 27.72 45.72
N PHE A 837 10.50 27.70 44.40
CA PHE A 837 9.45 28.23 43.55
C PHE A 837 8.76 27.11 42.77
N LEU A 838 7.43 27.22 42.65
CA LEU A 838 6.68 26.47 41.67
C LEU A 838 6.58 27.33 40.41
N LEU A 839 7.06 26.81 39.27
CA LEU A 839 7.22 27.62 38.05
C LEU A 839 5.92 27.90 37.29
N ASP A 840 4.91 27.03 37.41
CA ASP A 840 3.61 27.08 36.73
C ASP A 840 2.61 26.29 37.56
N SER A 841 1.35 26.70 37.56
CA SER A 841 0.46 26.03 38.50
C SER A 841 -0.98 25.99 38.05
N THR A 842 -1.70 24.98 38.52
CA THR A 842 -3.13 24.83 38.30
C THR A 842 -3.83 24.46 39.60
N MET A 843 -4.79 25.28 40.01
CA MET A 843 -5.66 25.00 41.13
C MET A 843 -6.61 23.84 40.79
N VAL A 844 -6.68 22.82 41.65
CA VAL A 844 -7.50 21.62 41.43
C VAL A 844 -8.41 21.42 42.64
N PHE A 845 -9.40 20.53 42.48
CA PHE A 845 -10.25 20.37 43.66
C PHE A 845 -10.06 18.98 44.27
N PRO A 846 -10.24 18.85 45.59
CA PRO A 846 -10.03 17.56 46.21
C PRO A 846 -10.73 16.41 45.51
N MET A 847 -12.01 16.52 45.20
CA MET A 847 -12.69 15.38 44.58
C MET A 847 -11.96 14.90 43.30
N ALA A 848 -11.40 15.83 42.52
CA ALA A 848 -10.73 15.47 41.27
C ALA A 848 -9.48 14.64 41.53
N LEU A 849 -8.65 15.09 42.46
CA LEU A 849 -7.42 14.38 42.82
C LEU A 849 -7.74 12.96 43.23
N ILE A 850 -8.69 12.82 44.15
CA ILE A 850 -9.00 11.53 44.74
C ILE A 850 -9.45 10.52 43.67
N ILE A 851 -10.20 10.99 42.65
CA ILE A 851 -10.57 10.08 41.56
C ILE A 851 -9.35 9.65 40.78
N PHE A 852 -8.55 10.59 40.35
CA PHE A 852 -7.57 10.18 39.37
C PHE A 852 -6.24 9.77 40.02
N GLY A 853 -6.09 10.02 41.31
CA GLY A 853 -4.85 9.81 41.99
C GLY A 853 -4.78 8.41 42.52
N ASP A 854 -3.90 8.23 43.49
CA ASP A 854 -3.72 6.93 44.09
C ASP A 854 -3.50 7.13 45.58
N GLY A 855 -3.33 6.02 46.29
CA GLY A 855 -3.25 6.12 47.72
C GLY A 855 -4.56 6.55 48.33
N VAL A 856 -5.66 6.16 47.73
CA VAL A 856 -6.96 6.49 48.30
C VAL A 856 -7.37 5.34 49.20
N GLU A 857 -7.73 5.70 50.43
CA GLU A 857 -8.32 4.83 51.42
C GLU A 857 -9.24 5.65 52.32
N ALA A 858 -10.27 4.99 52.85
CA ALA A 858 -11.24 5.56 53.77
C ALA A 858 -11.10 4.94 55.17
N GLY A 859 -11.49 5.74 56.17
CA GLY A 859 -11.39 5.29 57.54
C GLY A 859 -12.07 6.27 58.49
N VAL A 860 -11.70 6.18 59.76
CA VAL A 860 -12.04 7.19 60.76
C VAL A 860 -10.76 7.51 61.53
N THR A 861 -10.43 8.80 61.65
CA THR A 861 -9.21 9.23 62.34
C THR A 861 -9.48 9.62 63.79
N GLN A 862 -10.32 10.64 64.04
CA GLN A 862 -10.72 10.81 65.43
C GLN A 862 -12.07 10.16 65.65
N ASN A 863 -13.15 10.90 65.54
CA ASN A 863 -14.43 10.26 65.35
C ASN A 863 -15.03 10.63 64.03
N THR A 864 -14.27 11.23 63.26
CA THR A 864 -14.51 11.80 61.96
C THR A 864 -14.26 10.74 60.91
N PRO A 865 -15.25 10.43 60.07
CA PRO A 865 -14.96 9.64 58.86
C PRO A 865 -14.20 10.46 57.79
N TYR A 866 -13.17 9.86 57.15
CA TYR A 866 -12.30 10.58 56.21
C TYR A 866 -12.16 9.87 54.87
N LEU A 867 -11.68 10.65 53.88
CA LEU A 867 -11.22 10.13 52.60
C LEU A 867 -9.96 10.88 52.23
N CYS A 868 -8.89 10.16 51.86
CA CYS A 868 -7.60 10.79 51.66
C CYS A 868 -7.06 10.43 50.27
N VAL A 869 -5.91 11.02 49.94
CA VAL A 869 -5.21 10.74 48.69
C VAL A 869 -3.71 10.79 48.95
N ALA A 870 -2.99 9.80 48.45
CA ALA A 870 -1.55 9.68 48.62
C ALA A 870 -1.14 9.58 50.09
N LYS A 871 -2.07 9.13 50.94
CA LYS A 871 -1.83 9.02 52.38
C LYS A 871 -1.29 10.31 53.00
N THR A 872 -1.65 11.45 52.41
CA THR A 872 -1.09 12.72 52.83
C THR A 872 -2.18 13.73 53.13
N TYR A 873 -3.00 14.05 52.14
CA TYR A 873 -4.13 14.93 52.36
C TYR A 873 -5.35 14.05 52.68
N TYR A 874 -5.82 14.14 53.92
CA TYR A 874 -6.99 13.39 54.40
C TYR A 874 -8.14 14.38 54.54
N PHE A 875 -9.25 14.13 53.84
CA PHE A 875 -10.40 15.03 53.82
C PHE A 875 -11.58 14.39 54.53
N LYS A 876 -12.40 15.23 55.16
CA LYS A 876 -13.63 14.75 55.76
C LYS A 876 -14.53 14.23 54.65
N CYS A 877 -15.12 13.07 54.89
CA CYS A 877 -16.06 12.51 53.95
C CYS A 877 -17.00 11.62 54.75
N ASN A 878 -18.26 11.55 54.33
CA ASN A 878 -19.17 10.58 54.92
C ASN A 878 -19.03 9.24 54.19
N ARG A 879 -19.72 8.21 54.69
CA ARG A 879 -19.45 6.88 54.17
C ARG A 879 -20.15 6.58 52.85
N GLU A 880 -21.37 7.08 52.63
CA GLU A 880 -22.07 6.78 51.39
C GLU A 880 -21.25 7.25 50.21
N THR A 881 -20.55 8.37 50.39
CA THR A 881 -19.68 8.91 49.33
C THR A 881 -18.41 8.09 49.19
N ALA A 882 -17.75 7.76 50.29
CA ALA A 882 -16.54 6.95 50.19
C ALA A 882 -16.79 5.66 49.42
N ASP A 883 -17.80 4.89 49.83
CA ASP A 883 -18.06 3.61 49.18
C ASP A 883 -18.33 3.77 47.68
N VAL A 884 -18.84 4.94 47.28
CA VAL A 884 -19.19 5.23 45.87
C VAL A 884 -17.98 5.71 45.06
N VAL A 885 -17.17 6.60 45.64
CA VAL A 885 -15.96 7.08 44.97
C VAL A 885 -14.95 5.96 44.84
N ILE A 886 -14.80 5.17 45.91
CA ILE A 886 -13.91 4.02 45.89
C ILE A 886 -14.41 2.95 44.94
N GLN A 887 -15.74 2.76 44.85
CA GLN A 887 -16.29 1.91 43.79
C GLN A 887 -16.12 2.57 42.42
N LEU A 888 -16.12 3.92 42.37
CA LEU A 888 -15.90 4.61 41.10
C LEU A 888 -14.46 4.40 40.60
N ARG A 889 -13.45 4.53 41.48
CA ARG A 889 -12.05 4.36 41.05
C ARG A 889 -11.75 2.97 40.49
N SER A 890 -12.41 1.92 41.02
CA SER A 890 -12.26 0.58 40.45
C SER A 890 -12.75 0.53 39.01
N ASN A 891 -13.96 1.04 38.77
CA ASN A 891 -14.52 0.95 37.43
C ASN A 891 -13.75 1.85 36.43
N LEU A 892 -13.13 2.95 36.90
CA LEU A 892 -12.29 3.76 36.04
C LEU A 892 -11.03 3.03 35.65
N GLU A 893 -10.32 2.46 36.63
CA GLU A 893 -9.10 1.72 36.32
C GLU A 893 -9.37 0.55 35.38
N LYS A 894 -10.49 -0.16 35.57
CA LYS A 894 -10.89 -1.22 34.65
C LYS A 894 -11.06 -0.70 33.24
N LEU A 895 -11.67 0.47 33.08
CA LEU A 895 -11.87 1.06 31.76
C LEU A 895 -10.55 1.40 31.10
N LEU A 896 -9.66 2.06 31.83
CA LEU A 896 -8.38 2.47 31.29
C LEU A 896 -7.58 1.27 30.80
N LEU A 897 -7.52 0.21 31.60
CA LEU A 897 -6.76 -0.96 31.20
C LEU A 897 -7.34 -1.54 29.91
N LYS A 898 -8.66 -1.46 29.73
CA LYS A 898 -9.30 -1.96 28.51
C LYS A 898 -9.08 -1.04 27.32
N LYS A 899 -9.25 0.29 27.50
CA LYS A 899 -9.05 1.23 26.39
C LYS A 899 -7.64 1.18 25.84
N ALA A 900 -6.65 0.89 26.71
CA ALA A 900 -5.28 0.76 26.24
C ALA A 900 -5.08 -0.49 25.39
N LEU A 901 -5.62 -1.63 25.79
CA LEU A 901 -5.42 -2.82 24.98
C LEU A 901 -6.21 -2.76 23.69
N TYR A 902 -7.43 -2.24 23.75
CA TYR A 902 -8.34 -2.27 22.62
C TYR A 902 -8.72 -0.82 22.34
N PRO A 903 -7.88 -0.09 21.60
CA PRO A 903 -8.17 1.32 21.32
C PRO A 903 -9.46 1.46 20.55
N ALA A 904 -10.24 2.47 20.93
CA ALA A 904 -11.47 2.86 20.27
C ALA A 904 -11.94 4.13 20.94
N PRO A 905 -12.58 5.04 20.21
CA PRO A 905 -13.18 6.19 20.87
C PRO A 905 -14.36 5.71 21.71
N ILE A 906 -14.60 6.42 22.78
CA ILE A 906 -15.72 6.12 23.64
C ILE A 906 -16.99 6.46 22.87
N GLU A 907 -17.88 5.48 22.70
CA GLU A 907 -19.11 5.76 21.97
C GLU A 907 -19.95 6.75 22.74
N GLU A 908 -20.56 7.70 22.02
CA GLU A 908 -21.27 8.74 22.72
C GLU A 908 -22.42 8.18 23.53
N ASN A 909 -23.14 7.23 22.96
CA ASN A 909 -24.27 6.62 23.63
C ASN A 909 -24.00 5.23 24.20
N GLY A 910 -22.79 4.72 24.12
CA GLY A 910 -22.52 3.36 24.57
C GLY A 910 -22.38 3.25 26.09
N TYR A 911 -22.01 2.03 26.52
CA TYR A 911 -21.84 1.72 27.95
C TYR A 911 -20.65 2.44 28.57
N GLU A 912 -19.54 2.52 27.83
CA GLU A 912 -18.35 3.16 28.39
C GLU A 912 -18.62 4.62 28.71
N LYS A 913 -19.34 5.31 27.84
CA LYS A 913 -19.63 6.70 28.08
C LYS A 913 -20.34 6.89 29.42
N GLN A 914 -21.10 5.89 29.87
CA GLN A 914 -21.84 6.00 31.13
C GLN A 914 -20.91 6.30 32.29
N LEU A 915 -19.77 5.63 32.35
CA LEU A 915 -18.84 5.90 33.45
C LEU A 915 -18.24 7.30 33.32
N ILE A 916 -18.04 7.76 32.08
CA ILE A 916 -17.57 9.13 31.90
C ILE A 916 -18.56 10.10 32.53
N LYS A 917 -19.83 9.99 32.16
CA LYS A 917 -20.82 10.92 32.67
C LYS A 917 -20.85 10.90 34.20
N ALA A 918 -20.64 9.73 34.79
CA ALA A 918 -20.56 9.65 36.25
C ALA A 918 -19.46 10.54 36.80
N ILE A 919 -18.33 10.64 36.10
CA ILE A 919 -17.24 11.46 36.65
C ILE A 919 -17.43 12.94 36.32
N GLU A 920 -17.99 13.24 35.14
CA GLU A 920 -18.38 14.61 34.81
C GLU A 920 -19.32 15.17 35.87
N LEU A 921 -20.29 14.35 36.29
CA LEU A 921 -21.23 14.75 37.32
C LEU A 921 -20.52 15.11 38.61
N LEU A 922 -19.74 14.17 39.16
CA LEU A 922 -19.13 14.40 40.47
C LEU A 922 -18.19 15.60 40.46
N LEU A 923 -17.41 15.75 39.38
CA LEU A 923 -16.43 16.83 39.32
C LEU A 923 -17.11 18.18 39.16
N SER A 924 -18.32 18.19 38.57
CA SER A 924 -19.06 19.42 38.31
C SER A 924 -19.55 20.09 39.59
N LEU A 925 -19.71 19.33 40.67
CA LEU A 925 -20.19 19.85 41.96
C LEU A 925 -19.26 20.91 42.57
N ASP A 926 -18.04 21.06 42.09
CA ASP A 926 -17.10 22.05 42.58
C ASP A 926 -17.25 23.40 41.88
N GLU A 927 -18.13 23.49 40.89
CA GLU A 927 -18.19 24.68 40.05
C GLU A 927 -18.39 25.95 40.87
N ARG A 928 -17.83 27.03 40.34
CA ARG A 928 -18.00 28.34 40.94
C ARG A 928 -19.42 28.82 40.67
N LEU A 929 -20.15 29.04 41.73
CA LEU A 929 -21.54 29.45 41.60
C LEU A 929 -21.62 30.97 41.54
N ILE B 52 -47.94 -4.67 -41.32
CA ILE B 52 -47.80 -4.61 -39.86
C ILE B 52 -48.84 -5.52 -39.20
N ARG B 53 -48.35 -6.53 -38.47
CA ARG B 53 -49.20 -7.46 -37.72
C ARG B 53 -49.15 -7.12 -36.24
N LEU B 54 -50.32 -7.02 -35.63
CA LEU B 54 -50.44 -6.57 -34.24
C LEU B 54 -50.32 -7.73 -33.27
N GLY B 55 -49.69 -7.47 -32.13
CA GLY B 55 -49.60 -8.43 -31.05
C GLY B 55 -50.50 -8.11 -29.88
N CYS B 56 -50.29 -8.85 -28.79
CA CYS B 56 -51.19 -8.81 -27.63
C CYS B 56 -51.03 -7.53 -26.82
N ASN B 57 -52.03 -7.26 -25.98
CA ASN B 57 -52.16 -5.99 -25.27
C ASN B 57 -51.25 -5.87 -24.05
N VAL B 58 -50.34 -4.90 -24.10
CA VAL B 58 -49.44 -4.59 -22.99
C VAL B 58 -49.95 -3.45 -22.14
N SER B 59 -51.14 -2.94 -22.40
CA SER B 59 -51.60 -1.79 -21.66
C SER B 59 -51.67 -2.14 -20.19
N ALA B 60 -51.58 -1.10 -19.37
CA ALA B 60 -51.41 -1.28 -17.95
C ALA B 60 -52.63 -0.83 -17.17
N PRO B 61 -52.88 -1.42 -16.00
CA PRO B 61 -53.98 -0.93 -15.16
C PRO B 61 -53.78 0.54 -14.80
N SER B 62 -54.89 1.24 -14.61
CA SER B 62 -54.78 2.63 -14.24
C SER B 62 -54.00 2.76 -12.95
N GLY B 63 -54.27 1.85 -12.02
CA GLY B 63 -53.63 1.92 -10.72
C GLY B 63 -52.12 1.74 -10.78
N VAL B 64 -51.66 0.92 -11.71
CA VAL B 64 -50.22 0.77 -11.91
C VAL B 64 -49.64 2.06 -12.48
N LEU B 65 -50.27 2.59 -13.53
CA LEU B 65 -49.79 3.80 -14.22
C LEU B 65 -49.67 4.99 -13.27
N GLU B 66 -50.58 5.11 -12.31
CA GLU B 66 -50.52 6.22 -11.36
C GLU B 66 -49.27 6.14 -10.48
N ARG B 67 -48.96 4.95 -9.95
CA ARG B 67 -47.80 4.80 -9.06
C ARG B 67 -46.49 4.85 -9.82
N VAL B 68 -46.43 4.26 -11.02
CA VAL B 68 -45.25 4.39 -11.86
C VAL B 68 -44.91 5.85 -12.02
N LYS B 69 -45.94 6.66 -12.31
CA LYS B 69 -45.71 8.10 -12.45
C LYS B 69 -45.32 8.73 -11.12
N GLU B 70 -45.89 8.28 -10.01
CA GLU B 70 -45.45 8.83 -8.73
C GLU B 70 -43.97 8.56 -8.51
N LEU B 71 -43.49 7.37 -8.93
CA LEU B 71 -42.09 7.01 -8.71
C LEU B 71 -41.15 7.79 -9.62
N MET B 72 -41.38 7.74 -10.94
CA MET B 72 -40.51 8.44 -11.86
C MET B 72 -40.29 9.88 -11.42
N GLU B 73 -41.32 10.47 -10.81
CA GLU B 73 -41.27 11.83 -10.31
C GLU B 73 -40.67 11.95 -8.93
N ASP B 74 -40.60 10.86 -8.15
CA ASP B 74 -39.67 10.86 -7.01
C ASP B 74 -38.22 10.84 -7.50
N TYR B 75 -37.93 9.99 -8.50
CA TYR B 75 -36.58 9.88 -9.05
C TYR B 75 -36.14 11.20 -9.64
N SER B 76 -37.00 11.82 -10.44
CA SER B 76 -36.70 13.07 -11.12
C SER B 76 -36.38 14.22 -10.13
N ARG B 77 -36.68 14.06 -8.84
CA ARG B 77 -36.42 15.08 -7.83
C ARG B 77 -35.05 14.92 -7.19
N ALA B 78 -34.22 14.00 -7.68
CA ALA B 78 -32.89 13.90 -7.10
C ALA B 78 -32.01 15.03 -7.62
N PRO B 79 -31.12 15.57 -6.78
CA PRO B 79 -30.18 16.61 -7.21
C PRO B 79 -29.29 16.19 -8.39
N ASP B 90 -17.69 10.65 -4.25
CA ASP B 90 -16.54 10.97 -5.10
C ASP B 90 -16.42 10.01 -6.29
N ALA B 91 -15.92 10.52 -7.42
CA ALA B 91 -15.70 9.66 -8.58
C ALA B 91 -14.25 9.74 -8.99
N LYS B 92 -13.52 8.69 -8.65
CA LYS B 92 -12.21 8.51 -9.23
C LYS B 92 -12.39 8.00 -10.64
N PHE B 93 -13.51 7.32 -10.92
CA PHE B 93 -13.67 6.61 -12.19
C PHE B 93 -13.84 7.55 -13.36
N GLN B 94 -14.62 8.61 -13.17
CA GLN B 94 -14.85 9.54 -14.27
C GLN B 94 -13.55 10.16 -14.78
N GLN B 95 -12.69 10.59 -13.86
CA GLN B 95 -11.39 11.16 -14.21
C GLN B 95 -10.54 10.14 -14.96
N GLN B 96 -10.51 8.89 -14.52
CA GLN B 96 -9.77 7.85 -15.22
C GLN B 96 -10.32 7.69 -16.64
N PHE B 97 -11.64 7.79 -16.79
CA PHE B 97 -12.28 7.66 -18.09
C PHE B 97 -12.05 8.89 -18.95
N ARG B 98 -12.02 10.08 -18.36
CA ARG B 98 -11.69 11.25 -19.18
C ARG B 98 -10.22 11.19 -19.60
N HIS B 99 -9.35 10.80 -18.67
CA HIS B 99 -7.92 10.75 -18.93
C HIS B 99 -7.56 9.69 -19.96
N LEU B 100 -8.25 8.56 -19.96
CA LEU B 100 -7.94 7.55 -20.98
C LEU B 100 -8.25 8.07 -22.38
N LEU B 101 -9.28 8.91 -22.51
CA LEU B 101 -9.65 9.43 -23.82
C LEU B 101 -8.73 10.56 -24.27
N SER B 102 -8.23 11.37 -23.33
CA SER B 102 -7.46 12.57 -23.67
C SER B 102 -6.03 12.30 -24.09
N VAL B 103 -5.43 11.18 -23.64
CA VAL B 103 -4.01 10.95 -23.91
C VAL B 103 -3.87 10.42 -25.33
N ASN B 104 -2.86 10.91 -26.03
CA ASN B 104 -2.52 10.38 -27.33
C ASN B 104 -1.62 9.19 -27.14
N PHE B 105 -1.24 8.52 -28.22
CA PHE B 105 -0.58 7.24 -27.99
C PHE B 105 0.81 7.45 -27.37
N GLU B 106 1.48 8.56 -27.68
CA GLU B 106 2.82 8.79 -27.11
C GLU B 106 2.77 8.95 -25.59
N GLU B 107 1.81 9.70 -25.08
CA GLU B 107 1.68 9.87 -23.65
C GLU B 107 1.28 8.56 -22.99
N PHE B 108 0.35 7.82 -23.62
CA PHE B 108 -0.08 6.52 -23.10
C PHE B 108 1.12 5.63 -22.88
N VAL B 109 2.07 5.67 -23.83
CA VAL B 109 3.33 4.95 -23.66
C VAL B 109 4.11 5.52 -22.48
N ALA B 110 4.39 6.82 -22.51
CA ALA B 110 5.25 7.43 -21.51
C ALA B 110 4.72 7.18 -20.11
N GLU B 111 3.41 7.31 -19.93
CA GLU B 111 2.83 7.19 -18.59
C GLU B 111 3.01 5.78 -18.01
N THR B 112 2.60 4.75 -18.77
CA THR B 112 2.60 3.39 -18.21
C THR B 112 4.01 2.92 -17.91
N LYS B 113 5.02 3.50 -18.55
CA LYS B 113 6.38 3.16 -18.20
C LYS B 113 6.59 3.43 -16.72
N GLU B 114 5.98 4.50 -16.20
CA GLU B 114 6.24 4.96 -14.83
C GLU B 114 5.54 4.09 -13.78
N ARG B 115 4.30 3.69 -14.03
CA ARG B 115 3.58 2.90 -13.02
C ARG B 115 4.12 1.49 -12.94
N ASN B 116 4.62 0.97 -14.07
CA ASN B 116 5.31 -0.31 -14.06
C ASN B 116 6.79 0.00 -14.25
N ALA B 117 7.46 0.23 -13.13
CA ALA B 117 8.88 0.40 -13.06
C ALA B 117 9.57 -0.75 -12.37
N ASP B 118 8.79 -1.75 -11.91
CA ASP B 118 9.32 -2.67 -10.90
C ASP B 118 10.64 -3.29 -11.30
N LEU B 119 10.78 -3.67 -12.56
CA LEU B 119 11.92 -4.47 -12.97
C LEU B 119 13.17 -3.61 -13.12
N ASP B 120 13.06 -2.27 -13.03
CA ASP B 120 14.20 -1.35 -12.98
C ASP B 120 15.03 -1.51 -11.71
N TRP B 121 14.55 -2.32 -10.77
CA TRP B 121 15.15 -2.52 -9.45
C TRP B 121 15.57 -3.97 -9.30
N VAL B 122 16.86 -4.20 -9.12
CA VAL B 122 17.36 -5.55 -8.87
C VAL B 122 17.91 -5.62 -7.47
N ASN B 123 18.05 -6.87 -6.96
CA ASN B 123 18.43 -7.21 -5.60
C ASN B 123 19.78 -7.89 -5.63
N PRO B 124 20.89 -7.13 -5.67
CA PRO B 124 22.20 -7.77 -5.81
C PRO B 124 22.50 -8.80 -4.73
N LYS B 125 22.08 -8.55 -3.49
CA LYS B 125 22.35 -9.54 -2.48
C LYS B 125 21.58 -10.83 -2.79
N LEU B 126 20.42 -10.70 -3.42
CA LEU B 126 19.70 -11.85 -3.94
C LEU B 126 20.42 -12.48 -5.13
N ASP B 127 20.90 -11.67 -6.07
CA ASP B 127 21.63 -12.20 -7.22
C ASP B 127 22.72 -13.14 -6.73
N GLU B 128 23.60 -12.58 -5.90
CA GLU B 128 24.79 -13.29 -5.44
C GLU B 128 24.43 -14.56 -4.72
N ARG B 129 23.35 -14.52 -3.95
CA ARG B 129 22.96 -15.67 -3.16
C ARG B 129 22.46 -16.82 -4.03
N LEU B 130 21.79 -16.49 -5.13
CA LEU B 130 21.25 -17.52 -6.00
C LEU B 130 22.35 -18.08 -6.91
N GLN B 131 23.22 -17.22 -7.43
CA GLN B 131 24.42 -17.67 -8.14
C GLN B 131 25.19 -18.63 -7.28
N LEU B 132 25.30 -18.33 -5.99
CA LEU B 132 26.10 -19.12 -5.05
C LEU B 132 25.47 -20.47 -4.80
N GLU B 133 24.14 -20.52 -4.67
CA GLU B 133 23.49 -21.80 -4.43
C GLU B 133 23.37 -22.67 -5.70
N LEU B 134 23.42 -22.07 -6.89
CA LEU B 134 23.25 -22.87 -8.11
C LEU B 134 24.45 -23.77 -8.34
N GLY B 135 25.64 -23.17 -8.49
CA GLY B 135 26.85 -23.96 -8.71
C GLY B 135 27.05 -25.03 -7.66
N GLN B 136 26.59 -24.75 -6.43
CA GLN B 136 26.65 -25.70 -5.33
C GLN B 136 25.69 -26.86 -5.51
N ARG B 137 24.40 -26.57 -5.69
CA ARG B 137 23.45 -27.69 -5.69
C ARG B 137 23.52 -28.54 -6.96
N GLN B 138 24.30 -28.16 -7.96
CA GLN B 138 24.45 -29.01 -9.12
C GLN B 138 25.40 -30.17 -8.86
N LEU B 139 26.19 -30.08 -7.78
CA LEU B 139 27.16 -31.08 -7.37
C LEU B 139 26.55 -32.09 -6.42
N GLU B 140 25.35 -31.81 -5.95
CA GLU B 140 24.61 -32.66 -5.06
C GLU B 140 24.20 -33.93 -5.78
N GLU B 141 23.77 -34.91 -5.01
CA GLU B 141 23.12 -36.00 -5.67
C GLU B 141 21.63 -35.91 -5.36
N ASN B 142 20.91 -35.12 -6.19
CA ASN B 142 19.49 -35.25 -6.56
C ASN B 142 19.42 -34.83 -8.04
N ALA B 143 19.87 -33.59 -8.30
CA ALA B 143 20.33 -33.14 -9.60
C ALA B 143 21.63 -33.83 -10.00
N LYS B 144 21.96 -33.67 -11.28
CA LYS B 144 23.08 -34.26 -12.00
C LYS B 144 22.70 -35.64 -12.55
N LYS B 145 21.62 -36.27 -12.05
CA LYS B 145 20.84 -37.21 -12.88
C LYS B 145 19.78 -36.47 -13.66
N ARG B 146 19.08 -35.58 -12.97
CA ARG B 146 18.08 -34.80 -13.65
C ARG B 146 18.73 -33.72 -14.48
N LEU B 147 19.98 -33.37 -14.19
CA LEU B 147 20.75 -32.70 -15.23
C LEU B 147 21.08 -33.71 -16.32
N GLU B 148 21.36 -34.96 -15.94
CA GLU B 148 21.74 -35.95 -16.94
C GLU B 148 20.53 -36.51 -17.70
N ALA B 149 19.37 -36.62 -17.05
CA ALA B 149 18.17 -36.97 -17.79
C ALA B 149 17.67 -35.82 -18.67
N ARG B 150 17.91 -34.57 -18.26
CA ARG B 150 17.58 -33.42 -19.09
C ARG B 150 18.44 -33.36 -20.35
N LYS B 151 19.75 -33.68 -20.26
CA LYS B 151 20.69 -33.60 -21.38
C LYS B 151 20.38 -34.62 -22.49
N LYS B 152 19.54 -35.63 -22.23
CA LYS B 152 19.05 -36.49 -23.30
C LYS B 152 18.03 -35.81 -24.18
N LEU B 153 17.43 -34.69 -23.76
CA LEU B 153 16.43 -34.01 -24.59
C LEU B 153 17.08 -33.25 -25.74
N PRO B 154 16.50 -33.32 -26.92
CA PRO B 154 17.05 -32.59 -28.07
C PRO B 154 17.28 -31.11 -27.83
N THR B 155 16.40 -30.42 -27.08
CA THR B 155 16.58 -28.98 -26.93
C THR B 155 17.94 -28.67 -26.32
N MET B 156 18.40 -29.53 -25.41
CA MET B 156 19.59 -29.27 -24.63
C MET B 156 20.84 -29.27 -25.50
N LYS B 157 20.82 -30.00 -26.63
CA LYS B 157 21.87 -29.85 -27.63
C LYS B 157 22.02 -28.40 -28.04
N TYR B 158 20.93 -27.66 -28.05
CA TYR B 158 20.87 -26.30 -28.54
C TYR B 158 20.97 -25.25 -27.46
N ALA B 159 21.15 -25.65 -26.19
CA ALA B 159 21.15 -24.73 -25.07
C ALA B 159 22.02 -23.50 -25.35
N ASP B 160 23.26 -23.73 -25.76
CA ASP B 160 24.17 -22.61 -25.91
C ASP B 160 23.87 -21.78 -27.15
N ASP B 161 23.45 -22.42 -28.24
CA ASP B 161 23.18 -21.67 -29.45
C ASP B 161 21.94 -20.79 -29.29
N ILE B 162 20.99 -21.21 -28.43
CA ILE B 162 19.80 -20.40 -28.16
C ILE B 162 20.17 -19.19 -27.30
N ILE B 163 20.97 -19.42 -26.25
CA ILE B 163 21.36 -18.32 -25.35
C ILE B 163 21.92 -17.17 -26.15
N GLN B 164 22.80 -17.49 -27.10
CA GLN B 164 23.44 -16.45 -27.90
C GLN B 164 22.43 -15.77 -28.84
N ALA B 165 21.50 -16.54 -29.43
CA ALA B 165 20.52 -15.96 -30.35
C ALA B 165 19.62 -14.95 -29.66
N VAL B 166 19.21 -15.25 -28.43
CA VAL B 166 18.38 -14.33 -27.65
C VAL B 166 19.18 -13.07 -27.31
N ARG B 167 20.45 -13.23 -26.93
CA ARG B 167 21.27 -12.06 -26.69
C ARG B 167 21.34 -11.17 -27.93
N GLU B 168 21.53 -11.77 -29.11
CA GLU B 168 21.76 -11.04 -30.35
C GLU B 168 20.48 -10.69 -31.11
N ASN B 169 19.34 -11.22 -30.69
CA ASN B 169 18.10 -10.90 -31.39
C ASN B 169 16.98 -10.73 -30.39
N GLN B 170 16.10 -9.77 -30.68
CA GLN B 170 14.93 -9.54 -29.85
C GLN B 170 13.96 -10.72 -29.92
N VAL B 171 13.57 -11.09 -31.14
CA VAL B 171 12.64 -12.20 -31.41
C VAL B 171 13.45 -13.34 -31.99
N ILE B 172 13.23 -14.56 -31.49
CA ILE B 172 13.66 -15.76 -32.19
C ILE B 172 12.49 -16.74 -32.23
N LEU B 173 12.62 -17.77 -33.07
CA LEU B 173 11.60 -18.80 -33.22
C LEU B 173 12.26 -20.16 -33.09
N ILE B 174 11.78 -20.97 -32.14
CA ILE B 174 12.30 -22.32 -31.89
C ILE B 174 11.23 -23.29 -32.34
N VAL B 175 11.49 -24.04 -33.41
CA VAL B 175 10.46 -24.88 -34.03
C VAL B 175 10.84 -26.34 -33.80
N GLY B 176 10.00 -27.06 -33.10
CA GLY B 176 10.28 -28.46 -32.83
C GLY B 176 9.00 -29.21 -32.64
N SER B 177 9.04 -30.51 -32.90
CA SER B 177 7.87 -31.37 -32.85
C SER B 177 7.76 -32.01 -31.46
N THR B 178 6.70 -32.79 -31.26
CA THR B 178 6.41 -33.29 -29.92
C THR B 178 7.64 -33.99 -29.35
N GLY B 179 7.87 -33.79 -28.05
CA GLY B 179 8.96 -34.44 -27.38
C GLY B 179 10.30 -33.71 -27.38
N CYS B 180 10.44 -32.61 -28.12
CA CYS B 180 11.71 -31.91 -28.14
C CYS B 180 12.07 -31.20 -26.84
N GLY B 181 11.14 -31.06 -25.89
CA GLY B 181 11.45 -30.43 -24.63
C GLY B 181 11.54 -28.92 -24.67
N LYS B 182 11.16 -28.29 -25.78
CA LYS B 182 11.29 -26.84 -25.89
C LYS B 182 10.50 -26.11 -24.81
N THR B 183 9.29 -26.60 -24.49
CA THR B 183 8.43 -25.92 -23.54
C THR B 183 8.98 -25.97 -22.14
N THR B 184 9.42 -27.14 -21.70
CA THR B 184 10.04 -27.22 -20.39
C THR B 184 11.47 -26.67 -20.38
N GLN B 185 12.25 -26.92 -21.43
CA GLN B 185 13.69 -26.62 -21.37
C GLN B 185 14.09 -25.18 -21.69
N VAL B 186 13.50 -24.53 -22.68
CA VAL B 186 13.92 -23.15 -23.01
C VAL B 186 13.73 -22.21 -21.84
N PRO B 187 12.67 -22.29 -21.03
CA PRO B 187 12.64 -21.45 -19.82
C PRO B 187 13.75 -21.74 -18.83
N GLN B 188 13.98 -23.02 -18.51
CA GLN B 188 15.02 -23.38 -17.56
C GLN B 188 16.38 -22.92 -18.06
N ILE B 189 16.64 -23.05 -19.36
CA ILE B 189 17.89 -22.61 -19.96
C ILE B 189 18.11 -21.12 -19.77
N LEU B 190 17.15 -20.30 -20.16
CA LEU B 190 17.34 -18.85 -20.15
C LEU B 190 17.53 -18.32 -18.73
N LEU B 191 16.76 -18.86 -17.77
CA LEU B 191 16.86 -18.46 -16.36
C LEU B 191 18.22 -18.81 -15.78
N ASP B 192 18.64 -20.06 -15.94
CA ASP B 192 19.91 -20.47 -15.39
C ASP B 192 21.07 -19.74 -16.05
N ASP B 193 20.89 -19.23 -17.27
CA ASP B 193 21.90 -18.33 -17.81
C ASP B 193 21.95 -17.06 -16.97
N ALA B 194 20.77 -16.49 -16.64
CA ALA B 194 20.73 -15.26 -15.87
C ALA B 194 21.18 -15.46 -14.42
N ILE B 195 20.87 -16.60 -13.80
CA ILE B 195 21.35 -16.79 -12.43
C ILE B 195 22.86 -16.81 -12.38
N SER B 196 23.47 -17.57 -13.29
CA SER B 196 24.92 -17.73 -13.31
C SER B 196 25.67 -16.43 -13.63
N ARG B 197 25.16 -15.63 -14.56
CA ARG B 197 25.88 -14.41 -14.94
C ARG B 197 25.86 -13.34 -13.85
N GLY B 198 25.22 -13.64 -12.72
CA GLY B 198 25.02 -12.71 -11.61
C GLY B 198 23.92 -11.71 -11.82
N CYS B 199 22.98 -11.99 -12.72
CA CYS B 199 21.83 -11.15 -13.04
C CYS B 199 20.52 -11.65 -12.42
N ALA B 200 20.56 -12.72 -11.60
CA ALA B 200 19.41 -13.59 -11.32
C ALA B 200 18.10 -12.85 -10.97
N SER B 201 18.18 -11.73 -10.25
CA SER B 201 16.93 -11.07 -9.87
C SER B 201 16.29 -10.36 -11.05
N SER B 202 17.08 -9.94 -12.03
CA SER B 202 16.66 -9.17 -13.19
C SER B 202 15.83 -9.96 -14.20
N CYS B 203 15.56 -11.25 -13.95
CA CYS B 203 14.94 -12.19 -14.89
C CYS B 203 13.58 -12.72 -14.42
N ARG B 204 12.55 -12.48 -15.22
CA ARG B 204 11.21 -13.03 -15.02
C ARG B 204 10.67 -13.49 -16.36
N ILE B 205 10.39 -14.78 -16.47
CA ILE B 205 10.00 -15.41 -17.72
C ILE B 205 8.54 -15.79 -17.63
N ILE B 206 7.76 -15.39 -18.63
CA ILE B 206 6.34 -15.72 -18.72
C ILE B 206 6.12 -16.55 -19.97
N CYS B 207 5.69 -17.80 -19.79
CA CYS B 207 5.49 -18.72 -20.90
C CYS B 207 4.01 -19.09 -21.03
N THR B 208 3.39 -18.68 -22.14
CA THR B 208 1.97 -18.92 -22.34
C THR B 208 1.72 -20.33 -22.92
N GLN B 209 0.58 -20.92 -22.56
CA GLN B 209 0.07 -22.17 -23.12
C GLN B 209 -1.32 -21.94 -23.68
N PRO B 210 -1.76 -22.73 -24.65
CA PRO B 210 -3.13 -22.55 -25.13
C PRO B 210 -4.17 -23.04 -24.15
N ARG B 211 -3.88 -24.10 -23.38
CA ARG B 211 -4.86 -24.81 -22.58
C ARG B 211 -4.54 -24.70 -21.10
N ARG B 212 -5.61 -24.79 -20.28
CA ARG B 212 -5.41 -24.76 -18.83
C ARG B 212 -4.70 -26.01 -18.31
N ILE B 213 -5.11 -27.20 -18.77
CA ILE B 213 -4.49 -28.42 -18.26
C ILE B 213 -2.99 -28.41 -18.53
N SER B 214 -2.59 -28.06 -19.76
CA SER B 214 -1.19 -28.07 -20.14
C SER B 214 -0.37 -27.03 -19.37
N ALA B 215 -0.91 -25.83 -19.17
CA ALA B 215 -0.16 -24.83 -18.42
C ALA B 215 0.18 -25.32 -17.02
N ILE B 216 -0.73 -26.07 -16.39
CA ILE B 216 -0.48 -26.64 -15.05
C ILE B 216 0.51 -27.80 -15.14
N ALA B 217 0.19 -28.82 -15.93
CA ALA B 217 1.00 -30.02 -15.97
C ALA B 217 2.45 -29.68 -16.27
N ILE B 218 2.68 -28.84 -17.26
CA ILE B 218 4.02 -28.38 -17.58
C ILE B 218 4.68 -27.79 -16.34
N ALA B 219 3.93 -27.02 -15.55
CA ALA B 219 4.54 -26.30 -14.44
C ALA B 219 4.95 -27.24 -13.31
N GLU B 220 4.11 -28.24 -12.99
CA GLU B 220 4.52 -29.23 -11.99
C GLU B 220 5.71 -30.05 -12.49
N TRP B 221 5.75 -30.31 -13.79
CA TRP B 221 6.89 -31.03 -14.36
C TRP B 221 8.17 -30.21 -14.25
N VAL B 222 8.15 -28.98 -14.77
CA VAL B 222 9.33 -28.12 -14.74
C VAL B 222 9.84 -27.95 -13.32
N SER B 223 8.94 -28.03 -12.32
CA SER B 223 9.34 -27.86 -10.93
C SER B 223 9.91 -29.16 -10.35
N TYR B 224 9.26 -30.30 -10.63
CA TYR B 224 9.81 -31.58 -10.25
C TYR B 224 11.26 -31.73 -10.73
N GLU B 225 11.56 -31.23 -11.93
CA GLU B 225 12.90 -31.26 -12.52
C GLU B 225 13.89 -30.36 -11.79
N ARG B 226 13.41 -29.39 -11.00
CA ARG B 226 14.26 -28.51 -10.18
C ARG B 226 14.29 -28.89 -8.68
N CYS B 227 13.63 -29.99 -8.29
CA CYS B 227 13.57 -30.47 -6.90
C CYS B 227 12.93 -29.43 -6.00
N GLU B 228 11.85 -28.82 -6.48
CA GLU B 228 11.12 -27.81 -5.74
C GLU B 228 9.65 -28.19 -5.78
N SER B 229 8.91 -27.78 -4.75
CA SER B 229 7.44 -27.79 -4.85
C SER B 229 6.99 -26.55 -5.61
N LEU B 230 5.78 -26.62 -6.12
CA LEU B 230 5.24 -25.48 -6.85
C LEU B 230 5.32 -24.21 -6.01
N GLY B 231 5.58 -23.11 -6.68
CA GLY B 231 5.54 -21.82 -6.02
C GLY B 231 6.86 -21.19 -5.72
N ASN B 232 8.00 -21.81 -6.13
CA ASN B 232 9.27 -21.12 -5.95
C ASN B 232 9.84 -20.51 -7.21
N SER B 233 10.60 -21.29 -7.97
CA SER B 233 11.10 -20.76 -9.23
C SER B 233 10.14 -21.00 -10.35
N VAL B 234 9.29 -22.00 -10.20
CA VAL B 234 8.26 -22.30 -11.18
C VAL B 234 6.91 -22.12 -10.51
N GLY B 235 6.01 -21.45 -11.21
CA GLY B 235 4.63 -21.33 -10.80
C GLY B 235 3.76 -21.26 -12.04
N TYR B 236 2.45 -21.48 -11.84
CA TYR B 236 1.49 -21.35 -12.91
C TYR B 236 0.41 -20.38 -12.48
N GLN B 237 -0.18 -19.70 -13.45
CA GLN B 237 -1.29 -18.80 -13.18
C GLN B 237 -2.35 -18.98 -14.27
N ILE B 238 -3.54 -19.41 -13.92
CA ILE B 238 -4.63 -19.46 -14.88
C ILE B 238 -5.85 -18.73 -14.30
N ARG B 239 -6.92 -18.67 -15.10
CA ARG B 239 -8.10 -17.93 -14.68
C ARG B 239 -8.68 -18.54 -13.43
N LEU B 240 -8.78 -17.73 -12.37
CA LEU B 240 -9.31 -18.18 -11.10
C LEU B 240 -8.46 -19.24 -10.40
N GLU B 241 -7.17 -19.40 -10.73
CA GLU B 241 -6.33 -20.30 -9.95
C GLU B 241 -4.85 -19.92 -10.10
N SER B 242 -4.09 -20.10 -9.02
CA SER B 242 -2.65 -19.90 -9.11
C SER B 242 -1.87 -20.75 -8.09
N ARG B 243 -0.73 -21.28 -8.53
CA ARG B 243 0.45 -21.43 -7.66
C ARG B 243 1.44 -20.47 -8.28
N LYS B 244 1.63 -19.33 -7.63
CA LYS B 244 2.47 -18.30 -8.20
C LYS B 244 3.90 -18.57 -7.79
N ALA B 245 4.81 -18.26 -8.70
CA ALA B 245 6.20 -18.36 -8.35
C ALA B 245 6.64 -17.14 -7.52
N ARG B 246 7.87 -17.16 -7.06
CA ARG B 246 8.46 -16.00 -6.41
C ARG B 246 8.53 -14.85 -7.42
N GLU B 247 8.50 -13.61 -6.92
CA GLU B 247 8.54 -12.46 -7.83
C GLU B 247 9.66 -12.56 -8.86
N ARG B 248 10.88 -12.81 -8.41
CA ARG B 248 12.01 -12.65 -9.30
C ARG B 248 12.66 -13.98 -9.55
N ALA B 249 13.45 -14.02 -10.64
CA ALA B 249 14.14 -15.21 -11.10
C ALA B 249 13.16 -16.37 -11.21
N SER B 250 12.09 -16.16 -11.98
CA SER B 250 10.98 -17.10 -11.99
C SER B 250 10.48 -17.32 -13.40
N ILE B 251 10.00 -18.54 -13.62
CA ILE B 251 9.31 -18.96 -14.83
C ILE B 251 7.84 -19.15 -14.47
N THR B 252 6.96 -18.42 -15.14
CA THR B 252 5.54 -18.54 -14.89
C THR B 252 4.83 -19.05 -16.14
N TYR B 253 4.17 -20.22 -16.01
CA TYR B 253 3.32 -20.78 -17.06
C TYR B 253 1.87 -20.35 -16.86
N CYS B 254 1.30 -19.71 -17.87
CA CYS B 254 -0.05 -19.16 -17.81
C CYS B 254 -0.71 -19.26 -19.18
N THR B 255 -2.04 -19.33 -19.20
CA THR B 255 -2.74 -19.43 -20.48
C THR B 255 -2.71 -18.10 -21.23
N THR B 256 -2.93 -18.19 -22.54
CA THR B 256 -2.74 -17.04 -23.42
C THR B 256 -3.62 -15.88 -23.00
N GLY B 257 -4.83 -16.17 -22.54
CA GLY B 257 -5.74 -15.12 -22.10
C GLY B 257 -5.29 -14.40 -20.84
N VAL B 258 -4.71 -15.14 -19.87
CA VAL B 258 -4.30 -14.50 -18.63
C VAL B 258 -3.44 -13.31 -18.97
N LEU B 259 -2.50 -13.53 -19.87
CA LEU B 259 -1.59 -12.48 -20.27
C LEU B 259 -2.34 -11.34 -20.93
N LEU B 260 -3.29 -11.66 -21.82
CA LEU B 260 -4.05 -10.60 -22.48
C LEU B 260 -4.81 -9.75 -21.47
N GLN B 261 -5.33 -10.34 -20.39
CA GLN B 261 -5.94 -9.46 -19.40
C GLN B 261 -4.89 -8.66 -18.66
N GLN B 262 -3.75 -9.27 -18.33
CA GLN B 262 -2.73 -8.56 -17.57
C GLN B 262 -2.26 -7.32 -18.32
N LEU B 263 -2.47 -7.31 -19.64
CA LEU B 263 -2.09 -6.19 -20.51
C LEU B 263 -2.82 -4.90 -20.20
N GLN B 264 -4.02 -4.99 -19.63
CA GLN B 264 -4.74 -3.75 -19.33
C GLN B 264 -3.95 -2.90 -18.35
N SER B 265 -3.33 -3.52 -17.34
CA SER B 265 -2.48 -2.78 -16.41
C SER B 265 -1.05 -2.60 -16.86
N ASP B 266 -0.55 -3.47 -17.73
CA ASP B 266 0.84 -3.46 -18.16
C ASP B 266 0.84 -3.60 -19.68
N PRO B 267 0.42 -2.55 -20.38
CA PRO B 267 0.25 -2.67 -21.83
C PRO B 267 1.55 -2.88 -22.60
N LEU B 268 2.68 -2.37 -22.11
CA LEU B 268 3.97 -2.54 -22.79
C LEU B 268 4.83 -3.66 -22.20
N MET B 269 4.30 -4.47 -21.30
CA MET B 269 4.98 -5.65 -20.79
C MET B 269 6.24 -5.25 -20.03
N HIS B 270 6.14 -4.26 -19.18
CA HIS B 270 7.32 -3.89 -18.42
C HIS B 270 7.59 -4.86 -17.29
N ASN B 271 6.66 -5.74 -16.98
CA ASN B 271 6.72 -6.63 -15.83
C ASN B 271 7.30 -8.01 -16.17
N LEU B 272 7.87 -8.16 -17.34
CA LEU B 272 8.62 -9.36 -17.69
C LEU B 272 9.86 -8.99 -18.51
N SER B 273 10.94 -9.79 -18.34
CA SER B 273 12.10 -9.69 -19.22
C SER B 273 12.07 -10.64 -20.42
N VAL B 274 11.29 -11.72 -20.36
CA VAL B 274 11.22 -12.76 -21.39
C VAL B 274 9.79 -13.23 -21.57
N LEU B 275 9.31 -13.22 -22.81
CA LEU B 275 8.01 -13.74 -23.18
C LEU B 275 8.25 -14.97 -24.03
N ILE B 276 7.52 -16.03 -23.76
CA ILE B 276 7.60 -17.24 -24.55
C ILE B 276 6.19 -17.58 -25.02
N LEU B 277 5.95 -17.45 -26.31
CA LEU B 277 4.70 -17.95 -26.88
C LEU B 277 4.92 -19.38 -27.37
N ASP B 278 4.14 -20.30 -26.81
CA ASP B 278 4.09 -21.69 -27.17
C ASP B 278 2.83 -21.91 -28.00
N GLU B 279 2.90 -22.89 -28.89
CA GLU B 279 1.78 -23.39 -29.68
C GLU B 279 1.11 -22.27 -30.48
N ILE B 280 1.94 -21.42 -31.11
CA ILE B 280 1.41 -20.43 -32.03
C ILE B 280 0.91 -21.09 -33.30
N HIS B 281 1.40 -22.31 -33.62
CA HIS B 281 0.96 -22.97 -34.84
C HIS B 281 -0.53 -23.25 -34.77
N GLU B 282 -1.06 -23.41 -33.56
CA GLU B 282 -2.49 -23.66 -33.40
C GLU B 282 -3.33 -22.46 -33.79
N ARG B 283 -2.73 -21.27 -33.93
CA ARG B 283 -3.44 -20.12 -34.46
C ARG B 283 -4.67 -19.83 -33.62
N SER B 284 -4.55 -20.01 -32.31
CA SER B 284 -5.58 -19.52 -31.43
C SER B 284 -5.75 -18.03 -31.68
N VAL B 285 -6.97 -17.53 -31.51
CA VAL B 285 -7.15 -16.08 -31.60
C VAL B 285 -6.13 -15.39 -30.71
N GLU B 286 -5.98 -15.89 -29.48
CA GLU B 286 -5.14 -15.22 -28.51
C GLU B 286 -3.69 -15.17 -28.97
N THR B 287 -3.17 -16.29 -29.48
CA THR B 287 -1.78 -16.25 -29.94
C THR B 287 -1.68 -15.24 -31.07
N ASP B 288 -2.67 -15.24 -31.97
CA ASP B 288 -2.61 -14.33 -33.10
C ASP B 288 -2.73 -12.88 -32.65
N LEU B 289 -3.66 -12.56 -31.74
CA LEU B 289 -3.74 -11.21 -31.21
C LEU B 289 -2.48 -10.76 -30.53
N LEU B 290 -1.89 -11.65 -29.73
CA LEU B 290 -0.68 -11.35 -28.99
C LEU B 290 0.52 -11.11 -29.92
N MET B 291 0.61 -11.87 -31.02
CA MET B 291 1.69 -11.57 -31.96
C MET B 291 1.49 -10.21 -32.61
N GLY B 292 0.28 -9.89 -33.03
CA GLY B 292 0.04 -8.59 -33.62
C GLY B 292 0.37 -7.45 -32.68
N LEU B 293 0.01 -7.59 -31.41
CA LEU B 293 0.30 -6.54 -30.45
C LEU B 293 1.81 -6.35 -30.25
N LEU B 294 2.59 -7.44 -30.32
CA LEU B 294 4.02 -7.28 -30.14
C LEU B 294 4.62 -6.35 -31.16
N LYS B 295 4.01 -6.23 -32.34
CA LYS B 295 4.49 -5.25 -33.31
C LYS B 295 4.38 -3.83 -32.77
N VAL B 296 3.33 -3.53 -31.99
CA VAL B 296 3.16 -2.21 -31.37
C VAL B 296 4.02 -2.07 -30.12
N ILE B 297 4.29 -3.18 -29.46
CA ILE B 297 5.06 -3.13 -28.24
C ILE B 297 6.52 -2.92 -28.55
N LEU B 298 7.14 -3.91 -29.21
CA LEU B 298 8.59 -4.06 -29.25
C LEU B 298 9.35 -2.81 -29.68
N PRO B 299 8.88 -1.97 -30.60
CA PRO B 299 9.54 -0.67 -30.84
C PRO B 299 9.79 0.16 -29.58
N HIS B 300 8.90 0.09 -28.61
CA HIS B 300 9.02 0.82 -27.35
C HIS B 300 9.59 0.01 -26.20
N ARG B 301 9.94 -1.27 -26.41
CA ARG B 301 10.49 -2.14 -25.37
C ARG B 301 11.81 -2.72 -25.87
N PRO B 302 12.87 -1.92 -25.87
CA PRO B 302 14.14 -2.39 -26.46
C PRO B 302 14.76 -3.56 -25.70
N ASP B 303 14.63 -3.56 -24.36
CA ASP B 303 15.17 -4.56 -23.43
C ASP B 303 14.36 -5.85 -23.36
N LEU B 304 13.16 -5.87 -23.92
CA LEU B 304 12.33 -7.07 -23.94
C LEU B 304 12.87 -8.09 -24.93
N LYS B 305 12.73 -9.37 -24.60
CA LYS B 305 13.13 -10.49 -25.45
C LYS B 305 11.97 -11.48 -25.64
N VAL B 306 11.68 -11.83 -26.90
CA VAL B 306 10.56 -12.72 -27.22
C VAL B 306 11.11 -14.01 -27.85
N ILE B 307 10.64 -15.15 -27.35
CA ILE B 307 10.94 -16.46 -27.92
C ILE B 307 9.61 -17.01 -28.44
N LEU B 308 9.44 -17.09 -29.77
CA LEU B 308 8.28 -17.77 -30.34
C LEU B 308 8.55 -19.27 -30.38
N MET B 309 7.48 -20.06 -30.21
CA MET B 309 7.66 -21.50 -30.21
C MET B 309 6.50 -22.21 -30.90
N SER B 310 6.81 -23.17 -31.78
CA SER B 310 5.81 -23.72 -32.67
C SER B 310 6.15 -25.15 -33.09
N ALA B 311 5.12 -25.93 -33.39
CA ALA B 311 5.34 -27.19 -34.06
C ALA B 311 5.80 -26.90 -35.47
N THR B 312 6.04 -27.93 -36.27
CA THR B 312 6.40 -27.66 -37.66
C THR B 312 5.12 -27.79 -38.48
N VAL B 313 4.41 -26.67 -38.56
CA VAL B 313 3.15 -26.51 -39.29
C VAL B 313 3.25 -25.09 -39.85
N ARG B 314 3.46 -24.96 -41.16
CA ARG B 314 3.56 -23.62 -41.73
C ARG B 314 4.37 -22.68 -40.83
N GLU B 315 5.46 -23.21 -40.28
CA GLU B 315 6.29 -22.48 -39.35
C GLU B 315 6.88 -21.24 -39.99
N GLN B 316 7.03 -21.24 -41.32
CA GLN B 316 7.63 -20.10 -42.00
C GLN B 316 6.72 -18.89 -41.97
N ASP B 317 5.40 -19.09 -41.85
CA ASP B 317 4.49 -17.96 -41.73
C ASP B 317 4.91 -17.06 -40.57
N PHE B 318 5.37 -17.66 -39.47
CA PHE B 318 5.79 -16.89 -38.29
C PHE B 318 7.20 -16.33 -38.46
N CYS B 319 8.12 -17.12 -38.98
CA CYS B 319 9.45 -16.58 -39.22
C CYS B 319 9.37 -15.35 -40.14
N ASP B 320 8.50 -15.41 -41.16
CA ASP B 320 8.25 -14.24 -42.02
C ASP B 320 7.75 -13.06 -41.23
N TYR B 321 6.80 -13.30 -40.31
CA TYR B 321 5.99 -12.24 -39.73
C TYR B 321 6.79 -11.28 -38.88
N PHE B 322 7.79 -11.77 -38.15
CA PHE B 322 8.63 -10.87 -37.37
C PHE B 322 9.90 -10.80 -38.21
N ASN B 323 9.99 -9.75 -39.05
CA ASN B 323 11.05 -9.57 -40.04
C ASN B 323 11.46 -10.89 -40.65
N ASN B 324 12.76 -11.13 -40.79
CA ASN B 324 13.23 -12.45 -41.17
C ASN B 324 14.00 -13.21 -40.09
N CYS B 325 13.69 -12.94 -38.82
CA CYS B 325 14.30 -13.31 -37.54
C CYS B 325 14.87 -14.73 -37.40
N PRO B 326 15.90 -14.92 -36.56
CA PRO B 326 16.59 -16.22 -36.47
C PRO B 326 15.66 -17.39 -36.19
N MET B 327 16.02 -18.57 -36.68
CA MET B 327 15.18 -19.73 -36.43
C MET B 327 16.02 -20.92 -36.02
N PHE B 328 15.53 -21.65 -35.02
CA PHE B 328 16.06 -22.94 -34.60
C PHE B 328 15.07 -24.05 -34.94
N ARG B 329 15.56 -25.16 -35.45
CA ARG B 329 14.73 -26.34 -35.59
C ARG B 329 15.30 -27.46 -34.72
N ILE B 330 14.47 -27.98 -33.82
CA ILE B 330 14.89 -28.97 -32.83
C ILE B 330 14.19 -30.29 -33.15
N GLU B 331 14.97 -31.35 -33.33
CA GLU B 331 14.46 -32.67 -33.71
C GLU B 331 13.61 -33.27 -32.60
N GLY B 332 12.58 -34.01 -33.00
CA GLY B 332 11.66 -34.59 -32.03
C GLY B 332 12.23 -35.84 -31.41
N VAL B 333 11.45 -36.42 -30.50
CA VAL B 333 11.66 -37.77 -30.00
C VAL B 333 10.33 -38.46 -30.08
N MET B 334 10.19 -39.42 -30.98
CA MET B 334 8.94 -40.15 -31.09
C MET B 334 9.23 -41.44 -31.79
N PHE B 335 8.41 -42.37 -31.56
CA PHE B 335 8.60 -43.54 -32.39
C PHE B 335 7.97 -43.29 -33.76
N PRO B 336 8.65 -43.70 -34.82
CA PRO B 336 8.09 -43.59 -36.18
C PRO B 336 6.80 -44.38 -36.30
N VAL B 337 5.79 -43.76 -36.91
CA VAL B 337 4.51 -44.40 -37.13
C VAL B 337 4.20 -44.38 -38.62
N LYS B 338 3.92 -45.56 -39.16
CA LYS B 338 3.62 -45.73 -40.57
C LYS B 338 2.26 -45.16 -40.94
N MET B 339 2.21 -44.44 -42.04
CA MET B 339 0.96 -43.94 -42.61
C MET B 339 0.45 -44.95 -43.62
N LEU B 340 -0.74 -45.47 -43.41
CA LEU B 340 -1.46 -46.18 -44.45
C LEU B 340 -2.63 -45.32 -44.88
N TYR B 341 -3.05 -45.45 -46.12
CA TYR B 341 -4.21 -44.71 -46.62
C TYR B 341 -5.24 -45.75 -47.10
N LEU B 342 -6.34 -45.28 -47.69
CA LEU B 342 -7.51 -46.15 -47.93
C LEU B 342 -7.15 -47.41 -48.72
N GLU B 343 -6.35 -47.26 -49.76
CA GLU B 343 -5.91 -48.42 -50.54
C GLU B 343 -5.15 -49.43 -49.68
N ASP B 344 -4.22 -48.98 -48.82
CA ASP B 344 -3.49 -49.93 -47.97
C ASP B 344 -4.41 -50.64 -46.99
N VAL B 345 -5.49 -49.96 -46.56
CA VAL B 345 -6.43 -50.53 -45.60
C VAL B 345 -7.32 -51.58 -46.27
N LEU B 346 -7.89 -51.26 -47.43
CA LEU B 346 -8.72 -52.25 -48.12
C LEU B 346 -7.88 -53.43 -48.55
N SER B 347 -6.58 -53.21 -48.77
CA SER B 347 -5.66 -54.30 -49.12
C SER B 347 -5.48 -55.28 -47.95
N LYS B 348 -5.44 -54.78 -46.71
CA LYS B 348 -5.23 -55.67 -45.56
C LYS B 348 -6.54 -56.36 -45.13
N THR B 349 -7.64 -55.61 -45.01
CA THR B 349 -8.90 -56.12 -44.46
C THR B 349 -9.89 -56.67 -45.49
N ASN B 350 -9.69 -56.39 -46.79
CA ASN B 350 -10.52 -56.93 -47.88
C ASN B 350 -12.02 -56.84 -47.56
N TYR B 351 -12.41 -55.75 -46.89
CA TYR B 351 -13.79 -55.55 -46.49
C TYR B 351 -14.71 -55.30 -47.68
N GLU B 352 -15.94 -55.83 -47.60
CA GLU B 352 -16.96 -55.68 -48.64
C GLU B 352 -18.07 -54.72 -48.21
N PHE B 353 -18.39 -53.78 -49.10
CA PHE B 353 -19.41 -52.77 -48.85
C PHE B 353 -20.70 -53.23 -49.50
N GLN B 354 -21.78 -53.31 -48.72
CA GLN B 354 -23.12 -53.28 -49.29
C GLN B 354 -24.11 -53.41 -48.14
N LYS B 355 -25.33 -52.91 -48.40
CA LYS B 355 -26.41 -52.87 -47.43
C LYS B 355 -27.71 -53.45 -48.02
N ARG B 369 -22.20 -36.13 -54.45
CA ARG B 369 -22.09 -35.97 -55.90
C ARG B 369 -20.76 -36.52 -56.39
N MET B 370 -20.49 -36.46 -57.71
CA MET B 370 -19.12 -36.72 -58.27
C MET B 370 -18.68 -35.79 -59.44
N LYS B 371 -17.69 -34.89 -59.32
CA LYS B 371 -16.83 -34.64 -58.15
C LYS B 371 -16.03 -35.91 -57.79
N HIS B 372 -16.42 -36.64 -56.73
CA HIS B 372 -15.69 -37.73 -56.11
C HIS B 372 -14.99 -38.62 -57.12
N GLU B 373 -15.57 -38.72 -58.32
CA GLU B 373 -14.95 -39.45 -59.41
C GLU B 373 -13.78 -38.66 -60.03
N ALA B 374 -13.91 -37.34 -60.17
CA ALA B 374 -12.86 -36.52 -60.78
C ALA B 374 -11.56 -36.48 -59.98
N MET B 375 -11.65 -36.63 -58.65
CA MET B 375 -10.45 -36.72 -57.83
C MET B 375 -9.85 -38.12 -57.88
N ILE B 376 -10.74 -39.14 -57.86
CA ILE B 376 -10.34 -40.51 -57.54
C ILE B 376 -9.71 -41.21 -58.77
N GLU B 377 -10.25 -40.96 -60.01
CA GLU B 377 -9.78 -41.69 -61.19
C GLU B 377 -8.39 -41.30 -61.66
N PRO B 378 -8.01 -40.03 -61.77
CA PRO B 378 -6.61 -39.71 -62.07
C PRO B 378 -5.60 -40.39 -61.14
N TYR B 379 -5.96 -40.54 -59.85
CA TYR B 379 -5.07 -41.21 -58.90
C TYR B 379 -5.06 -42.74 -59.06
N LEU B 380 -6.23 -43.38 -59.27
CA LEU B 380 -6.25 -44.83 -59.46
C LEU B 380 -5.36 -45.27 -60.61
N ARG B 381 -5.18 -44.40 -61.61
CA ARG B 381 -4.32 -44.68 -62.75
C ARG B 381 -2.85 -44.75 -62.33
N ARG B 382 -2.37 -43.74 -61.60
CA ARG B 382 -0.97 -43.72 -61.16
C ARG B 382 -0.62 -45.02 -60.42
N ILE B 383 -1.58 -45.53 -59.62
CA ILE B 383 -1.42 -46.69 -58.73
C ILE B 383 -2.00 -47.99 -59.29
N ARG B 384 -2.50 -48.02 -60.53
CA ARG B 384 -3.22 -49.20 -61.02
C ARG B 384 -2.43 -50.48 -60.77
N ASN B 385 -1.10 -50.36 -60.76
CA ASN B 385 -0.15 -51.48 -60.64
C ASN B 385 0.43 -51.67 -59.24
N SER B 386 0.13 -50.79 -58.27
CA SER B 386 0.66 -51.00 -56.93
C SER B 386 -0.28 -51.83 -56.07
N TYR B 387 -1.55 -51.94 -56.46
CA TYR B 387 -2.59 -52.55 -55.65
C TYR B 387 -3.50 -53.41 -56.50
N ASP B 388 -4.07 -54.43 -55.87
CA ASP B 388 -4.99 -55.33 -56.54
C ASP B 388 -6.12 -54.55 -57.18
N SER B 389 -6.58 -55.02 -58.34
CA SER B 389 -7.62 -54.33 -59.12
C SER B 389 -9.01 -54.42 -58.47
N ARG B 390 -9.27 -55.42 -57.62
CA ARG B 390 -10.53 -55.41 -56.86
C ARG B 390 -10.47 -54.50 -55.64
N VAL B 391 -9.28 -54.30 -55.08
CA VAL B 391 -9.06 -53.28 -54.06
C VAL B 391 -9.27 -51.88 -54.64
N LEU B 392 -8.58 -51.58 -55.75
CA LEU B 392 -8.67 -50.28 -56.42
C LEU B 392 -10.11 -49.87 -56.74
N ASP B 393 -11.02 -50.85 -56.91
CA ASP B 393 -12.40 -50.57 -57.32
C ASP B 393 -13.28 -49.97 -56.22
N LYS B 394 -13.08 -50.37 -54.95
CA LYS B 394 -13.92 -49.85 -53.88
C LYS B 394 -13.69 -48.35 -53.64
N LEU B 395 -12.50 -47.82 -54.04
CA LEU B 395 -12.17 -46.40 -53.93
C LEU B 395 -13.04 -45.50 -54.79
N ARG B 396 -13.77 -46.08 -55.75
CA ARG B 396 -14.75 -45.32 -56.50
C ARG B 396 -16.02 -45.04 -55.70
N LEU B 397 -16.29 -45.85 -54.65
CA LEU B 397 -17.47 -45.64 -53.82
C LEU B 397 -17.31 -44.36 -53.00
N PRO B 398 -18.28 -43.43 -53.06
CA PRO B 398 -18.19 -42.24 -52.21
C PRO B 398 -18.18 -42.54 -50.71
N GLU B 399 -18.73 -43.68 -50.29
CA GLU B 399 -18.92 -43.96 -48.87
C GLU B 399 -17.73 -44.65 -48.19
N SER B 400 -16.71 -45.03 -48.97
CA SER B 400 -15.55 -45.75 -48.45
C SER B 400 -14.59 -44.88 -47.66
N GLU B 401 -14.57 -43.57 -47.91
CA GLU B 401 -13.68 -42.64 -47.22
C GLU B 401 -14.48 -41.80 -46.22
N GLY B 402 -13.86 -41.52 -45.08
CA GLY B 402 -14.54 -40.85 -44.00
C GLY B 402 -15.24 -41.85 -43.12
N CYS B 403 -16.32 -41.45 -42.46
CA CYS B 403 -17.00 -42.33 -41.54
C CYS B 403 -18.26 -42.95 -42.14
N GLU B 404 -18.55 -42.75 -43.42
CA GLU B 404 -19.90 -43.07 -43.87
C GLU B 404 -20.29 -44.53 -43.64
N ASP B 405 -19.34 -45.46 -43.77
CA ASP B 405 -19.62 -46.87 -43.51
C ASP B 405 -19.01 -47.22 -42.16
N ILE B 406 -19.86 -47.32 -41.13
CA ILE B 406 -19.31 -47.53 -39.78
C ILE B 406 -18.83 -48.96 -39.63
N ASP B 407 -19.56 -49.90 -40.20
CA ASP B 407 -19.09 -51.29 -40.16
C ASP B 407 -17.69 -51.40 -40.75
N PHE B 408 -17.37 -50.59 -41.77
CA PHE B 408 -16.02 -50.62 -42.31
C PHE B 408 -15.01 -50.34 -41.20
N ILE B 409 -15.29 -49.33 -40.39
CA ILE B 409 -14.38 -48.96 -39.29
C ILE B 409 -14.41 -50.02 -38.19
N ALA B 410 -15.58 -50.58 -37.92
CA ALA B 410 -15.67 -51.73 -37.00
C ALA B 410 -14.82 -52.89 -37.49
N ASP B 411 -14.79 -53.12 -38.81
CA ASP B 411 -14.01 -54.21 -39.38
C ASP B 411 -12.52 -53.97 -39.17
N LEU B 412 -12.08 -52.72 -39.26
CA LEU B 412 -10.67 -52.42 -39.08
C LEU B 412 -10.25 -52.69 -37.64
N VAL B 413 -11.08 -52.32 -36.66
CA VAL B 413 -10.81 -52.62 -35.26
C VAL B 413 -10.83 -54.14 -35.01
N TYR B 414 -11.78 -54.86 -35.61
CA TYR B 414 -11.78 -56.31 -35.49
C TYR B 414 -10.54 -56.95 -36.13
N TYR B 415 -10.06 -56.41 -37.26
CA TYR B 415 -8.80 -56.87 -37.84
C TYR B 415 -7.61 -56.62 -36.91
N ILE B 416 -7.53 -55.42 -36.35
CA ILE B 416 -6.38 -55.09 -35.52
C ILE B 416 -6.38 -55.93 -34.24
N CYS B 417 -7.54 -56.40 -33.78
CA CYS B 417 -7.60 -57.22 -32.57
C CYS B 417 -7.03 -58.62 -32.78
N GLU B 418 -7.18 -59.18 -33.99
CA GLU B 418 -6.60 -60.50 -34.29
C GLU B 418 -5.12 -60.38 -34.64
N ASN B 419 -4.78 -59.66 -35.71
CA ASN B 419 -3.38 -59.46 -36.03
C ASN B 419 -2.74 -58.51 -35.04
N GLU B 420 -1.48 -58.18 -35.30
CA GLU B 420 -0.81 -57.03 -34.70
C GLU B 420 -0.49 -57.25 -33.22
N PRO B 421 0.52 -56.56 -32.68
CA PRO B 421 0.85 -56.69 -31.26
C PRO B 421 -0.19 -56.02 -30.36
N GLU B 422 -0.06 -56.29 -29.05
CA GLU B 422 -0.91 -55.60 -28.08
C GLU B 422 -0.63 -54.10 -28.08
N GLY B 423 -1.69 -53.32 -28.01
CA GLY B 423 -1.62 -51.87 -27.99
C GLY B 423 -3.02 -51.32 -28.08
N ALA B 424 -3.20 -50.05 -27.71
CA ALA B 424 -4.53 -49.47 -27.75
C ALA B 424 -4.88 -48.97 -29.15
N ILE B 425 -6.18 -48.92 -29.43
CA ILE B 425 -6.69 -48.35 -30.66
C ILE B 425 -7.36 -47.03 -30.34
N LEU B 426 -6.99 -45.97 -31.08
CA LEU B 426 -7.62 -44.65 -31.01
C LEU B 426 -8.34 -44.44 -32.34
N VAL B 427 -9.66 -44.26 -32.26
CA VAL B 427 -10.53 -44.16 -33.42
C VAL B 427 -11.09 -42.75 -33.49
N PHE B 428 -10.62 -41.97 -34.45
CA PHE B 428 -11.07 -40.60 -34.60
C PHE B 428 -12.36 -40.56 -35.44
N LEU B 429 -13.42 -39.98 -34.88
CA LEU B 429 -14.71 -39.75 -35.51
C LEU B 429 -15.15 -38.31 -35.38
N PRO B 430 -16.03 -37.84 -36.28
CA PRO B 430 -16.40 -36.42 -36.26
C PRO B 430 -17.22 -35.99 -35.05
N GLY B 431 -18.18 -36.79 -34.60
CA GLY B 431 -19.10 -36.28 -33.61
C GLY B 431 -19.74 -37.27 -32.67
N TYR B 432 -20.65 -36.75 -31.85
CA TYR B 432 -21.42 -37.59 -30.94
C TYR B 432 -22.09 -38.72 -31.71
N ASP B 433 -22.87 -38.38 -32.72
CA ASP B 433 -23.69 -39.37 -33.40
C ASP B 433 -22.85 -40.51 -33.97
N LYS B 434 -21.76 -40.16 -34.68
CA LYS B 434 -20.94 -41.21 -35.31
C LYS B 434 -20.20 -42.04 -34.25
N ILE B 435 -19.87 -41.43 -33.11
CA ILE B 435 -19.27 -42.18 -32.00
C ILE B 435 -20.30 -43.11 -31.35
N SER B 436 -21.55 -42.68 -31.23
CA SER B 436 -22.60 -43.57 -30.73
C SER B 436 -22.78 -44.78 -31.64
N GLN B 437 -22.62 -44.58 -32.94
CA GLN B 437 -22.80 -45.65 -33.92
C GLN B 437 -21.78 -46.78 -33.72
N LEU B 438 -20.49 -46.45 -33.71
CA LEU B 438 -19.47 -47.49 -33.58
C LEU B 438 -19.51 -48.16 -32.22
N TYR B 439 -19.81 -47.40 -31.16
CA TYR B 439 -19.90 -48.02 -29.84
C TYR B 439 -20.94 -49.13 -29.86
N ASN B 440 -22.14 -48.83 -30.33
CA ASN B 440 -23.17 -49.86 -30.37
C ASN B 440 -22.84 -50.97 -31.35
N ILE B 441 -22.00 -50.71 -32.35
CA ILE B 441 -21.52 -51.81 -33.19
C ILE B 441 -20.55 -52.70 -32.40
N LEU B 442 -19.65 -52.11 -31.61
CA LEU B 442 -18.68 -52.92 -30.88
C LEU B 442 -19.29 -53.60 -29.66
N ASP B 443 -20.15 -52.89 -28.93
CA ASP B 443 -20.71 -53.41 -27.68
C ASP B 443 -21.83 -54.40 -27.98
N LYS B 444 -22.64 -54.14 -29.00
CA LYS B 444 -23.81 -54.96 -29.32
C LYS B 444 -23.74 -55.44 -30.76
N PRO B 445 -22.70 -56.20 -31.12
CA PRO B 445 -22.45 -56.51 -32.54
C PRO B 445 -23.48 -57.48 -33.10
N LYS B 446 -23.93 -57.20 -34.34
CA LYS B 446 -24.82 -58.14 -35.02
C LYS B 446 -24.09 -59.25 -35.77
N THR B 447 -22.93 -58.97 -36.35
CA THR B 447 -22.12 -60.01 -37.00
C THR B 447 -21.41 -60.92 -35.97
N SER B 448 -20.98 -62.10 -36.45
CA SER B 448 -20.36 -63.09 -35.57
C SER B 448 -18.95 -62.69 -35.13
N LYS B 449 -18.18 -62.15 -36.07
CA LYS B 449 -16.81 -61.74 -35.75
C LYS B 449 -16.80 -60.76 -34.58
N GLY B 450 -17.81 -59.90 -34.50
CA GLY B 450 -17.97 -58.88 -33.46
C GLY B 450 -18.42 -59.36 -32.10
N GLN B 451 -19.31 -60.35 -32.08
CA GLN B 451 -19.66 -60.98 -30.81
C GLN B 451 -18.48 -61.72 -30.20
N ARG B 452 -17.59 -62.24 -31.05
CA ARG B 452 -16.40 -62.91 -30.53
C ARG B 452 -15.53 -61.92 -29.77
N TRP B 453 -15.39 -60.72 -30.31
CA TRP B 453 -14.50 -59.73 -29.72
C TRP B 453 -15.18 -58.90 -28.65
N ARG B 454 -16.51 -58.97 -28.54
CA ARG B 454 -17.24 -58.05 -27.68
C ARG B 454 -16.66 -58.04 -26.27
N ASP B 455 -16.42 -59.24 -25.71
CA ASP B 455 -15.84 -59.37 -24.37
C ASP B 455 -14.32 -59.32 -24.35
N HIS B 456 -13.64 -59.22 -25.50
CA HIS B 456 -12.18 -59.02 -25.53
C HIS B 456 -11.73 -57.57 -25.79
N MET B 457 -12.65 -56.60 -25.89
CA MET B 457 -12.33 -55.19 -26.11
C MET B 457 -12.77 -54.33 -24.94
N ALA B 458 -11.90 -53.42 -24.49
CA ALA B 458 -12.25 -52.41 -23.50
C ALA B 458 -12.45 -51.09 -24.24
N VAL B 459 -13.71 -50.67 -24.38
CA VAL B 459 -14.12 -49.68 -25.38
C VAL B 459 -14.59 -48.41 -24.69
N PHE B 460 -13.91 -47.29 -24.96
CA PHE B 460 -14.22 -45.98 -24.38
C PHE B 460 -14.64 -44.97 -25.43
N PRO B 461 -15.85 -44.41 -25.36
CA PRO B 461 -16.16 -43.18 -26.11
C PRO B 461 -15.55 -41.96 -25.43
N LEU B 462 -15.12 -40.98 -26.23
CA LEU B 462 -14.44 -39.79 -25.71
C LEU B 462 -15.05 -38.53 -26.35
N HIS B 463 -15.70 -37.69 -25.54
CA HIS B 463 -16.38 -36.47 -26.00
C HIS B 463 -16.48 -35.46 -24.86
N SER B 464 -16.42 -34.17 -25.19
CA SER B 464 -16.44 -33.12 -24.16
C SER B 464 -17.74 -33.07 -23.37
N LEU B 465 -18.81 -33.61 -23.93
CA LEU B 465 -20.11 -33.69 -23.27
C LEU B 465 -20.28 -35.01 -22.52
N MET B 466 -19.31 -35.92 -22.60
CA MET B 466 -19.37 -37.21 -21.92
C MET B 466 -18.43 -37.22 -20.74
N GLN B 467 -18.81 -37.99 -19.72
CA GLN B 467 -18.03 -38.00 -18.49
C GLN B 467 -16.66 -38.63 -18.66
N SER B 468 -16.49 -39.45 -19.70
CA SER B 468 -15.32 -40.33 -19.81
C SER B 468 -14.01 -39.62 -19.49
N GLY B 469 -13.78 -38.45 -20.08
CA GLY B 469 -12.53 -37.76 -19.81
C GLY B 469 -12.35 -37.35 -18.37
N GLU B 470 -13.44 -37.28 -17.60
CA GLU B 470 -13.39 -36.80 -16.23
C GLU B 470 -13.28 -37.92 -15.20
N GLN B 471 -13.14 -39.17 -15.66
CA GLN B 471 -12.76 -40.30 -14.82
C GLN B 471 -11.34 -40.74 -15.18
N GLN B 472 -10.82 -41.71 -14.44
CA GLN B 472 -9.47 -42.21 -14.59
C GLN B 472 -9.37 -43.40 -15.55
N ALA B 473 -10.51 -43.93 -16.00
CA ALA B 473 -10.56 -45.27 -16.60
C ALA B 473 -9.81 -45.37 -17.93
N VAL B 474 -10.08 -44.44 -18.86
CA VAL B 474 -9.60 -44.54 -20.23
C VAL B 474 -8.09 -44.31 -20.38
N PHE B 475 -7.44 -43.64 -19.44
CA PHE B 475 -5.99 -43.44 -19.55
C PHE B 475 -5.19 -44.65 -19.09
N ARG B 476 -5.74 -45.43 -18.16
CA ARG B 476 -5.13 -46.57 -17.52
C ARG B 476 -5.10 -47.77 -18.47
N ARG B 477 -4.19 -48.70 -18.23
CA ARG B 477 -4.07 -49.88 -19.10
C ARG B 477 -5.21 -50.89 -18.87
N PRO B 478 -5.65 -51.56 -19.93
CA PRO B 478 -6.89 -52.36 -19.84
C PRO B 478 -6.68 -53.61 -19.03
N PRO B 479 -7.77 -54.21 -18.52
CA PRO B 479 -7.66 -55.51 -17.85
C PRO B 479 -7.00 -56.54 -18.75
N ALA B 480 -6.35 -57.53 -18.12
CA ALA B 480 -5.58 -58.52 -18.87
C ALA B 480 -6.44 -59.26 -19.90
N GLY B 481 -5.87 -59.48 -21.08
CA GLY B 481 -6.57 -60.15 -22.16
C GLY B 481 -7.65 -59.33 -22.84
N GLN B 482 -7.79 -58.06 -22.51
CA GLN B 482 -8.68 -57.14 -23.20
C GLN B 482 -7.83 -56.13 -23.96
N ARG B 483 -8.36 -55.63 -25.07
CA ARG B 483 -7.70 -54.59 -25.83
C ARG B 483 -8.47 -53.28 -25.75
N LYS B 484 -7.75 -52.22 -25.36
CA LYS B 484 -8.37 -50.91 -25.16
C LYS B 484 -8.61 -50.21 -26.50
N VAL B 485 -9.87 -49.80 -26.72
CA VAL B 485 -10.32 -49.11 -27.92
C VAL B 485 -10.99 -47.80 -27.53
N ILE B 486 -10.42 -46.67 -27.98
CA ILE B 486 -11.04 -45.36 -27.75
C ILE B 486 -11.71 -44.90 -29.03
N ILE B 487 -12.96 -44.46 -28.93
CA ILE B 487 -13.66 -43.80 -30.04
C ILE B 487 -13.87 -42.36 -29.62
N SER B 488 -13.14 -41.45 -30.25
CA SER B 488 -12.98 -40.11 -29.72
C SER B 488 -13.20 -39.10 -30.84
N THR B 489 -13.54 -37.88 -30.46
CA THR B 489 -13.59 -36.80 -31.43
C THR B 489 -12.19 -36.24 -31.57
N ILE B 490 -12.05 -35.07 -32.22
CA ILE B 490 -10.78 -34.38 -32.35
C ILE B 490 -10.18 -34.07 -31.00
N ILE B 491 -10.95 -34.32 -29.94
CA ILE B 491 -10.53 -34.03 -28.58
C ILE B 491 -9.21 -34.72 -28.23
N ALA B 492 -8.97 -35.92 -28.75
CA ALA B 492 -7.78 -36.69 -28.42
C ALA B 492 -6.57 -36.29 -29.25
N GLU B 493 -6.71 -35.29 -30.10
CA GLU B 493 -5.62 -34.91 -30.98
C GLU B 493 -4.57 -34.08 -30.26
N THR B 494 -5.00 -33.13 -29.44
CA THR B 494 -4.14 -32.32 -28.57
C THR B 494 -4.69 -32.31 -27.15
N SER B 495 -5.93 -31.82 -27.02
CA SER B 495 -6.51 -31.54 -25.72
C SER B 495 -6.44 -32.72 -24.74
N VAL B 496 -6.53 -33.97 -25.24
CA VAL B 496 -6.51 -35.19 -24.42
C VAL B 496 -5.41 -36.13 -24.91
N THR B 497 -4.62 -36.69 -23.98
CA THR B 497 -3.52 -37.55 -24.37
C THR B 497 -3.63 -38.88 -23.62
N ILE B 498 -3.68 -39.97 -24.37
CA ILE B 498 -3.69 -41.33 -23.81
C ILE B 498 -2.38 -41.97 -24.19
N ASP B 499 -1.59 -42.39 -23.19
CA ASP B 499 -0.19 -42.75 -23.40
C ASP B 499 0.01 -44.14 -24.01
N ASP B 500 -0.92 -45.07 -23.82
CA ASP B 500 -0.73 -46.45 -24.26
C ASP B 500 -1.20 -46.74 -25.70
N VAL B 501 -1.59 -45.72 -26.46
CA VAL B 501 -2.10 -45.89 -27.81
C VAL B 501 -0.98 -46.27 -28.77
N VAL B 502 -1.12 -47.44 -29.41
CA VAL B 502 -0.24 -47.83 -30.50
C VAL B 502 -0.87 -47.66 -31.90
N TYR B 503 -2.18 -47.45 -32.00
CA TYR B 503 -2.88 -47.55 -33.29
C TYR B 503 -3.88 -46.42 -33.47
N VAL B 504 -3.86 -45.78 -34.63
CA VAL B 504 -4.76 -44.66 -34.90
C VAL B 504 -5.57 -44.97 -36.15
N ILE B 505 -6.90 -44.92 -36.03
CA ILE B 505 -7.80 -44.94 -37.17
C ILE B 505 -8.24 -43.51 -37.40
N ASN B 506 -7.78 -42.90 -38.47
CA ASN B 506 -8.10 -41.52 -38.74
C ASN B 506 -9.16 -41.50 -39.84
N SER B 507 -10.40 -41.22 -39.47
CA SER B 507 -11.41 -41.12 -40.51
C SER B 507 -11.12 -39.92 -41.40
N GLY B 508 -10.50 -38.89 -40.85
CA GLY B 508 -10.32 -37.68 -41.61
C GLY B 508 -11.51 -36.76 -41.59
N ARG B 509 -12.56 -37.07 -40.85
CA ARG B 509 -13.75 -36.24 -40.78
C ARG B 509 -13.83 -35.63 -39.39
N THR B 510 -14.13 -34.33 -39.32
CA THR B 510 -14.32 -33.63 -38.06
C THR B 510 -15.54 -32.73 -38.22
N LYS B 511 -15.89 -31.99 -37.18
CA LYS B 511 -16.93 -30.98 -37.29
C LYS B 511 -16.30 -29.62 -37.04
N ALA B 512 -16.71 -28.63 -37.79
CA ALA B 512 -16.13 -27.31 -37.64
C ALA B 512 -17.25 -26.30 -37.79
N THR B 513 -17.15 -25.24 -37.03
CA THR B 513 -18.12 -24.16 -37.12
C THR B 513 -17.69 -23.20 -38.20
N ASN B 514 -18.67 -22.73 -38.96
CA ASN B 514 -18.43 -21.81 -40.06
C ASN B 514 -19.43 -20.66 -39.96
N TYR B 515 -18.98 -19.43 -40.22
CA TYR B 515 -19.87 -18.29 -40.21
C TYR B 515 -19.96 -17.72 -41.62
N ASP B 516 -21.18 -17.46 -42.07
CA ASP B 516 -21.48 -16.84 -43.36
C ASP B 516 -21.95 -15.41 -43.08
N ILE B 517 -21.10 -14.43 -43.42
CA ILE B 517 -21.30 -13.04 -42.99
C ILE B 517 -22.54 -12.40 -43.61
N GLU B 518 -22.94 -12.85 -44.80
CA GLU B 518 -24.01 -12.22 -45.55
C GLU B 518 -25.38 -12.57 -44.97
N THR B 519 -25.60 -13.85 -44.67
CA THR B 519 -26.88 -14.36 -44.20
C THR B 519 -27.01 -14.45 -42.69
N ASN B 520 -25.96 -14.08 -41.94
CA ASN B 520 -26.00 -14.12 -40.48
C ASN B 520 -26.49 -15.46 -39.96
N ILE B 521 -25.96 -16.54 -40.50
CA ILE B 521 -26.20 -17.88 -39.99
C ILE B 521 -24.86 -18.52 -39.63
N GLN B 522 -24.72 -18.91 -38.37
CA GLN B 522 -23.64 -19.80 -37.99
C GLN B 522 -24.10 -21.22 -38.24
N SER B 523 -23.20 -22.05 -38.75
CA SER B 523 -23.48 -23.44 -39.02
C SER B 523 -22.37 -24.32 -38.47
N LEU B 524 -22.72 -25.58 -38.21
CA LEU B 524 -21.79 -26.60 -37.77
C LEU B 524 -21.93 -27.75 -38.77
N ASP B 525 -20.87 -28.03 -39.50
CA ASP B 525 -20.94 -29.04 -40.53
C ASP B 525 -19.85 -30.07 -40.32
N GLU B 526 -20.10 -31.29 -40.80
CA GLU B 526 -19.05 -32.29 -40.93
C GLU B 526 -18.14 -31.92 -42.12
N VAL B 527 -16.84 -31.82 -41.87
CA VAL B 527 -15.87 -31.37 -42.85
C VAL B 527 -14.66 -32.30 -42.82
N TRP B 528 -13.83 -32.20 -43.86
CA TRP B 528 -12.57 -32.93 -43.87
C TRP B 528 -11.52 -32.24 -43.00
N VAL B 529 -10.63 -33.05 -42.42
CA VAL B 529 -9.51 -32.54 -41.63
C VAL B 529 -8.51 -31.87 -42.57
N THR B 530 -7.44 -31.34 -42.01
CA THR B 530 -6.41 -30.69 -42.79
C THR B 530 -5.18 -31.60 -42.85
N LYS B 531 -4.17 -31.17 -43.59
CA LYS B 531 -2.94 -31.96 -43.64
C LYS B 531 -2.30 -32.02 -42.27
N ALA B 532 -2.36 -30.92 -41.51
CA ALA B 532 -1.79 -30.86 -40.18
C ALA B 532 -2.58 -31.70 -39.15
N ASN B 533 -3.90 -31.79 -39.29
CA ASN B 533 -4.68 -32.67 -38.41
C ASN B 533 -4.20 -34.11 -38.50
N THR B 534 -4.05 -34.62 -39.72
CA THR B 534 -3.57 -35.99 -39.94
C THR B 534 -2.18 -36.19 -39.33
N GLN B 535 -1.29 -35.22 -39.51
CA GLN B 535 0.03 -35.24 -38.89
C GLN B 535 -0.06 -35.35 -37.38
N GLN B 536 -0.88 -34.50 -36.74
CA GLN B 536 -0.99 -34.49 -35.29
C GLN B 536 -1.60 -35.80 -34.76
N ARG B 537 -2.56 -36.36 -35.52
CA ARG B 537 -3.15 -37.65 -35.19
C ARG B 537 -2.19 -38.80 -35.41
N ARG B 538 -1.33 -38.69 -36.42
CA ARG B 538 -0.39 -39.76 -36.66
C ARG B 538 0.56 -39.88 -35.48
N GLY B 539 1.08 -38.74 -34.99
CA GLY B 539 2.00 -38.75 -33.87
C GLY B 539 1.42 -39.34 -32.60
N ARG B 540 0.08 -39.29 -32.46
CA ARG B 540 -0.55 -39.77 -31.24
C ARG B 540 -0.46 -41.28 -31.08
N ALA B 541 -0.01 -42.01 -32.09
CA ALA B 541 0.25 -43.44 -31.95
C ALA B 541 1.70 -43.77 -31.59
N GLY B 542 2.60 -42.80 -31.69
CA GLY B 542 4.02 -43.05 -31.54
C GLY B 542 4.55 -42.66 -30.19
N ARG B 543 3.70 -42.66 -29.16
CA ARG B 543 4.14 -42.20 -27.85
C ARG B 543 4.96 -43.28 -27.15
N VAL B 544 4.47 -44.52 -27.13
CA VAL B 544 5.07 -45.60 -26.34
C VAL B 544 5.93 -46.47 -27.24
N ARG B 545 5.33 -47.11 -28.22
CA ARG B 545 6.07 -47.97 -29.13
C ARG B 545 5.64 -47.62 -30.54
N PRO B 546 6.41 -48.05 -31.54
CA PRO B 546 6.06 -47.72 -32.93
C PRO B 546 4.66 -48.21 -33.28
N GLY B 547 3.84 -47.29 -33.80
CA GLY B 547 2.45 -47.54 -34.09
C GLY B 547 2.08 -47.53 -35.57
N ILE B 548 0.77 -47.55 -35.81
CA ILE B 548 0.21 -47.46 -37.15
C ILE B 548 -0.91 -46.42 -37.18
N CYS B 549 -0.89 -45.56 -38.18
CA CYS B 549 -1.94 -44.60 -38.44
C CYS B 549 -2.69 -45.02 -39.71
N TYR B 550 -3.95 -45.45 -39.56
CA TYR B 550 -4.78 -45.84 -40.69
C TYR B 550 -5.64 -44.64 -41.07
N ASN B 551 -5.34 -44.04 -42.22
CA ASN B 551 -6.10 -42.93 -42.78
C ASN B 551 -7.15 -43.52 -43.72
N LEU B 552 -8.42 -43.21 -43.45
CA LEU B 552 -9.54 -43.79 -44.17
C LEU B 552 -9.90 -42.98 -45.41
N PHE B 553 -9.00 -42.15 -45.89
CA PHE B 553 -9.17 -41.44 -47.15
C PHE B 553 -8.01 -41.81 -48.07
N SER B 554 -8.21 -41.61 -49.37
CA SER B 554 -7.17 -41.92 -50.36
C SER B 554 -6.04 -40.90 -50.29
N ARG B 555 -4.86 -41.27 -50.83
CA ARG B 555 -3.82 -40.26 -51.01
C ARG B 555 -4.26 -39.17 -51.96
N ALA B 556 -5.19 -39.46 -52.87
CA ALA B 556 -5.70 -38.42 -53.76
C ALA B 556 -6.50 -37.38 -53.00
N ARG B 557 -7.15 -37.81 -51.91
CA ARG B 557 -7.86 -36.90 -51.01
C ARG B 557 -6.90 -36.06 -50.18
N GLU B 558 -5.88 -36.69 -49.57
CA GLU B 558 -4.86 -35.94 -48.86
C GLU B 558 -4.34 -34.76 -49.66
N ASP B 559 -4.17 -34.95 -50.96
CA ASP B 559 -3.63 -33.89 -51.80
C ASP B 559 -4.59 -32.73 -51.97
N ARG B 560 -5.88 -32.93 -51.78
CA ARG B 560 -6.82 -31.83 -51.87
C ARG B 560 -7.10 -31.15 -50.54
N MET B 561 -6.63 -31.72 -49.42
CA MET B 561 -6.91 -31.19 -48.07
C MET B 561 -6.10 -29.92 -47.80
N ASP B 562 -6.72 -29.00 -47.05
CA ASP B 562 -6.09 -27.73 -46.71
C ASP B 562 -4.88 -27.96 -45.80
N ASP B 563 -3.97 -26.99 -45.84
CA ASP B 563 -2.72 -27.08 -45.07
C ASP B 563 -3.01 -27.09 -43.58
N ILE B 564 -3.73 -26.08 -43.13
CA ILE B 564 -4.06 -25.85 -41.73
C ILE B 564 -5.53 -25.51 -41.67
N PRO B 565 -6.16 -25.61 -40.50
CA PRO B 565 -7.53 -25.13 -40.38
C PRO B 565 -7.53 -23.62 -40.54
N THR B 566 -8.71 -23.06 -40.80
CA THR B 566 -8.80 -21.61 -40.97
C THR B 566 -8.47 -20.92 -39.64
N PRO B 567 -7.52 -19.96 -39.64
CA PRO B 567 -7.17 -19.28 -38.40
C PRO B 567 -8.41 -18.82 -37.64
N GLU B 568 -8.38 -19.03 -36.33
CA GLU B 568 -9.62 -18.92 -35.59
C GLU B 568 -10.19 -17.52 -35.75
N ILE B 569 -9.33 -16.51 -35.78
CA ILE B 569 -9.83 -15.15 -35.79
C ILE B 569 -10.71 -14.84 -36.99
N LEU B 570 -10.54 -15.57 -38.09
CA LEU B 570 -11.29 -15.24 -39.29
C LEU B 570 -12.74 -15.68 -39.19
N ARG B 571 -13.03 -16.61 -38.29
CA ARG B 571 -14.36 -17.17 -38.07
C ARG B 571 -15.10 -16.60 -36.86
N SER B 572 -14.47 -15.75 -36.07
CA SER B 572 -14.94 -15.47 -34.72
C SER B 572 -15.66 -14.13 -34.61
N LYS B 573 -16.59 -14.05 -33.67
CA LYS B 573 -17.21 -12.76 -33.30
C LYS B 573 -16.17 -11.80 -32.72
N LEU B 574 -16.16 -10.57 -33.25
CA LEU B 574 -15.10 -9.61 -32.96
C LEU B 574 -15.44 -8.53 -31.94
N GLU B 575 -16.67 -8.44 -31.43
CA GLU B 575 -17.01 -7.35 -30.50
C GLU B 575 -16.06 -7.31 -29.33
N SER B 576 -15.76 -8.48 -28.77
CA SER B 576 -15.01 -8.53 -27.53
C SER B 576 -13.57 -8.06 -27.73
N ILE B 577 -12.94 -8.43 -28.86
CA ILE B 577 -11.59 -7.95 -29.16
C ILE B 577 -11.57 -6.43 -29.29
N ILE B 578 -12.40 -5.92 -30.20
CA ILE B 578 -12.39 -4.51 -30.55
C ILE B 578 -12.60 -3.68 -29.30
N LEU B 579 -13.52 -4.10 -28.43
CA LEU B 579 -13.72 -3.40 -27.18
C LEU B 579 -12.50 -3.52 -26.28
N SER B 580 -11.84 -4.69 -26.25
CA SER B 580 -10.65 -4.82 -25.41
C SER B 580 -9.51 -3.91 -25.90
N LEU B 581 -9.32 -3.83 -27.23
CA LEU B 581 -8.24 -3.01 -27.80
C LEU B 581 -8.32 -1.54 -27.38
N LYS B 582 -9.52 -1.01 -27.20
CA LYS B 582 -9.67 0.37 -26.73
C LYS B 582 -8.93 0.64 -25.40
N LEU B 583 -8.81 -0.38 -24.53
CA LEU B 583 -8.12 -0.20 -23.26
C LEU B 583 -6.61 -0.09 -23.43
N LEU B 584 -6.09 -0.58 -24.56
CA LEU B 584 -4.69 -0.50 -24.91
C LEU B 584 -4.40 0.69 -25.79
N HIS B 585 -5.38 1.56 -25.98
CA HIS B 585 -5.24 2.74 -26.81
C HIS B 585 -4.96 2.37 -28.25
N ILE B 586 -5.46 1.23 -28.67
CA ILE B 586 -5.60 0.96 -30.09
C ILE B 586 -7.06 1.27 -30.38
N ASP B 587 -7.29 2.47 -30.90
CA ASP B 587 -8.64 2.96 -31.13
C ASP B 587 -9.13 2.63 -32.51
N ASP B 588 -8.28 2.21 -33.43
CA ASP B 588 -8.81 1.91 -34.75
C ASP B 588 -8.73 0.42 -35.02
N PRO B 589 -9.84 -0.32 -34.89
CA PRO B 589 -9.78 -1.77 -35.08
C PRO B 589 -9.58 -2.18 -36.52
N TYR B 590 -10.07 -1.37 -37.45
CA TYR B 590 -9.88 -1.65 -38.86
C TYR B 590 -8.40 -1.54 -39.23
N ARG B 591 -7.71 -0.57 -38.64
CA ARG B 591 -6.28 -0.40 -38.81
C ARG B 591 -5.52 -1.55 -38.17
N PHE B 592 -5.84 -1.85 -36.90
CA PHE B 592 -5.03 -2.81 -36.16
C PHE B 592 -5.24 -4.22 -36.68
N LEU B 593 -6.49 -4.71 -36.65
CA LEU B 593 -6.71 -6.11 -36.96
C LEU B 593 -6.22 -6.48 -38.36
N GLN B 594 -6.13 -5.48 -39.25
CA GLN B 594 -5.60 -5.63 -40.60
C GLN B 594 -4.10 -5.96 -40.63
N THR B 595 -3.37 -5.69 -39.55
CA THR B 595 -1.95 -6.02 -39.50
C THR B 595 -1.63 -7.37 -38.86
N LEU B 596 -2.65 -8.17 -38.53
CA LEU B 596 -2.44 -9.53 -38.04
C LEU B 596 -2.02 -10.48 -39.17
N ILE B 597 -1.44 -11.62 -38.79
CA ILE B 597 -1.00 -12.64 -39.76
C ILE B 597 -2.11 -12.96 -40.75
N ASN B 598 -3.32 -13.16 -40.25
CA ASN B 598 -4.51 -13.16 -41.08
C ASN B 598 -5.37 -12.00 -40.63
N ALA B 599 -5.56 -11.05 -41.53
CA ALA B 599 -6.49 -9.99 -41.23
C ALA B 599 -7.90 -10.53 -41.37
N PRO B 600 -8.76 -10.31 -40.40
CA PRO B 600 -10.17 -10.64 -40.57
C PRO B 600 -10.79 -9.80 -41.68
N ASN B 601 -11.95 -10.26 -42.13
CA ASN B 601 -12.80 -9.55 -43.07
C ASN B 601 -13.14 -8.17 -42.52
N PRO B 602 -12.86 -7.08 -43.24
CA PRO B 602 -13.20 -5.76 -42.70
C PRO B 602 -14.70 -5.55 -42.53
N GLU B 603 -15.49 -6.29 -43.31
CA GLU B 603 -16.94 -6.33 -43.09
C GLU B 603 -17.28 -6.91 -41.72
N ALA B 604 -16.49 -7.86 -41.22
CA ALA B 604 -16.75 -8.42 -39.91
C ALA B 604 -16.33 -7.48 -38.78
N ILE B 605 -15.26 -6.70 -38.97
CA ILE B 605 -14.87 -5.70 -37.98
C ILE B 605 -15.98 -4.69 -37.78
N LYS B 606 -16.54 -4.21 -38.88
CA LYS B 606 -17.66 -3.28 -38.81
C LYS B 606 -18.82 -3.89 -38.01
N MET B 607 -19.25 -5.10 -38.39
CA MET B 607 -20.38 -5.79 -37.77
C MET B 607 -20.21 -5.93 -36.26
N GLY B 608 -18.98 -6.08 -35.80
CA GLY B 608 -18.72 -6.10 -34.38
C GLY B 608 -18.81 -4.72 -33.78
N VAL B 609 -18.25 -3.71 -34.47
CA VAL B 609 -18.32 -2.38 -33.90
C VAL B 609 -19.77 -1.92 -33.83
N GLU B 610 -20.58 -2.33 -34.80
CA GLU B 610 -21.97 -1.92 -34.82
C GLU B 610 -22.76 -2.56 -33.69
N LEU B 611 -22.42 -3.80 -33.31
CA LEU B 611 -22.98 -4.35 -32.08
C LEU B 611 -22.55 -3.51 -30.89
N LEU B 612 -21.26 -3.15 -30.83
CA LEU B 612 -20.74 -2.31 -29.76
C LEU B 612 -21.33 -0.91 -29.76
N LYS B 613 -21.86 -0.43 -30.90
CA LYS B 613 -22.64 0.79 -30.85
C LYS B 613 -24.05 0.52 -30.34
N ARG B 614 -24.64 -0.63 -30.67
CA ARG B 614 -26.05 -0.83 -30.32
C ARG B 614 -26.24 -0.93 -28.82
N ILE B 615 -25.36 -1.66 -28.12
CA ILE B 615 -25.50 -1.81 -26.67
C ILE B 615 -24.84 -0.66 -25.92
N GLU B 616 -24.36 0.35 -26.67
CA GLU B 616 -23.95 1.67 -26.17
C GLU B 616 -22.63 1.62 -25.37
N ALA B 617 -21.74 0.68 -25.72
CA ALA B 617 -20.35 0.66 -25.25
C ALA B 617 -19.45 1.59 -26.04
N LEU B 618 -19.74 1.79 -27.32
CA LEU B 618 -19.15 2.89 -28.06
C LEU B 618 -20.26 3.83 -28.52
N ASP B 619 -19.91 5.09 -28.63
CA ASP B 619 -20.87 6.12 -29.04
C ASP B 619 -20.93 6.15 -30.57
N GLN B 620 -21.65 7.13 -31.14
CA GLN B 620 -21.82 7.14 -32.59
C GLN B 620 -20.52 7.40 -33.33
N THR B 621 -19.58 8.14 -32.72
CA THR B 621 -18.29 8.38 -33.37
C THR B 621 -17.28 7.24 -33.20
N GLY B 622 -17.62 6.21 -32.41
CA GLY B 622 -16.78 5.06 -32.15
C GLY B 622 -15.88 5.08 -30.92
N THR B 623 -16.01 6.06 -30.04
CA THR B 623 -15.15 6.13 -28.86
C THR B 623 -15.80 5.41 -27.67
N LEU B 624 -14.95 4.87 -26.80
CA LEU B 624 -15.40 4.17 -25.62
C LEU B 624 -16.32 5.08 -24.78
N THR B 625 -17.49 4.54 -24.33
CA THR B 625 -18.42 5.15 -23.39
C THR B 625 -18.13 4.70 -21.97
N PRO B 626 -18.59 5.44 -20.94
CA PRO B 626 -18.38 4.96 -19.56
C PRO B 626 -18.83 3.52 -19.32
N LEU B 627 -20.02 3.13 -19.77
CA LEU B 627 -20.37 1.73 -19.71
C LEU B 627 -19.40 0.87 -20.49
N GLY B 628 -18.96 1.36 -21.66
CA GLY B 628 -18.07 0.57 -22.51
C GLY B 628 -16.79 0.17 -21.80
N MET B 629 -16.21 1.11 -21.02
CA MET B 629 -15.01 0.78 -20.25
C MET B 629 -15.29 -0.33 -19.26
N HIS B 630 -16.46 -0.33 -18.66
CA HIS B 630 -16.79 -1.39 -17.74
C HIS B 630 -16.85 -2.73 -18.44
N LEU B 631 -17.53 -2.81 -19.58
CA LEU B 631 -17.71 -4.14 -20.16
C LEU B 631 -16.38 -4.74 -20.57
N ALA B 632 -15.46 -3.90 -21.05
CA ALA B 632 -14.14 -4.36 -21.49
C ALA B 632 -13.29 -4.81 -20.34
N LYS B 633 -13.59 -4.34 -19.14
CA LYS B 633 -12.89 -4.75 -17.93
C LYS B 633 -13.50 -6.01 -17.35
N LEU B 634 -14.48 -6.57 -17.98
CA LEU B 634 -14.92 -7.73 -17.30
C LEU B 634 -14.49 -8.89 -18.14
N PRO B 635 -14.08 -9.93 -17.54
CA PRO B 635 -13.58 -11.11 -18.29
C PRO B 635 -14.71 -11.91 -18.91
N ILE B 636 -15.60 -11.21 -19.63
CA ILE B 636 -16.73 -11.85 -20.26
C ILE B 636 -17.19 -10.96 -21.40
N ASP B 637 -17.81 -11.58 -22.41
CA ASP B 637 -18.29 -10.96 -23.63
C ASP B 637 -19.20 -9.78 -23.32
N PRO B 638 -19.25 -8.76 -24.19
CA PRO B 638 -19.93 -7.50 -23.80
C PRO B 638 -21.42 -7.64 -23.51
N GLN B 639 -22.16 -8.44 -24.30
CA GLN B 639 -23.59 -8.57 -24.06
C GLN B 639 -23.84 -9.12 -22.67
N MET B 640 -23.07 -10.12 -22.26
CA MET B 640 -23.29 -10.69 -20.94
C MET B 640 -22.65 -9.85 -19.83
N GLY B 641 -21.61 -9.10 -20.14
CA GLY B 641 -21.08 -8.16 -19.17
C GLY B 641 -22.09 -7.11 -18.75
N LYS B 642 -22.96 -6.71 -19.69
CA LYS B 642 -24.00 -5.73 -19.38
C LYS B 642 -25.09 -6.35 -18.53
N MET B 643 -25.53 -7.55 -18.88
CA MET B 643 -26.46 -8.31 -18.05
C MET B 643 -26.00 -8.36 -16.59
N ILE B 644 -24.71 -8.61 -16.37
CA ILE B 644 -24.14 -8.69 -15.02
C ILE B 644 -24.16 -7.33 -14.33
N LEU B 645 -23.86 -6.26 -15.07
CA LEU B 645 -24.00 -4.95 -14.49
C LEU B 645 -25.44 -4.65 -14.14
N MET B 646 -26.38 -5.06 -15.01
CA MET B 646 -27.81 -4.81 -14.78
C MET B 646 -28.26 -5.54 -13.54
N SER B 647 -27.83 -6.78 -13.40
CA SER B 647 -28.20 -7.56 -12.25
C SER B 647 -27.61 -7.02 -10.96
N ALA B 648 -26.62 -6.15 -11.04
CA ALA B 648 -26.22 -5.48 -9.82
C ALA B 648 -27.22 -4.38 -9.45
N LEU B 649 -27.70 -3.64 -10.45
CA LEU B 649 -28.59 -2.52 -10.16
C LEU B 649 -29.98 -3.02 -9.79
N PHE B 650 -30.47 -4.06 -10.48
CA PHE B 650 -31.79 -4.64 -10.29
C PHE B 650 -31.82 -5.77 -9.28
N CYS B 651 -30.71 -6.02 -8.61
CA CYS B 651 -30.62 -6.86 -7.42
C CYS B 651 -30.92 -8.34 -7.67
N CYS B 652 -30.70 -8.88 -8.87
CA CYS B 652 -30.78 -10.32 -9.13
C CYS B 652 -29.41 -11.03 -9.24
N LEU B 653 -28.34 -10.45 -8.68
CA LEU B 653 -26.97 -10.88 -8.95
C LEU B 653 -26.77 -12.39 -9.02
N ASP B 654 -27.37 -13.17 -8.12
CA ASP B 654 -27.05 -14.60 -8.10
C ASP B 654 -27.59 -15.32 -9.34
N PRO B 655 -28.87 -15.25 -9.69
CA PRO B 655 -29.31 -15.95 -10.89
C PRO B 655 -28.61 -15.47 -12.14
N ILE B 656 -28.43 -14.16 -12.26
CA ILE B 656 -27.94 -13.64 -13.53
C ILE B 656 -26.48 -14.03 -13.75
N THR B 657 -25.62 -13.90 -12.71
CA THR B 657 -24.21 -14.29 -12.89
C THR B 657 -24.08 -15.77 -13.18
N SER B 658 -25.01 -16.59 -12.66
CA SER B 658 -25.09 -17.99 -13.05
C SER B 658 -25.34 -18.13 -14.55
N ALA B 659 -26.37 -17.42 -15.06
CA ALA B 659 -26.70 -17.47 -16.48
C ALA B 659 -25.49 -17.11 -17.35
N ALA B 660 -24.78 -16.04 -16.98
CA ALA B 660 -23.62 -15.60 -17.73
C ALA B 660 -22.54 -16.66 -17.79
N ALA B 661 -22.26 -17.31 -16.66
CA ALA B 661 -21.16 -18.27 -16.61
C ALA B 661 -21.45 -19.51 -17.44
N ALA B 662 -22.71 -19.93 -17.50
CA ALA B 662 -23.02 -21.10 -18.32
C ALA B 662 -22.78 -20.78 -19.78
N LEU B 663 -23.17 -19.58 -20.18
CA LEU B 663 -23.03 -19.14 -21.56
C LEU B 663 -21.57 -18.89 -21.89
N SER B 664 -20.86 -18.24 -20.97
CA SER B 664 -19.44 -17.99 -21.16
C SER B 664 -18.64 -19.30 -21.19
N PHE B 665 -18.97 -20.26 -20.31
CA PHE B 665 -18.23 -21.50 -20.27
C PHE B 665 -19.05 -22.63 -20.86
N LYS B 666 -19.88 -23.32 -20.08
CA LYS B 666 -20.57 -24.48 -20.67
C LYS B 666 -21.51 -25.11 -19.66
N SER B 667 -22.44 -25.92 -20.18
CA SER B 667 -23.42 -26.53 -19.33
C SER B 667 -22.75 -27.60 -18.47
N PRO B 668 -23.17 -27.72 -17.20
CA PRO B 668 -22.70 -28.81 -16.34
C PRO B 668 -23.26 -30.19 -16.70
N PHE B 669 -24.28 -30.29 -17.54
CA PHE B 669 -24.85 -31.59 -17.84
C PHE B 669 -24.03 -32.32 -18.90
N TYR B 670 -23.66 -33.55 -18.58
CA TYR B 670 -23.11 -34.52 -19.53
C TYR B 670 -24.16 -34.97 -20.55
N SER B 671 -23.69 -35.64 -21.60
CA SER B 671 -24.57 -36.39 -22.49
C SER B 671 -24.01 -37.80 -22.65
N PRO B 672 -24.20 -38.67 -21.67
CA PRO B 672 -23.67 -40.04 -21.76
C PRO B 672 -24.48 -40.90 -22.71
N LEU B 673 -23.84 -41.97 -23.19
CA LEU B 673 -24.42 -42.79 -24.24
C LEU B 673 -25.72 -43.50 -23.81
N GLY B 674 -26.76 -43.35 -24.65
CA GLY B 674 -28.06 -43.98 -24.48
C GLY B 674 -28.97 -43.29 -23.48
N LYS B 675 -28.44 -42.35 -22.71
CA LYS B 675 -29.18 -41.69 -21.65
C LYS B 675 -29.82 -40.37 -22.09
N GLU B 676 -29.71 -40.02 -23.39
CA GLU B 676 -30.11 -38.70 -23.89
C GLU B 676 -31.53 -38.36 -23.45
N SER B 677 -32.45 -39.31 -23.64
CA SER B 677 -33.82 -39.12 -23.24
C SER B 677 -33.93 -38.94 -21.74
N ARG B 678 -33.17 -39.71 -20.96
CA ARG B 678 -33.15 -39.53 -19.51
C ARG B 678 -32.59 -38.18 -19.12
N VAL B 679 -31.57 -37.71 -19.85
CA VAL B 679 -31.01 -36.41 -19.55
C VAL B 679 -32.03 -35.31 -19.81
N ASP B 680 -32.79 -35.43 -20.91
CA ASP B 680 -33.86 -34.47 -21.21
C ASP B 680 -34.79 -34.27 -20.03
N GLU B 681 -35.05 -35.35 -19.30
CA GLU B 681 -35.87 -35.25 -18.10
C GLU B 681 -35.16 -34.47 -17.00
N ILE B 682 -33.89 -34.76 -16.75
CA ILE B 682 -33.18 -34.07 -15.68
C ILE B 682 -33.19 -32.57 -15.93
N LYS B 683 -33.09 -32.17 -17.20
CA LYS B 683 -33.16 -30.75 -17.54
C LYS B 683 -34.56 -30.19 -17.34
N ARG B 684 -35.60 -30.90 -17.84
CA ARG B 684 -36.98 -30.41 -17.67
C ARG B 684 -37.34 -30.29 -16.19
N ARG B 685 -36.87 -31.23 -15.35
CA ARG B 685 -37.11 -31.18 -13.90
C ARG B 685 -36.27 -30.11 -13.21
N MET B 686 -35.04 -29.88 -13.68
CA MET B 686 -34.28 -28.74 -13.18
C MET B 686 -34.81 -27.42 -13.68
N ALA B 687 -35.51 -27.43 -14.82
CA ALA B 687 -36.05 -26.18 -15.34
C ALA B 687 -37.14 -25.64 -14.44
N ARG B 688 -37.82 -26.52 -13.73
CA ARG B 688 -38.90 -26.13 -12.84
C ARG B 688 -39.98 -25.33 -13.60
N ASN B 689 -40.29 -25.79 -14.82
CA ASN B 689 -41.37 -25.22 -15.63
C ASN B 689 -41.18 -23.71 -15.84
N MET B 690 -39.95 -23.20 -15.73
CA MET B 690 -39.69 -21.78 -15.94
C MET B 690 -39.43 -21.44 -17.40
N ARG B 691 -39.36 -22.46 -18.26
CA ARG B 691 -39.17 -22.29 -19.70
C ARG B 691 -37.88 -21.55 -20.07
N SER B 692 -36.82 -21.69 -19.25
CA SER B 692 -35.54 -21.03 -19.49
C SER B 692 -34.40 -22.03 -19.33
N ASP B 693 -33.59 -22.20 -20.36
CA ASP B 693 -32.37 -22.96 -20.19
C ASP B 693 -31.42 -22.24 -19.24
N HIS B 694 -31.34 -20.92 -19.33
CA HIS B 694 -30.39 -20.19 -18.50
C HIS B 694 -30.79 -20.26 -17.04
N LEU B 695 -32.06 -20.02 -16.75
CA LEU B 695 -32.51 -20.24 -15.38
C LEU B 695 -32.30 -21.70 -14.97
N MET B 696 -32.41 -22.64 -15.92
CA MET B 696 -32.26 -24.07 -15.59
C MET B 696 -30.89 -24.35 -14.97
N VAL B 697 -29.83 -23.76 -15.52
CA VAL B 697 -28.50 -23.92 -14.95
C VAL B 697 -28.44 -23.36 -13.54
N HIS B 698 -29.08 -22.21 -13.27
CA HIS B 698 -28.97 -21.63 -11.91
C HIS B 698 -29.64 -22.53 -10.88
N ASN B 699 -30.84 -23.07 -11.19
CA ASN B 699 -31.45 -24.07 -10.30
C ASN B 699 -30.51 -25.25 -10.07
N THR B 700 -29.78 -25.65 -11.11
CA THR B 700 -28.79 -26.70 -10.92
C THR B 700 -27.77 -26.29 -9.85
N ILE B 701 -27.35 -25.02 -9.83
CA ILE B 701 -26.34 -24.59 -8.87
C ILE B 701 -26.95 -24.45 -7.48
N ILE B 702 -28.20 -23.98 -7.36
CA ILE B 702 -28.84 -23.98 -6.04
C ILE B 702 -28.93 -25.37 -5.46
N ALA B 703 -29.27 -26.35 -6.28
CA ALA B 703 -29.27 -27.74 -5.83
C ALA B 703 -27.85 -28.23 -5.55
N TYR B 704 -26.90 -27.86 -6.38
CA TYR B 704 -25.55 -28.31 -6.18
C TYR B 704 -25.03 -27.88 -4.82
N ARG B 705 -25.21 -26.62 -4.47
CA ARG B 705 -24.72 -26.17 -3.17
C ARG B 705 -25.46 -26.90 -2.03
N ASP B 706 -26.77 -27.13 -2.20
CA ASP B 706 -27.51 -27.89 -1.19
C ASP B 706 -26.99 -29.32 -1.11
N SER B 707 -26.60 -29.91 -2.24
CA SER B 707 -25.94 -31.21 -2.22
C SER B 707 -24.58 -31.14 -1.54
N ARG B 708 -23.90 -29.98 -1.57
CA ARG B 708 -22.68 -29.78 -0.79
C ARG B 708 -22.98 -29.52 0.67
N TYR B 709 -24.17 -29.01 0.95
CA TYR B 709 -24.60 -28.87 2.34
C TYR B 709 -24.91 -30.25 2.97
N SER B 710 -25.50 -31.16 2.22
CA SER B 710 -25.97 -32.47 2.69
C SER B 710 -24.91 -33.58 2.64
N HIS B 711 -23.66 -33.23 2.31
CA HIS B 711 -22.56 -34.17 2.02
C HIS B 711 -22.93 -35.18 0.94
N ALA B 712 -23.96 -34.83 0.16
CA ALA B 712 -24.59 -35.67 -0.84
C ALA B 712 -23.99 -35.46 -2.21
N GLU B 713 -22.89 -34.70 -2.29
CA GLU B 713 -22.46 -34.10 -3.55
C GLU B 713 -22.35 -35.14 -4.66
N ARG B 714 -21.58 -36.21 -4.43
CA ARG B 714 -21.36 -37.22 -5.45
C ARG B 714 -22.66 -37.84 -5.90
N ASP B 715 -23.42 -38.40 -4.95
CA ASP B 715 -24.74 -38.94 -5.22
C ASP B 715 -25.59 -38.02 -6.10
N PHE B 716 -25.67 -36.75 -5.72
CA PHE B 716 -26.43 -35.77 -6.49
C PHE B 716 -25.99 -35.79 -7.95
N CYS B 717 -24.68 -35.64 -8.18
CA CYS B 717 -24.14 -35.52 -9.53
C CYS B 717 -24.31 -36.79 -10.34
N TYR B 718 -24.36 -37.95 -9.70
CA TYR B 718 -24.63 -39.20 -10.42
C TYR B 718 -26.07 -39.22 -10.92
N LYS B 719 -27.04 -39.04 -10.01
CA LYS B 719 -28.45 -39.08 -10.42
C LYS B 719 -28.75 -38.04 -11.50
N ASN B 720 -28.04 -36.93 -11.50
CA ASN B 720 -28.33 -35.83 -12.39
C ASN B 720 -27.42 -35.73 -13.61
N PHE B 721 -26.45 -36.63 -13.73
CA PHE B 721 -25.55 -36.61 -14.89
C PHE B 721 -24.84 -35.27 -14.98
N LEU B 722 -24.38 -34.78 -13.84
CA LEU B 722 -23.76 -33.47 -13.73
C LEU B 722 -22.29 -33.62 -13.38
N SER B 723 -21.48 -32.73 -13.93
CA SER B 723 -20.05 -32.66 -13.67
C SER B 723 -19.79 -31.71 -12.50
N SER B 724 -19.28 -32.23 -11.36
CA SER B 724 -19.00 -31.31 -10.26
C SER B 724 -17.72 -30.52 -10.50
N MET B 725 -16.87 -30.96 -11.43
CA MET B 725 -15.75 -30.12 -11.83
C MET B 725 -16.25 -28.87 -12.52
N THR B 726 -17.15 -29.04 -13.51
CA THR B 726 -17.73 -27.92 -14.22
C THR B 726 -18.48 -27.00 -13.25
N LEU B 727 -19.20 -27.58 -12.28
CA LEU B 727 -20.02 -26.81 -11.34
C LEU B 727 -19.19 -25.91 -10.44
N GLN B 728 -18.07 -26.42 -9.95
CA GLN B 728 -17.24 -25.64 -9.04
C GLN B 728 -16.64 -24.46 -9.78
N GLN B 729 -16.38 -24.65 -11.07
CA GLN B 729 -15.81 -23.61 -11.92
C GLN B 729 -16.86 -22.53 -12.23
N LEU B 730 -18.09 -22.93 -12.55
CA LEU B 730 -19.16 -21.94 -12.71
C LEU B 730 -19.28 -21.14 -11.43
N GLU B 731 -19.30 -21.84 -10.29
CA GLU B 731 -19.30 -21.19 -8.99
C GLU B 731 -18.12 -20.26 -8.82
N ARG B 732 -16.92 -20.70 -9.23
CA ARG B 732 -15.76 -19.83 -9.13
C ARG B 732 -15.92 -18.59 -9.99
N MET B 733 -16.45 -18.75 -11.20
CA MET B 733 -16.68 -17.60 -12.06
C MET B 733 -17.61 -16.61 -11.39
N LYS B 734 -18.69 -17.10 -10.79
CA LYS B 734 -19.63 -16.22 -10.09
C LYS B 734 -18.92 -15.43 -8.99
N ASN B 735 -18.03 -16.07 -8.25
CA ASN B 735 -17.25 -15.34 -7.26
C ASN B 735 -16.45 -14.24 -7.93
N GLN B 736 -15.86 -14.53 -9.09
CA GLN B 736 -15.08 -13.52 -9.80
C GLN B 736 -15.98 -12.40 -10.29
N PHE B 737 -17.06 -12.74 -11.01
CA PHE B 737 -17.94 -11.69 -11.50
C PHE B 737 -18.42 -10.82 -10.35
N SER B 738 -18.73 -11.44 -9.22
CA SER B 738 -19.07 -10.69 -8.01
C SER B 738 -17.95 -9.77 -7.57
N GLU B 739 -16.77 -10.32 -7.36
CA GLU B 739 -15.71 -9.57 -6.71
C GLU B 739 -15.30 -8.38 -7.54
N LEU B 740 -15.30 -8.54 -8.88
CA LEU B 740 -15.01 -7.42 -9.76
C LEU B 740 -16.07 -6.35 -9.65
N LEU B 741 -17.34 -6.75 -9.65
CA LEU B 741 -18.39 -5.76 -9.53
C LEU B 741 -18.27 -5.00 -8.19
N TYR B 742 -18.03 -5.72 -7.08
CA TYR B 742 -17.77 -5.07 -5.79
C TYR B 742 -16.55 -4.15 -5.84
N ASN B 743 -15.46 -4.60 -6.48
CA ASN B 743 -14.28 -3.74 -6.60
C ASN B 743 -14.57 -2.50 -7.43
N TYR B 744 -15.48 -2.60 -8.41
CA TYR B 744 -15.89 -1.49 -9.29
C TYR B 744 -16.94 -0.57 -8.66
N LYS B 745 -17.31 -0.83 -7.41
CA LYS B 745 -18.30 -0.06 -6.65
C LYS B 745 -19.71 -0.22 -7.22
N PHE B 746 -20.00 -1.33 -7.90
CA PHE B 746 -21.36 -1.68 -8.31
C PHE B 746 -22.07 -2.59 -7.34
N LEU B 747 -21.40 -3.10 -6.32
CA LEU B 747 -22.04 -3.92 -5.32
C LEU B 747 -21.55 -3.49 -3.96
N ALA B 748 -22.40 -3.71 -2.96
CA ALA B 748 -22.06 -3.52 -1.57
C ALA B 748 -21.40 -4.74 -0.94
N SER B 749 -21.51 -5.93 -1.53
CA SER B 749 -20.78 -7.10 -1.04
C SER B 749 -20.25 -7.96 -2.19
N SER B 750 -19.03 -8.50 -2.02
CA SER B 750 -18.34 -9.30 -3.03
C SER B 750 -18.91 -10.72 -3.11
N ASN B 751 -19.92 -10.99 -2.32
CA ASN B 751 -20.56 -12.29 -2.29
C ASN B 751 -21.75 -12.23 -3.24
N CYS B 752 -21.72 -13.09 -4.26
CA CYS B 752 -22.84 -13.24 -5.17
C CYS B 752 -24.05 -13.87 -4.51
N LYS B 753 -23.88 -14.40 -3.31
CA LYS B 753 -25.00 -14.90 -2.53
C LYS B 753 -25.48 -13.90 -1.48
N ASP B 754 -24.90 -12.70 -1.39
CA ASP B 754 -25.39 -11.69 -0.44
C ASP B 754 -26.86 -11.36 -0.66
N ALA B 755 -27.63 -11.36 0.44
CA ALA B 755 -29.07 -11.19 0.36
C ALA B 755 -29.46 -9.79 -0.11
N ALA B 756 -28.67 -8.75 0.22
CA ALA B 756 -29.00 -7.42 -0.28
C ALA B 756 -28.91 -7.37 -1.80
N SER B 757 -27.84 -7.97 -2.37
CA SER B 757 -27.63 -8.00 -3.80
C SER B 757 -28.60 -8.90 -4.53
N ASN B 758 -29.32 -9.75 -3.81
CA ASN B 758 -30.27 -10.68 -4.42
C ASN B 758 -31.76 -10.44 -4.12
N LYS B 759 -32.16 -9.33 -3.46
CA LYS B 759 -33.55 -9.23 -3.00
C LYS B 759 -34.55 -9.62 -4.07
N ASN B 760 -34.29 -9.30 -5.33
CA ASN B 760 -35.29 -9.57 -6.34
C ASN B 760 -35.13 -10.93 -7.01
N SER B 761 -34.25 -11.79 -6.50
CA SER B 761 -33.84 -12.97 -7.23
C SER B 761 -34.92 -14.01 -7.33
N GLU B 762 -36.02 -13.85 -6.60
CA GLU B 762 -37.16 -14.75 -6.68
C GLU B 762 -38.18 -14.34 -7.75
N LYS B 763 -38.10 -13.11 -8.24
CA LYS B 763 -39.21 -12.56 -9.02
C LYS B 763 -38.93 -12.94 -10.46
N ILE B 764 -39.60 -14.00 -10.91
CA ILE B 764 -39.19 -14.64 -12.16
C ILE B 764 -39.39 -13.74 -13.38
N PRO B 765 -40.49 -12.99 -13.53
CA PRO B 765 -40.56 -12.07 -14.67
C PRO B 765 -39.44 -11.03 -14.69
N LEU B 766 -38.94 -10.64 -13.52
CA LEU B 766 -37.80 -9.73 -13.44
C LEU B 766 -36.52 -10.40 -13.95
N LEU B 767 -36.29 -11.67 -13.60
CA LEU B 767 -35.14 -12.37 -14.14
C LEU B 767 -35.22 -12.43 -15.66
N ARG B 768 -36.41 -12.72 -16.21
CA ARG B 768 -36.56 -12.76 -17.66
C ARG B 768 -36.21 -11.42 -18.31
N ALA B 769 -36.46 -10.32 -17.61
CA ALA B 769 -36.24 -9.00 -18.18
C ALA B 769 -34.75 -8.62 -18.22
N ILE B 770 -33.96 -9.01 -17.20
CA ILE B 770 -32.53 -8.73 -17.24
C ILE B 770 -31.82 -9.66 -18.22
N ILE B 771 -32.19 -10.95 -18.23
CA ILE B 771 -31.69 -11.89 -19.26
C ILE B 771 -32.06 -11.41 -20.65
N GLY B 772 -33.17 -10.70 -20.79
CA GLY B 772 -33.43 -10.01 -22.05
C GLY B 772 -32.46 -8.86 -22.28
N ALA B 773 -32.21 -8.04 -21.22
CA ALA B 773 -31.30 -6.91 -21.31
C ALA B 773 -29.91 -7.34 -21.77
N GLY B 774 -29.53 -8.57 -21.50
CA GLY B 774 -28.30 -9.10 -22.03
C GLY B 774 -28.34 -9.70 -23.43
N LEU B 775 -29.35 -10.52 -23.76
CA LEU B 775 -29.33 -11.24 -25.04
C LEU B 775 -30.06 -10.53 -26.17
N TYR B 776 -30.80 -9.46 -25.87
CA TYR B 776 -31.36 -8.60 -26.90
C TYR B 776 -30.19 -8.09 -27.76
N PRO B 777 -30.41 -7.89 -29.07
CA PRO B 777 -31.64 -8.05 -29.85
C PRO B 777 -31.85 -9.41 -30.48
N ASN B 778 -31.65 -10.47 -29.73
CA ASN B 778 -31.86 -11.81 -30.25
C ASN B 778 -33.24 -12.22 -29.81
N MET B 779 -34.16 -12.33 -30.75
CA MET B 779 -35.55 -12.57 -30.39
C MET B 779 -36.14 -13.65 -31.28
N ALA B 780 -37.21 -14.29 -30.78
CA ALA B 780 -37.97 -15.28 -31.53
C ALA B 780 -39.44 -15.17 -31.16
N HIS B 781 -40.31 -15.60 -32.09
CA HIS B 781 -41.76 -15.54 -31.91
C HIS B 781 -42.36 -16.87 -32.36
N LEU B 782 -43.11 -17.51 -31.46
CA LEU B 782 -43.64 -18.86 -31.68
C LEU B 782 -45.12 -18.74 -32.05
N ARG B 783 -45.49 -19.30 -33.20
CA ARG B 783 -46.89 -19.32 -33.66
C ARG B 783 -47.66 -20.66 -33.58
N LYS B 784 -47.08 -21.76 -33.07
CA LYS B 784 -47.72 -23.08 -33.21
C LYS B 784 -47.93 -23.83 -31.89
N SER B 785 -48.60 -24.97 -32.05
CA SER B 785 -49.23 -25.75 -30.98
C SER B 785 -49.32 -27.20 -31.44
N ARG B 786 -49.49 -28.08 -30.45
CA ARG B 786 -49.79 -29.52 -30.62
C ARG B 786 -49.80 -30.14 -29.21
N ARG B 793 -44.91 -34.92 -27.34
CA ARG B 793 -44.24 -33.72 -27.85
C ARG B 793 -45.12 -32.88 -28.76
N ALA B 794 -44.70 -31.64 -29.04
CA ALA B 794 -45.42 -30.72 -29.91
C ALA B 794 -44.49 -30.20 -31.00
N ILE B 795 -45.10 -29.74 -32.12
CA ILE B 795 -44.41 -29.06 -33.21
C ILE B 795 -44.56 -27.55 -33.05
N HIS B 796 -43.53 -26.83 -33.47
CA HIS B 796 -43.45 -25.39 -33.31
C HIS B 796 -43.27 -24.72 -34.66
N THR B 797 -44.01 -23.64 -34.87
CA THR B 797 -43.75 -22.70 -35.95
C THR B 797 -43.16 -21.48 -35.29
N MET B 798 -41.89 -21.24 -35.52
CA MET B 798 -41.22 -20.15 -34.86
C MET B 798 -40.28 -19.54 -35.85
N ALA B 799 -40.14 -18.24 -35.78
CA ALA B 799 -39.20 -17.54 -36.61
C ALA B 799 -38.36 -16.65 -35.72
N THR B 800 -37.11 -16.45 -36.10
CA THR B 800 -36.29 -15.46 -35.44
C THR B 800 -36.80 -14.08 -35.84
N ASP B 801 -36.19 -13.02 -35.30
CA ASP B 801 -36.71 -11.70 -35.61
C ASP B 801 -36.45 -11.30 -37.06
N ASP B 802 -35.48 -11.94 -37.71
CA ASP B 802 -35.14 -11.63 -39.09
C ASP B 802 -35.99 -12.39 -40.08
N GLY B 803 -36.80 -13.33 -39.61
CA GLY B 803 -37.72 -14.06 -40.46
C GLY B 803 -37.38 -15.51 -40.68
N ARG B 804 -36.17 -15.96 -40.38
CA ARG B 804 -35.80 -17.33 -40.67
C ARG B 804 -36.47 -18.30 -39.68
N ARG B 805 -37.07 -19.37 -40.21
CA ARG B 805 -37.69 -20.35 -39.33
C ARG B 805 -36.61 -21.08 -38.56
N VAL B 806 -36.88 -21.29 -37.26
CA VAL B 806 -35.94 -21.91 -36.34
C VAL B 806 -36.71 -22.79 -35.37
N ASN B 807 -36.00 -23.72 -34.73
CA ASN B 807 -36.57 -24.49 -33.63
C ASN B 807 -35.65 -24.52 -32.42
N PHE B 808 -36.27 -24.78 -31.26
CA PHE B 808 -35.51 -25.06 -30.05
C PHE B 808 -34.63 -26.29 -30.27
N HIS B 809 -33.37 -26.19 -29.92
CA HIS B 809 -32.49 -27.32 -30.09
C HIS B 809 -32.98 -28.47 -29.22
N PRO B 810 -32.90 -29.72 -29.71
CA PRO B 810 -33.36 -30.88 -28.94
C PRO B 810 -32.73 -31.02 -27.57
N SER B 811 -31.58 -30.38 -27.34
CA SER B 811 -30.99 -30.34 -26.01
C SER B 811 -31.55 -29.22 -25.14
N SER B 812 -32.22 -28.24 -25.74
CA SER B 812 -32.79 -27.15 -24.96
C SER B 812 -34.11 -27.63 -24.36
N VAL B 813 -34.37 -27.20 -23.11
CA VAL B 813 -35.52 -27.73 -22.38
C VAL B 813 -36.82 -27.45 -23.08
N ASN B 814 -36.84 -26.39 -23.89
CA ASN B 814 -38.07 -25.92 -24.48
C ASN B 814 -38.41 -26.64 -25.77
N SER B 815 -37.58 -27.58 -26.18
CA SER B 815 -37.91 -28.39 -27.35
C SER B 815 -39.10 -29.27 -27.04
N GLY B 816 -40.12 -29.22 -27.91
CA GLY B 816 -41.27 -30.08 -27.79
C GLY B 816 -42.31 -29.65 -26.77
N GLU B 817 -41.98 -28.69 -25.92
CA GLU B 817 -42.93 -28.22 -24.93
C GLU B 817 -44.07 -27.47 -25.63
N SER B 818 -45.17 -27.33 -24.93
CA SER B 818 -46.25 -26.48 -25.40
C SER B 818 -46.80 -25.71 -24.20
N GLY B 819 -47.60 -24.67 -24.49
CA GLY B 819 -48.26 -23.90 -23.45
C GLY B 819 -47.48 -22.75 -22.84
N PHE B 820 -46.61 -22.11 -23.61
CA PHE B 820 -45.80 -21.02 -23.08
C PHE B 820 -46.66 -19.83 -22.70
N ASP B 821 -46.40 -19.29 -21.50
CA ASP B 821 -47.15 -18.12 -21.03
C ASP B 821 -47.02 -16.98 -22.01
N SER B 822 -45.93 -16.95 -22.77
CA SER B 822 -45.64 -15.95 -23.78
C SER B 822 -45.01 -16.64 -24.98
N ALA B 823 -45.22 -16.07 -26.16
CA ALA B 823 -44.66 -16.61 -27.38
C ALA B 823 -43.34 -15.99 -27.76
N TYR B 824 -42.75 -15.15 -26.91
CA TYR B 824 -41.52 -14.45 -27.26
C TYR B 824 -40.34 -14.98 -26.44
N PHE B 825 -39.18 -15.14 -27.11
CA PHE B 825 -38.00 -15.77 -26.53
C PHE B 825 -36.74 -15.01 -26.92
N VAL B 826 -35.76 -14.98 -26.01
CA VAL B 826 -34.43 -14.46 -26.29
C VAL B 826 -33.49 -15.66 -26.34
N TYR B 827 -32.41 -15.53 -27.14
CA TYR B 827 -31.50 -16.63 -27.44
C TYR B 827 -30.08 -16.09 -27.52
N PHE B 828 -29.10 -16.93 -27.15
CA PHE B 828 -27.69 -16.55 -27.29
C PHE B 828 -27.08 -16.92 -28.65
N GLN B 829 -27.28 -18.16 -29.11
CA GLN B 829 -26.57 -18.65 -30.29
C GLN B 829 -27.54 -19.45 -31.14
N ARG B 830 -27.70 -19.04 -32.40
CA ARG B 830 -28.50 -19.73 -33.38
C ARG B 830 -27.56 -20.50 -34.32
N GLN B 831 -27.97 -21.71 -34.70
CA GLN B 831 -27.04 -22.56 -35.43
C GLN B 831 -27.76 -23.53 -36.35
N LYS B 832 -27.16 -23.80 -37.51
CA LYS B 832 -27.70 -24.71 -38.51
C LYS B 832 -26.94 -26.04 -38.51
N SER B 833 -27.66 -27.15 -38.26
CA SER B 833 -27.14 -28.46 -38.65
C SER B 833 -28.16 -29.16 -39.54
N THR B 834 -29.16 -29.78 -38.92
CA THR B 834 -30.28 -30.34 -39.64
C THR B 834 -31.43 -29.35 -39.80
N ASP B 835 -31.41 -28.28 -39.01
CA ASP B 835 -32.35 -27.16 -39.05
C ASP B 835 -31.67 -26.00 -38.35
N LEU B 836 -32.21 -24.80 -38.55
CA LEU B 836 -31.67 -23.65 -37.84
C LEU B 836 -32.22 -23.70 -36.43
N PHE B 837 -31.35 -23.90 -35.46
CA PHE B 837 -31.76 -24.14 -34.09
C PHE B 837 -31.40 -22.97 -33.19
N LEU B 838 -32.24 -22.74 -32.20
CA LEU B 838 -31.83 -21.98 -31.04
C LEU B 838 -31.29 -22.98 -30.02
N LEU B 839 -30.03 -22.79 -29.62
CA LEU B 839 -29.31 -23.74 -28.79
C LEU B 839 -29.73 -23.64 -27.34
N ASP B 840 -30.27 -22.49 -26.94
CA ASP B 840 -30.76 -22.21 -25.60
C ASP B 840 -31.78 -21.09 -25.72
N SER B 841 -32.76 -21.06 -24.82
CA SER B 841 -33.81 -20.07 -24.99
C SER B 841 -34.31 -19.66 -23.62
N THR B 842 -34.87 -18.45 -23.57
CA THR B 842 -35.60 -17.97 -22.38
C THR B 842 -36.90 -17.28 -22.81
N MET B 843 -38.03 -17.77 -22.30
CA MET B 843 -39.31 -17.13 -22.53
C MET B 843 -39.35 -15.74 -21.90
N VAL B 844 -39.73 -14.73 -22.68
CA VAL B 844 -39.68 -13.34 -22.24
C VAL B 844 -41.03 -12.67 -22.47
N PHE B 845 -41.22 -11.51 -21.85
CA PHE B 845 -42.50 -10.85 -22.06
C PHE B 845 -42.35 -9.54 -22.82
N PRO B 846 -43.37 -9.16 -23.59
CA PRO B 846 -43.32 -7.90 -24.34
C PRO B 846 -42.97 -6.66 -23.52
N MET B 847 -43.62 -6.44 -22.37
CA MET B 847 -43.28 -5.24 -21.59
C MET B 847 -41.80 -5.23 -21.21
N ALA B 848 -41.23 -6.41 -20.94
CA ALA B 848 -39.83 -6.49 -20.55
C ALA B 848 -38.93 -6.06 -21.70
N LEU B 849 -39.16 -6.63 -22.90
CA LEU B 849 -38.39 -6.27 -24.08
C LEU B 849 -38.46 -4.76 -24.31
N ILE B 850 -39.68 -4.22 -24.28
CA ILE B 850 -39.91 -2.82 -24.62
C ILE B 850 -39.11 -1.88 -23.70
N ILE B 851 -39.00 -2.22 -22.42
CA ILE B 851 -38.21 -1.38 -21.52
C ILE B 851 -36.73 -1.43 -21.88
N PHE B 852 -36.18 -2.63 -22.04
CA PHE B 852 -34.72 -2.77 -22.08
C PHE B 852 -34.12 -2.73 -23.47
N GLY B 853 -34.96 -2.71 -24.49
CA GLY B 853 -34.53 -2.67 -25.85
C GLY B 853 -34.48 -1.27 -26.39
N ASP B 854 -34.45 -1.19 -27.72
CA ASP B 854 -34.38 0.06 -28.44
C ASP B 854 -35.34 -0.06 -29.61
N GLY B 855 -35.43 0.98 -30.42
CA GLY B 855 -36.42 0.91 -31.47
C GLY B 855 -37.82 0.92 -30.92
N VAL B 856 -38.03 1.59 -29.81
CA VAL B 856 -39.34 1.77 -29.24
C VAL B 856 -39.88 3.10 -29.76
N GLU B 857 -41.11 3.07 -30.28
CA GLU B 857 -41.89 4.22 -30.70
C GLU B 857 -43.37 3.88 -30.51
N ALA B 858 -44.18 4.92 -30.28
CA ALA B 858 -45.63 4.76 -30.12
C ALA B 858 -46.36 5.38 -31.30
N GLY B 859 -47.51 4.79 -31.64
CA GLY B 859 -48.29 5.28 -32.78
C GLY B 859 -49.65 4.61 -32.90
N VAL B 860 -50.22 4.70 -34.11
CA VAL B 860 -51.43 3.96 -34.51
C VAL B 860 -51.22 3.36 -35.87
N THR B 861 -51.60 2.09 -36.01
CA THR B 861 -51.47 1.44 -37.29
C THR B 861 -52.79 1.44 -38.06
N GLN B 862 -53.85 0.78 -37.57
CA GLN B 862 -55.06 0.96 -38.35
C GLN B 862 -55.87 2.04 -37.70
N ASN B 863 -56.75 1.62 -36.80
CA ASN B 863 -57.28 2.49 -35.76
C ASN B 863 -56.84 2.02 -34.40
N THR B 864 -55.89 1.09 -34.37
CA THR B 864 -55.37 0.52 -33.14
C THR B 864 -54.19 1.35 -32.64
N PRO B 865 -54.23 1.86 -31.41
CA PRO B 865 -52.99 2.42 -30.85
C PRO B 865 -52.05 1.27 -30.51
N TYR B 866 -50.76 1.43 -30.86
CA TYR B 866 -49.76 0.39 -30.66
C TYR B 866 -48.57 0.93 -29.87
N LEU B 867 -47.75 -0.01 -29.39
CA LEU B 867 -46.41 0.24 -28.86
C LEU B 867 -45.50 -0.87 -29.37
N CYS B 868 -44.34 -0.50 -29.91
CA CYS B 868 -43.49 -1.47 -30.57
C CYS B 868 -42.09 -1.50 -29.97
N VAL B 869 -41.30 -2.44 -30.45
CA VAL B 869 -39.92 -2.60 -30.00
C VAL B 869 -39.08 -3.08 -31.18
N ALA B 870 -37.90 -2.47 -31.37
CA ALA B 870 -36.98 -2.88 -32.41
C ALA B 870 -37.60 -2.80 -33.81
N LYS B 871 -38.62 -1.95 -33.97
CA LYS B 871 -39.28 -1.72 -35.25
C LYS B 871 -39.69 -3.04 -35.93
N THR B 872 -40.01 -4.06 -35.13
CA THR B 872 -40.32 -5.39 -35.65
C THR B 872 -41.60 -5.97 -35.06
N TYR B 873 -41.64 -6.12 -33.73
CA TYR B 873 -42.83 -6.60 -33.03
C TYR B 873 -43.71 -5.42 -32.57
N TYR B 874 -44.93 -5.36 -33.09
CA TYR B 874 -45.89 -4.31 -32.75
C TYR B 874 -46.94 -4.89 -31.83
N PHE B 875 -47.12 -4.26 -30.67
CA PHE B 875 -48.06 -4.71 -29.64
C PHE B 875 -49.16 -3.69 -29.40
N LYS B 876 -50.36 -4.17 -29.10
CA LYS B 876 -51.44 -3.26 -28.73
C LYS B 876 -51.13 -2.57 -27.42
N CYS B 877 -51.32 -1.25 -27.41
CA CYS B 877 -51.17 -0.49 -26.19
C CYS B 877 -52.06 0.73 -26.27
N ASN B 878 -52.67 1.11 -25.15
CA ASN B 878 -53.36 2.38 -25.17
C ASN B 878 -52.34 3.47 -24.88
N ARG B 879 -52.79 4.72 -24.96
CA ARG B 879 -51.82 5.81 -24.94
C ARG B 879 -51.37 6.16 -23.52
N GLU B 880 -52.19 5.97 -22.48
CA GLU B 880 -51.69 6.30 -21.15
C GLU B 880 -50.46 5.45 -20.81
N THR B 881 -50.43 4.18 -21.28
CA THR B 881 -49.25 3.32 -21.07
C THR B 881 -48.09 3.66 -22.00
N ALA B 882 -48.34 3.89 -23.29
CA ALA B 882 -47.25 4.27 -24.17
C ALA B 882 -46.49 5.45 -23.60
N ASP B 883 -47.21 6.51 -23.23
CA ASP B 883 -46.57 7.71 -22.74
C ASP B 883 -45.78 7.48 -21.45
N VAL B 884 -46.24 6.53 -20.63
CA VAL B 884 -45.59 6.29 -19.34
C VAL B 884 -44.35 5.43 -19.52
N VAL B 885 -44.45 4.43 -20.41
CA VAL B 885 -43.29 3.61 -20.73
C VAL B 885 -42.25 4.44 -21.46
N ILE B 886 -42.66 5.23 -22.45
CA ILE B 886 -41.71 6.08 -23.16
C ILE B 886 -41.11 7.13 -22.23
N GLN B 887 -41.88 7.61 -21.26
CA GLN B 887 -41.27 8.42 -20.20
C GLN B 887 -40.32 7.59 -19.32
N LEU B 888 -40.65 6.31 -19.11
CA LEU B 888 -39.82 5.43 -18.30
C LEU B 888 -38.51 5.06 -18.99
N ARG B 889 -38.53 4.76 -20.30
CA ARG B 889 -37.28 4.43 -20.99
C ARG B 889 -36.28 5.59 -20.91
N SER B 890 -36.80 6.83 -20.86
CA SER B 890 -35.97 8.01 -20.68
C SER B 890 -35.21 7.96 -19.37
N ASN B 891 -35.91 7.75 -18.26
CA ASN B 891 -35.29 7.79 -16.95
C ASN B 891 -34.33 6.61 -16.73
N LEU B 892 -34.54 5.48 -17.41
CA LEU B 892 -33.61 4.36 -17.29
C LEU B 892 -32.27 4.73 -17.90
N GLU B 893 -32.29 5.25 -19.14
CA GLU B 893 -31.04 5.61 -19.79
C GLU B 893 -30.29 6.68 -19.02
N LYS B 894 -30.99 7.69 -18.49
CA LYS B 894 -30.33 8.69 -17.66
C LYS B 894 -29.67 8.07 -16.44
N LEU B 895 -30.33 7.13 -15.76
CA LEU B 895 -29.70 6.46 -14.62
C LEU B 895 -28.54 5.59 -15.06
N LEU B 896 -28.72 4.81 -16.14
CA LEU B 896 -27.65 3.95 -16.61
C LEU B 896 -26.41 4.76 -16.99
N LEU B 897 -26.58 5.85 -17.75
CA LEU B 897 -25.40 6.63 -18.09
C LEU B 897 -24.72 7.13 -16.85
N LYS B 898 -25.49 7.41 -15.80
CA LYS B 898 -24.97 7.91 -14.53
C LYS B 898 -24.32 6.82 -13.68
N LYS B 899 -24.91 5.62 -13.64
CA LYS B 899 -24.25 4.52 -12.90
C LYS B 899 -22.92 4.12 -13.52
N ALA B 900 -22.78 4.21 -14.84
CA ALA B 900 -21.50 3.90 -15.47
C ALA B 900 -20.44 4.95 -15.12
N LEU B 901 -20.79 6.22 -15.17
CA LEU B 901 -19.81 7.25 -14.86
C LEU B 901 -19.50 7.32 -13.38
N TYR B 902 -20.51 7.18 -12.55
CA TYR B 902 -20.42 7.37 -11.10
C TYR B 902 -20.87 6.08 -10.46
N PRO B 903 -20.02 5.06 -10.46
CA PRO B 903 -20.40 3.78 -9.86
C PRO B 903 -20.60 3.91 -8.37
N ALA B 904 -21.63 3.25 -7.91
CA ALA B 904 -21.95 3.15 -6.50
C ALA B 904 -23.13 2.19 -6.44
N PRO B 905 -23.25 1.41 -5.38
CA PRO B 905 -24.45 0.60 -5.23
C PRO B 905 -25.67 1.49 -5.08
N ILE B 906 -26.81 0.98 -5.54
CA ILE B 906 -28.08 1.71 -5.40
C ILE B 906 -28.54 1.68 -3.95
N GLU B 907 -28.78 2.88 -3.39
CA GLU B 907 -29.24 3.00 -2.00
C GLU B 907 -30.65 2.43 -1.89
N GLU B 908 -30.93 1.71 -0.79
CA GLU B 908 -32.24 1.04 -0.70
C GLU B 908 -33.39 2.05 -0.62
N ASN B 909 -33.26 3.13 0.19
CA ASN B 909 -34.31 4.15 0.31
C ASN B 909 -34.07 5.41 -0.50
N GLY B 910 -33.03 5.50 -1.32
CA GLY B 910 -32.72 6.72 -2.02
C GLY B 910 -33.57 7.01 -3.26
N TYR B 911 -33.21 8.08 -3.95
CA TYR B 911 -33.94 8.48 -5.15
C TYR B 911 -33.77 7.48 -6.28
N GLU B 912 -32.56 6.97 -6.46
CA GLU B 912 -32.35 6.05 -7.58
C GLU B 912 -33.20 4.80 -7.44
N LYS B 913 -33.27 4.25 -6.23
CA LYS B 913 -34.02 3.01 -6.02
C LYS B 913 -35.48 3.15 -6.43
N GLN B 914 -36.04 4.37 -6.35
CA GLN B 914 -37.43 4.60 -6.74
C GLN B 914 -37.67 4.22 -8.18
N LEU B 915 -36.77 4.60 -9.08
CA LEU B 915 -36.97 4.27 -10.49
C LEU B 915 -36.87 2.77 -10.72
N ILE B 916 -36.01 2.08 -9.95
CA ILE B 916 -35.95 0.63 -10.02
C ILE B 916 -37.30 0.01 -9.67
N LYS B 917 -37.84 0.36 -8.51
CA LYS B 917 -39.10 -0.25 -8.07
C LYS B 917 -40.20 -0.04 -9.09
N ALA B 918 -40.20 1.11 -9.79
CA ALA B 918 -41.15 1.37 -10.87
C ALA B 918 -41.10 0.29 -11.93
N ILE B 919 -39.91 -0.24 -12.21
CA ILE B 919 -39.85 -1.27 -13.24
C ILE B 919 -40.19 -2.64 -12.66
N GLU B 920 -39.80 -2.90 -11.40
CA GLU B 920 -40.23 -4.11 -10.71
C GLU B 920 -41.76 -4.26 -10.73
N LEU B 921 -42.47 -3.15 -10.55
CA LEU B 921 -43.92 -3.16 -10.64
C LEU B 921 -44.36 -3.60 -12.02
N LEU B 922 -43.92 -2.88 -13.06
CA LEU B 922 -44.41 -3.12 -14.41
C LEU B 922 -44.13 -4.54 -14.88
N LEU B 923 -42.96 -5.07 -14.54
CA LEU B 923 -42.60 -6.41 -14.99
C LEU B 923 -43.41 -7.48 -14.27
N SER B 924 -43.75 -7.24 -13.00
CA SER B 924 -44.49 -8.22 -12.22
C SER B 924 -45.93 -8.39 -12.71
N LEU B 925 -46.49 -7.41 -13.40
CA LEU B 925 -47.83 -7.59 -13.92
C LEU B 925 -47.92 -8.77 -14.87
N ASP B 926 -46.77 -9.31 -15.29
CA ASP B 926 -46.74 -10.48 -16.14
C ASP B 926 -46.74 -11.77 -15.34
N GLU B 927 -46.70 -11.70 -14.00
CA GLU B 927 -46.46 -12.89 -13.19
C GLU B 927 -47.45 -13.99 -13.47
N ARG B 928 -46.96 -15.21 -13.32
CA ARG B 928 -47.76 -16.41 -13.48
C ARG B 928 -48.71 -16.53 -12.29
N LEU B 929 -50.01 -16.48 -12.57
CA LEU B 929 -51.01 -16.58 -11.53
C LEU B 929 -51.45 -18.05 -11.40
#